data_7WI4
#
_entry.id   7WI4
#
_cell.length_a   1.00
_cell.length_b   1.00
_cell.length_c   1.00
_cell.angle_alpha   90.00
_cell.angle_beta   90.00
_cell.angle_gamma   90.00
#
_symmetry.space_group_name_H-M   'P 1'
#
loop_
_entity.id
_entity.type
_entity.pdbx_description
1 polymer 'ATP-dependent zinc metalloprotease FtsH'
2 non-polymer 'PHOSPHOAMINOPHOSPHONIC ACID-ADENYLATE ESTER'
3 non-polymer 'ZINC ION'
4 non-polymer 'MAGNESIUM ION'
#
_entity_poly.entity_id   1
_entity_poly.type   'polypeptide(L)'
_entity_poly.pdbx_seq_one_letter_code
;MAKNLILWLVIAVVLMSVFQSFGPSESNGRKVDYSTFLQEVNNDQVREARINGREINVTKKDSNRYTTYIPVQDPKLLDN
LLTKNVKVVGEPPEEPSLLASIFISWFPMLLLIGVWIFFMRQMQGGGGKGAMSFGKSKARMLTEDQIKTTFADVAGCDEA
KEEVAELVEYLREPSRFQKLGGKIPKGVLMVGPPGTGKTLLAKAIAGEAKVPFFTISGSDFVEMFVGVGASRVRDMFEQA
KKAAPCIIFIDQIDAVGRQRGAGLGGGHDEREQTLNQMLVEMDGFEGNEGIIVIAATNRPDVLDPALLRPGRFDRQVVVG
LPDVRGREQILKVHMRRVPLAPDIDAAIIARGTPGFSGADLANLVNEAALFAARGNKRVVSMVEFEKAKDKIMMGAERRS
MVMTEAQKESTAYHQAGHAIIGRLVPEHDPVHKVTIIPRGRALGVTFFLPEGDAISASRQKLESQISTLYGGRLAEEIIY
GPEHVSTGASNDIKVATNLARNMVTQWGFSEKLGPLLYAEEEGEVFLGRSVAKAKHMSDETARIIDQEVKALIERNYNRA
RQLLTDNMDILHAMKDALMKYETIDAPQIDDLMARRDVRPPAGWEEPGASNNSGDNGSPKAPRPVDEPRTPNPGNTMSEQ
LGDK
;
_entity_poly.pdbx_strand_id   A,D,E,F,B,C
#
loop_
_chem_comp.id
_chem_comp.type
_chem_comp.name
_chem_comp.formula
ANP non-polymer 'PHOSPHOAMINOPHOSPHONIC ACID-ADENYLATE ESTER' 'C10 H17 N6 O12 P3'
MG non-polymer 'MAGNESIUM ION' 'Mg 2'
ZN non-polymer 'ZINC ION' 'Zn 2'
#
# COMPACT_ATOMS: atom_id res chain seq x y z
N MET A 141 5.26 2.64 43.08
CA MET A 141 4.26 1.97 42.29
C MET A 141 3.93 0.62 42.87
N LEU A 142 4.72 0.20 43.85
CA LEU A 142 4.60 -1.12 44.47
C LEU A 142 3.83 -1.01 45.78
N THR A 143 3.16 -2.09 46.16
CA THR A 143 2.17 -2.05 47.22
C THR A 143 2.70 -2.76 48.46
N GLU A 144 2.77 -2.04 49.57
CA GLU A 144 3.21 -2.62 50.81
C GLU A 144 2.15 -3.52 51.39
N ASP A 145 2.59 -4.59 52.03
CA ASP A 145 1.70 -5.58 52.62
C ASP A 145 2.48 -6.43 53.60
N GLN A 146 1.81 -7.45 54.13
CA GLN A 146 2.44 -8.42 55.02
C GLN A 146 2.42 -9.83 54.43
N ILE A 147 1.24 -10.39 54.15
CA ILE A 147 1.09 -11.79 53.77
C ILE A 147 0.06 -11.91 52.66
N LYS A 148 0.07 -13.08 52.01
CA LYS A 148 -0.86 -13.36 50.91
C LYS A 148 -1.31 -14.82 50.98
N THR A 149 -2.22 -15.18 50.08
CA THR A 149 -2.86 -16.48 50.13
C THR A 149 -1.95 -17.58 49.58
N THR A 150 -2.26 -18.81 49.96
CA THR A 150 -1.37 -19.95 49.79
C THR A 150 -1.35 -20.42 48.34
N PHE A 151 -0.75 -21.61 48.13
CA PHE A 151 -0.50 -22.13 46.79
C PHE A 151 -1.50 -23.18 46.33
N ALA A 152 -2.53 -23.48 47.12
CA ALA A 152 -3.61 -24.28 46.59
C ALA A 152 -4.39 -23.52 45.55
N ASP A 153 -4.16 -22.20 45.45
CA ASP A 153 -4.97 -21.37 44.58
C ASP A 153 -4.78 -21.72 43.11
N VAL A 154 -3.55 -21.76 42.64
CA VAL A 154 -3.29 -21.96 41.23
C VAL A 154 -3.44 -23.44 40.92
N ALA A 155 -4.18 -23.75 39.88
CA ALA A 155 -4.43 -25.13 39.53
C ALA A 155 -3.85 -25.43 38.16
N GLY A 156 -3.38 -26.65 37.98
CA GLY A 156 -2.78 -27.02 36.74
C GLY A 156 -1.48 -26.28 36.55
N CYS A 157 -1.00 -26.33 35.31
CA CYS A 157 0.26 -25.68 34.95
C CYS A 157 1.40 -26.17 35.82
N ASP A 158 1.46 -27.49 36.03
CA ASP A 158 2.42 -28.04 36.99
C ASP A 158 3.85 -27.78 36.57
N GLU A 159 4.14 -27.84 35.27
CA GLU A 159 5.49 -27.50 34.82
C GLU A 159 5.82 -26.06 35.17
N ALA A 160 4.86 -25.16 34.95
CA ALA A 160 5.04 -23.78 35.39
C ALA A 160 5.16 -23.70 36.90
N LYS A 161 4.40 -24.53 37.61
CA LYS A 161 4.50 -24.53 39.05
C LYS A 161 5.92 -24.84 39.49
N GLU A 162 6.54 -25.85 38.90
CA GLU A 162 7.91 -26.16 39.23
C GLU A 162 8.83 -25.01 38.87
N GLU A 163 8.83 -24.62 37.61
CA GLU A 163 9.72 -23.55 37.18
C GLU A 163 9.35 -22.21 37.81
N VAL A 164 8.41 -22.19 38.75
CA VAL A 164 8.27 -21.00 39.59
C VAL A 164 8.78 -21.25 41.00
N ALA A 165 8.57 -22.44 41.53
CA ALA A 165 9.11 -22.77 42.86
C ALA A 165 10.62 -22.61 42.88
N GLU A 166 11.25 -22.61 41.71
CA GLU A 166 12.67 -22.31 41.64
C GLU A 166 12.95 -20.90 42.13
N LEU A 167 12.20 -19.92 41.62
CA LEU A 167 12.39 -18.56 42.10
C LEU A 167 12.00 -18.46 43.57
N VAL A 168 10.94 -19.18 43.97
CA VAL A 168 10.51 -19.13 45.36
C VAL A 168 11.62 -19.60 46.29
N GLU A 169 12.24 -20.74 45.97
CA GLU A 169 13.36 -21.23 46.77
C GLU A 169 14.54 -20.27 46.70
N TYR A 170 14.83 -19.75 45.51
CA TYR A 170 16.03 -18.95 45.30
C TYR A 170 16.02 -17.68 46.14
N LEU A 171 14.89 -16.98 46.18
CA LEU A 171 14.89 -15.64 46.76
C LEU A 171 15.36 -15.68 48.21
N ARG A 172 15.12 -16.79 48.89
CA ARG A 172 15.71 -17.06 50.19
C ARG A 172 16.76 -18.15 50.07
N GLU A 173 17.53 -18.35 51.12
CA GLU A 173 18.63 -19.31 51.14
C GLU A 173 19.44 -19.30 49.85
N PRO A 174 19.93 -18.14 49.41
CA PRO A 174 20.75 -18.13 48.19
C PRO A 174 22.04 -18.89 48.36
N SER A 175 22.57 -18.93 49.57
CA SER A 175 23.83 -19.62 49.81
C SER A 175 23.72 -21.11 49.57
N ARG A 176 22.50 -21.64 49.45
CA ARG A 176 22.34 -23.05 49.16
C ARG A 176 23.01 -23.44 47.85
N PHE A 177 23.23 -22.46 46.96
CA PHE A 177 23.89 -22.74 45.70
C PHE A 177 25.41 -22.64 45.88
N GLN A 178 25.95 -23.72 46.46
CA GLN A 178 27.35 -24.03 46.54
C GLN A 178 27.91 -24.56 45.24
N LYS A 179 27.06 -25.01 44.32
CA LYS A 179 27.50 -25.40 42.99
C LYS A 179 27.59 -24.19 42.06
N LEU A 180 27.70 -23.00 42.63
CA LEU A 180 28.02 -21.78 41.89
C LEU A 180 26.92 -21.41 40.90
N GLY A 181 25.71 -21.90 41.16
CA GLY A 181 24.61 -21.55 40.31
C GLY A 181 24.17 -20.10 40.50
N GLY A 182 24.65 -19.48 41.55
CA GLY A 182 24.13 -18.20 41.96
C GLY A 182 24.43 -17.14 40.92
N LYS A 183 24.17 -17.44 39.66
CA LYS A 183 23.90 -16.40 38.71
C LYS A 183 22.39 -16.31 38.54
N ILE A 184 21.82 -15.23 39.07
CA ILE A 184 20.38 -15.11 39.23
C ILE A 184 19.71 -15.27 37.87
N PRO A 185 18.73 -16.14 37.77
CA PRO A 185 17.94 -16.23 36.55
C PRO A 185 17.34 -14.88 36.19
N LYS A 186 17.70 -14.39 35.01
CA LYS A 186 17.34 -13.04 34.60
C LYS A 186 15.92 -13.06 34.04
N GLY A 187 15.53 -11.99 33.36
CA GLY A 187 14.16 -11.83 32.90
C GLY A 187 13.47 -13.09 32.43
N VAL A 188 12.37 -13.45 33.11
CA VAL A 188 11.58 -14.64 32.80
C VAL A 188 10.29 -14.20 32.13
N LEU A 189 10.04 -14.70 30.94
CA LEU A 189 8.89 -14.28 30.15
C LEU A 189 7.86 -15.41 30.14
N MET A 190 6.61 -15.08 30.46
CA MET A 190 5.51 -16.03 30.30
C MET A 190 4.88 -15.78 28.94
N VAL A 191 4.95 -16.78 28.07
CA VAL A 191 4.57 -16.58 26.67
C VAL A 191 3.35 -17.41 26.33
N GLY A 192 2.49 -17.64 27.32
CA GLY A 192 1.28 -18.42 27.11
C GLY A 192 0.21 -17.67 26.34
N PRO A 193 -0.86 -18.36 26.00
CA PRO A 193 -1.99 -17.71 25.36
C PRO A 193 -2.65 -16.74 26.31
N PRO A 194 -3.25 -15.66 25.79
CA PRO A 194 -3.89 -14.69 26.67
C PRO A 194 -5.17 -15.24 27.29
N GLY A 195 -5.43 -14.84 28.53
CA GLY A 195 -6.66 -15.19 29.19
C GLY A 195 -6.64 -16.45 30.00
N THR A 196 -5.53 -17.20 30.01
CA THR A 196 -5.44 -18.45 30.78
C THR A 196 -4.32 -18.32 31.78
N GLY A 197 -4.62 -17.71 32.91
CA GLY A 197 -3.70 -17.70 34.03
C GLY A 197 -2.33 -17.16 33.73
N LYS A 198 -2.26 -16.11 32.91
CA LYS A 198 -0.97 -15.50 32.61
C LYS A 198 -0.37 -14.88 33.85
N THR A 199 -1.18 -14.18 34.61
CA THR A 199 -0.71 -13.47 35.79
C THR A 199 -1.36 -14.03 37.05
N LEU A 200 -1.91 -15.23 36.98
CA LEU A 200 -2.71 -15.69 38.10
C LEU A 200 -1.84 -15.93 39.32
N LEU A 201 -0.62 -16.34 39.10
CA LEU A 201 0.24 -16.93 40.12
C LEU A 201 0.63 -15.97 41.23
N ALA A 202 0.13 -14.75 41.21
CA ALA A 202 0.67 -13.74 42.10
C ALA A 202 0.52 -14.14 43.56
N LYS A 203 -0.67 -14.56 43.96
CA LYS A 203 -1.00 -14.65 45.38
C LYS A 203 -0.18 -15.72 46.10
N ALA A 204 -0.22 -16.96 45.59
CA ALA A 204 0.50 -18.06 46.22
C ALA A 204 1.96 -17.73 46.44
N ILE A 205 2.64 -17.30 45.39
CA ILE A 205 4.09 -17.16 45.45
C ILE A 205 4.48 -15.89 46.19
N ALA A 206 3.83 -14.76 45.90
CA ALA A 206 4.13 -13.56 46.65
C ALA A 206 3.90 -13.77 48.13
N GLY A 207 2.96 -14.64 48.50
CA GLY A 207 2.85 -15.06 49.88
C GLY A 207 4.03 -15.89 50.32
N GLU A 208 4.44 -16.86 49.50
CA GLU A 208 5.59 -17.69 49.86
C GLU A 208 6.87 -16.88 49.83
N ALA A 209 7.83 -17.27 50.68
CA ALA A 209 9.06 -16.55 51.01
C ALA A 209 8.72 -15.26 51.74
N LYS A 210 7.45 -14.97 51.98
CA LYS A 210 7.00 -13.78 52.67
C LYS A 210 7.46 -12.51 51.98
N VAL A 211 7.52 -12.57 50.64
CA VAL A 211 7.82 -11.34 49.90
C VAL A 211 6.64 -10.39 50.04
N PRO A 212 6.87 -9.14 50.36
CA PRO A 212 5.75 -8.28 50.77
C PRO A 212 5.16 -7.36 49.72
N PHE A 213 5.80 -7.17 48.56
CA PHE A 213 5.29 -6.24 47.56
C PHE A 213 4.97 -7.03 46.29
N PHE A 214 4.19 -6.40 45.42
CA PHE A 214 3.76 -7.04 44.18
C PHE A 214 4.67 -6.66 43.01
N THR A 215 4.17 -6.88 41.80
CA THR A 215 4.72 -6.23 40.63
C THR A 215 4.91 -4.75 40.86
N ILE A 216 5.87 -4.16 40.16
CA ILE A 216 5.97 -2.71 40.14
C ILE A 216 4.88 -2.12 39.28
N SER A 217 4.53 -2.79 38.19
CA SER A 217 3.52 -2.24 37.30
C SER A 217 2.15 -2.39 37.93
N GLY A 218 1.54 -1.26 38.26
CA GLY A 218 0.27 -1.25 38.96
C GLY A 218 0.14 -0.09 39.92
N ALA A 230 10.65 7.78 26.38
CA ALA A 230 9.87 6.90 27.25
C ALA A 230 10.77 5.97 28.05
N SER A 231 11.50 6.49 29.03
CA SER A 231 12.23 5.60 29.93
C SER A 231 12.57 6.20 31.28
N ARG A 232 11.66 6.98 31.88
CA ARG A 232 11.90 7.50 33.22
C ARG A 232 12.07 6.36 34.23
N VAL A 233 11.96 5.13 33.77
CA VAL A 233 11.93 4.01 34.70
C VAL A 233 13.28 3.86 35.39
N ARG A 234 14.37 4.07 34.66
CA ARG A 234 15.68 3.58 35.10
C ARG A 234 15.97 4.00 36.52
N ASP A 235 15.61 5.24 36.86
CA ASP A 235 15.66 5.65 38.25
C ASP A 235 14.74 4.79 39.11
N MET A 236 13.58 4.44 38.59
CA MET A 236 12.71 3.58 39.39
C MET A 236 13.29 2.18 39.52
N PHE A 237 14.04 1.73 38.53
CA PHE A 237 14.78 0.48 38.66
C PHE A 237 15.78 0.59 39.80
N GLU A 238 16.41 1.75 39.92
CA GLU A 238 17.25 1.98 41.09
C GLU A 238 16.43 1.98 42.37
N GLN A 239 15.20 2.50 42.32
CA GLN A 239 14.41 2.65 43.54
C GLN A 239 14.09 1.30 44.17
N ALA A 240 13.83 0.30 43.34
CA ALA A 240 13.44 -1.03 43.83
C ALA A 240 14.68 -1.91 43.90
N LYS A 241 15.49 -1.71 44.95
CA LYS A 241 16.60 -2.60 45.26
C LYS A 241 16.74 -2.95 46.74
N LYS A 242 16.07 -2.24 47.65
CA LYS A 242 16.15 -2.54 49.07
C LYS A 242 14.75 -2.70 49.64
N ALA A 243 14.56 -3.76 50.43
CA ALA A 243 13.26 -4.07 51.02
C ALA A 243 12.14 -4.08 49.97
N ALA A 244 12.34 -4.90 48.93
CA ALA A 244 11.57 -4.87 47.69
C ALA A 244 10.69 -6.11 47.55
N PRO A 245 9.81 -6.15 46.54
CA PRO A 245 8.99 -7.35 46.33
C PRO A 245 9.78 -8.63 46.11
N CYS A 246 11.12 -8.50 46.15
CA CYS A 246 12.12 -9.54 45.90
C CYS A 246 12.35 -9.80 44.41
N ILE A 247 11.46 -9.29 43.56
CA ILE A 247 11.56 -9.31 42.09
C ILE A 247 10.56 -8.26 41.62
N ILE A 248 10.69 -7.80 40.37
CA ILE A 248 9.72 -6.85 39.83
C ILE A 248 9.01 -7.52 38.66
N PHE A 249 7.69 -7.34 38.56
CA PHE A 249 6.90 -7.75 37.40
C PHE A 249 6.36 -6.55 36.65
N ILE A 250 6.39 -6.60 35.32
CA ILE A 250 6.05 -5.45 34.49
C ILE A 250 5.31 -5.92 33.25
N ASP A 251 3.98 -5.78 33.25
CA ASP A 251 3.17 -6.08 32.08
C ASP A 251 2.50 -4.79 31.64
N GLN A 252 3.26 -3.97 30.92
CA GLN A 252 2.67 -3.01 29.99
C GLN A 252 2.82 -3.49 28.55
N ILE A 253 3.46 -4.64 28.36
CA ILE A 253 3.45 -5.34 27.08
C ILE A 253 2.70 -6.64 27.32
N ARG A 271 16.54 0.76 22.72
CA ARG A 271 15.12 0.77 23.06
C ARG A 271 14.86 -0.18 24.22
N GLU A 272 15.08 -1.47 23.99
CA GLU A 272 14.80 -2.49 25.00
C GLU A 272 16.02 -3.27 25.46
N GLN A 273 17.20 -3.03 24.90
CA GLN A 273 18.40 -3.67 25.41
C GLN A 273 18.86 -3.10 26.74
N THR A 274 18.01 -2.31 27.40
CA THR A 274 18.46 -1.55 28.56
C THR A 274 18.38 -2.38 29.84
N LEU A 275 17.72 -3.54 29.78
CA LEU A 275 17.46 -4.33 30.98
C LEU A 275 18.76 -4.80 31.65
N ASN A 276 19.69 -5.30 30.85
CA ASN A 276 20.71 -6.19 31.39
C ASN A 276 21.69 -5.46 32.29
N GLN A 277 22.47 -4.52 31.73
CA GLN A 277 23.53 -3.87 32.51
C GLN A 277 22.93 -3.07 33.66
N MET A 278 21.67 -2.67 33.53
CA MET A 278 21.00 -1.95 34.61
C MET A 278 20.74 -2.85 35.80
N LEU A 279 19.95 -3.90 35.62
CA LEU A 279 19.62 -4.72 36.78
C LEU A 279 20.84 -5.52 37.23
N VAL A 280 21.84 -5.66 36.35
CA VAL A 280 23.10 -6.30 36.78
C VAL A 280 23.80 -5.41 37.81
N GLU A 281 23.90 -4.12 37.51
CA GLU A 281 24.47 -3.18 38.46
C GLU A 281 23.64 -3.14 39.74
N MET A 282 22.32 -3.19 39.60
CA MET A 282 21.47 -3.21 40.79
C MET A 282 21.75 -4.45 41.64
N ASP A 283 21.82 -5.62 41.01
CA ASP A 283 22.06 -6.85 41.76
C ASP A 283 23.45 -6.85 42.38
N GLY A 284 24.40 -6.19 41.74
CA GLY A 284 25.64 -5.87 42.42
C GLY A 284 25.38 -5.04 43.66
N PHE A 285 24.44 -4.10 43.56
CA PHE A 285 24.04 -3.32 44.73
C PHE A 285 23.07 -4.10 45.61
N GLU A 286 22.31 -5.02 45.02
CA GLU A 286 21.37 -5.83 45.79
C GLU A 286 22.12 -6.66 46.83
N GLY A 287 21.59 -6.69 48.04
CA GLY A 287 22.13 -7.56 49.06
C GLY A 287 21.69 -8.98 48.82
N ASN A 288 22.13 -9.56 47.70
CA ASN A 288 21.76 -10.93 47.32
C ASN A 288 20.24 -11.05 47.22
N GLU A 289 19.59 -9.97 46.79
CA GLU A 289 18.13 -9.96 46.72
C GLU A 289 17.60 -10.83 45.60
N GLY A 290 18.37 -11.02 44.53
CA GLY A 290 17.90 -11.84 43.42
C GLY A 290 16.69 -11.28 42.70
N ILE A 291 16.65 -9.96 42.53
CA ILE A 291 15.50 -9.33 41.89
C ILE A 291 15.62 -9.43 40.37
N ILE A 292 14.53 -9.85 39.73
CA ILE A 292 14.48 -10.08 38.28
C ILE A 292 13.31 -9.33 37.69
N VAL A 293 13.33 -9.20 36.37
CA VAL A 293 12.22 -8.61 35.64
C VAL A 293 11.45 -9.77 35.01
N ILE A 294 10.41 -10.24 35.70
CA ILE A 294 9.59 -11.32 35.18
C ILE A 294 8.42 -10.69 34.45
N ALA A 295 8.29 -10.98 33.17
CA ALA A 295 7.41 -10.21 32.30
C ALA A 295 6.44 -11.14 31.58
N ALA A 296 5.31 -10.56 31.16
CA ALA A 296 4.23 -11.29 30.49
C ALA A 296 3.79 -10.50 29.27
N THR A 297 3.49 -11.20 28.18
CA THR A 297 2.82 -10.59 27.05
C THR A 297 2.28 -11.67 26.14
N ASN A 298 1.20 -11.34 25.45
CA ASN A 298 0.64 -12.21 24.45
C ASN A 298 1.35 -11.98 23.13
N ARG A 309 16.92 -12.86 23.52
CA ARG A 309 18.23 -13.51 23.55
C ARG A 309 18.64 -13.83 24.97
N PRO A 310 19.48 -14.86 25.14
CA PRO A 310 19.97 -15.21 26.48
C PRO A 310 20.73 -14.05 27.10
N GLY A 311 20.57 -13.91 28.42
CA GLY A 311 21.08 -12.80 29.16
C GLY A 311 20.06 -11.72 29.44
N ARG A 312 19.01 -11.64 28.63
CA ARG A 312 17.95 -10.68 28.86
C ARG A 312 16.58 -11.33 28.97
N PHE A 313 16.31 -12.38 28.19
CA PHE A 313 15.08 -13.16 28.31
C PHE A 313 15.40 -14.65 28.16
N ASP A 314 16.40 -15.10 28.91
CA ASP A 314 16.91 -16.45 28.75
C ASP A 314 15.86 -17.51 29.06
N ARG A 315 15.18 -17.39 30.20
CA ARG A 315 14.28 -18.42 30.68
C ARG A 315 12.83 -17.96 30.56
N GLN A 316 12.04 -18.72 29.82
CA GLN A 316 10.62 -18.43 29.64
C GLN A 316 9.80 -19.68 29.99
N VAL A 317 8.70 -19.47 30.70
CA VAL A 317 7.89 -20.56 31.23
C VAL A 317 6.49 -20.43 30.67
N VAL A 318 6.07 -21.42 29.89
CA VAL A 318 4.78 -21.34 29.22
C VAL A 318 3.65 -21.54 30.22
N VAL A 319 2.49 -20.93 29.93
CA VAL A 319 1.27 -21.13 30.72
C VAL A 319 0.13 -21.48 29.77
N GLY A 320 -0.07 -22.76 29.54
CA GLY A 320 -0.90 -23.18 28.43
C GLY A 320 -2.38 -23.29 28.74
N LEU A 321 -3.15 -23.53 27.69
CA LEU A 321 -4.57 -23.79 27.82
C LEU A 321 -4.79 -25.08 28.61
N PRO A 322 -5.71 -25.10 29.55
CA PRO A 322 -5.78 -26.22 30.47
C PRO A 322 -6.24 -27.48 29.77
N ASP A 323 -5.80 -28.61 30.29
CA ASP A 323 -6.24 -29.88 29.74
C ASP A 323 -7.48 -30.37 30.47
N VAL A 324 -7.98 -31.51 30.03
CA VAL A 324 -9.20 -32.07 30.61
C VAL A 324 -8.96 -32.49 32.05
N ARG A 325 -7.88 -33.23 32.30
CA ARG A 325 -7.58 -33.56 33.67
C ARG A 325 -7.30 -32.29 34.47
N GLY A 326 -6.85 -31.24 33.80
CA GLY A 326 -6.71 -29.96 34.49
C GLY A 326 -8.02 -29.21 34.60
N ARG A 327 -8.85 -29.32 33.58
CA ARG A 327 -10.12 -28.64 33.62
C ARG A 327 -10.95 -29.11 34.81
N GLU A 328 -10.97 -30.40 35.02
CA GLU A 328 -11.80 -30.93 36.11
C GLU A 328 -11.32 -30.39 37.45
N GLN A 329 -10.01 -30.31 37.64
CA GLN A 329 -9.51 -29.86 38.92
C GLN A 329 -9.84 -28.41 39.17
N ILE A 330 -9.67 -27.55 38.17
CA ILE A 330 -10.03 -26.16 38.39
C ILE A 330 -11.51 -26.05 38.72
N LEU A 331 -12.33 -26.84 38.04
CA LEU A 331 -13.76 -26.81 38.30
C LEU A 331 -14.05 -27.22 39.72
N LYS A 332 -13.36 -28.22 40.23
CA LYS A 332 -13.57 -28.59 41.62
C LYS A 332 -13.15 -27.46 42.54
N VAL A 333 -12.05 -26.77 42.20
CA VAL A 333 -11.56 -25.74 43.10
C VAL A 333 -12.60 -24.64 43.28
N HIS A 334 -13.09 -24.08 42.19
CA HIS A 334 -14.06 -23.00 42.38
C HIS A 334 -15.40 -23.49 42.87
N MET A 335 -15.63 -24.80 42.87
CA MET A 335 -16.86 -25.35 43.38
C MET A 335 -16.76 -25.66 44.84
N ARG A 336 -15.96 -24.89 45.57
CA ARG A 336 -15.91 -25.01 47.01
C ARG A 336 -16.93 -24.14 47.72
N ARG A 337 -17.72 -23.34 47.01
CA ARG A 337 -18.46 -22.25 47.62
C ARG A 337 -19.96 -22.42 47.55
N VAL A 338 -20.46 -23.62 47.32
CA VAL A 338 -21.91 -23.81 47.21
C VAL A 338 -22.26 -25.26 47.51
N PRO A 339 -23.53 -25.61 47.68
CA PRO A 339 -23.92 -27.02 47.65
C PRO A 339 -24.02 -27.53 46.23
N LEU A 340 -24.21 -28.84 46.10
CA LEU A 340 -24.47 -29.46 44.81
C LEU A 340 -25.50 -30.55 44.95
N ALA A 341 -26.23 -30.79 43.88
CA ALA A 341 -27.14 -31.91 43.79
C ALA A 341 -26.38 -33.17 43.41
N PRO A 342 -26.90 -34.35 43.76
CA PRO A 342 -26.03 -35.54 43.77
C PRO A 342 -25.46 -35.93 42.43
N ASP A 343 -26.18 -35.70 41.34
CA ASP A 343 -25.89 -36.35 40.06
C ASP A 343 -24.86 -35.60 39.21
N ILE A 344 -24.08 -34.70 39.81
CA ILE A 344 -23.16 -33.90 39.02
C ILE A 344 -21.91 -34.70 38.71
N ASP A 345 -21.55 -34.78 37.43
CA ASP A 345 -20.29 -35.33 36.98
C ASP A 345 -19.46 -34.19 36.43
N ALA A 346 -18.31 -33.95 37.05
CA ALA A 346 -17.50 -32.81 36.65
C ALA A 346 -16.94 -33.00 35.26
N ALA A 347 -16.54 -34.23 34.92
CA ALA A 347 -15.80 -34.45 33.69
C ALA A 347 -16.60 -34.05 32.47
N ILE A 348 -17.92 -34.30 32.49
CA ILE A 348 -18.72 -34.01 31.32
C ILE A 348 -18.70 -32.51 31.04
N ILE A 349 -18.84 -31.71 32.08
CA ILE A 349 -18.71 -30.27 31.92
C ILE A 349 -17.29 -29.94 31.49
N ALA A 350 -16.33 -30.76 31.90
CA ALA A 350 -14.96 -30.47 31.53
C ALA A 350 -14.76 -30.60 30.04
N ARG A 351 -15.13 -31.74 29.47
CA ARG A 351 -14.90 -31.91 28.04
C ARG A 351 -15.81 -31.00 27.25
N GLY A 352 -16.84 -30.48 27.90
CA GLY A 352 -17.75 -29.58 27.20
C GLY A 352 -17.15 -28.22 26.94
N THR A 353 -16.07 -27.87 27.63
CA THR A 353 -15.49 -26.56 27.46
C THR A 353 -14.09 -26.65 26.85
N PRO A 354 -13.99 -26.93 25.56
CA PRO A 354 -12.66 -27.09 24.97
C PRO A 354 -12.01 -25.75 24.72
N GLY A 355 -10.83 -25.55 25.28
CA GLY A 355 -10.06 -24.37 25.02
C GLY A 355 -10.38 -23.20 25.92
N PHE A 356 -11.40 -23.31 26.76
CA PHE A 356 -11.71 -22.21 27.66
C PHE A 356 -10.84 -22.30 28.91
N SER A 357 -10.51 -21.15 29.46
CA SER A 357 -9.47 -21.02 30.46
C SER A 357 -10.00 -21.30 31.85
N GLY A 358 -9.23 -20.90 32.84
CA GLY A 358 -9.75 -20.83 34.19
C GLY A 358 -10.84 -19.78 34.31
N ALA A 359 -10.71 -18.69 33.56
CA ALA A 359 -11.70 -17.64 33.65
C ALA A 359 -13.06 -18.13 33.19
N ASP A 360 -13.10 -18.84 32.07
CA ASP A 360 -14.38 -19.26 31.54
C ASP A 360 -15.07 -20.24 32.48
N LEU A 361 -14.30 -21.12 33.10
CA LEU A 361 -14.86 -22.02 34.09
C LEU A 361 -15.37 -21.25 35.30
N ALA A 362 -14.63 -20.26 35.75
CA ALA A 362 -15.13 -19.41 36.80
C ALA A 362 -16.49 -18.88 36.43
N ASN A 363 -16.64 -18.44 35.20
CA ASN A 363 -17.93 -17.90 34.78
C ASN A 363 -19.00 -18.96 34.76
N LEU A 364 -18.66 -20.13 34.27
CA LEU A 364 -19.65 -21.18 34.17
C LEU A 364 -20.25 -21.44 35.52
N VAL A 365 -19.42 -21.50 36.55
CA VAL A 365 -19.96 -21.74 37.88
C VAL A 365 -20.74 -20.53 38.37
N ASN A 366 -20.20 -19.33 38.18
CA ASN A 366 -20.90 -18.17 38.67
C ASN A 366 -22.30 -18.09 38.10
N GLU A 367 -22.42 -18.27 36.78
CA GLU A 367 -23.72 -18.19 36.15
C GLU A 367 -24.59 -19.36 36.52
N ALA A 368 -23.99 -20.50 36.87
CA ALA A 368 -24.83 -21.57 37.39
C ALA A 368 -25.52 -21.12 38.66
N ALA A 369 -24.77 -20.46 39.52
CA ALA A 369 -25.35 -19.94 40.75
C ALA A 369 -26.51 -18.99 40.44
N LEU A 370 -26.25 -18.03 39.58
CA LEU A 370 -27.29 -17.06 39.28
C LEU A 370 -28.50 -17.74 38.68
N PHE A 371 -28.29 -18.65 37.75
CA PHE A 371 -29.41 -19.30 37.08
C PHE A 371 -30.26 -20.05 38.09
N ALA A 372 -29.63 -20.73 39.02
CA ALA A 372 -30.42 -21.38 40.05
C ALA A 372 -31.25 -20.36 40.80
N ALA A 373 -30.62 -19.24 41.15
CA ALA A 373 -31.31 -18.24 41.96
C ALA A 373 -32.54 -17.71 41.27
N ARG A 374 -32.48 -17.54 39.95
CA ARG A 374 -33.55 -16.87 39.23
C ARG A 374 -34.88 -17.60 39.38
N GLY A 375 -34.87 -18.92 39.27
CA GLY A 375 -36.10 -19.64 39.46
C GLY A 375 -36.39 -19.95 40.91
N ASN A 376 -35.53 -19.49 41.81
CA ASN A 376 -35.64 -19.77 43.24
C ASN A 376 -35.51 -21.26 43.51
N LYS A 377 -34.60 -21.90 42.80
CA LYS A 377 -34.32 -23.30 43.06
C LYS A 377 -33.32 -23.42 44.22
N ARG A 378 -33.51 -24.43 45.05
CA ARG A 378 -32.77 -24.53 46.30
C ARG A 378 -31.27 -24.63 46.07
N VAL A 379 -30.84 -25.59 45.24
CA VAL A 379 -29.46 -25.70 44.77
C VAL A 379 -29.46 -26.45 43.45
N VAL A 380 -28.31 -26.45 42.78
CA VAL A 380 -28.23 -26.67 41.34
C VAL A 380 -27.64 -28.03 41.05
N SER A 381 -28.26 -28.76 40.15
CA SER A 381 -27.62 -29.90 39.53
C SER A 381 -26.98 -29.45 38.23
N MET A 382 -26.59 -30.39 37.38
CA MET A 382 -26.05 -30.09 36.06
C MET A 382 -27.13 -29.66 35.07
N VAL A 383 -28.40 -29.78 35.44
CA VAL A 383 -29.45 -29.55 34.47
C VAL A 383 -29.39 -28.12 33.94
N GLU A 384 -29.16 -27.17 34.83
CA GLU A 384 -28.92 -25.81 34.38
C GLU A 384 -27.46 -25.55 34.15
N PHE A 385 -26.58 -26.41 34.63
CA PHE A 385 -25.18 -26.23 34.30
C PHE A 385 -25.00 -26.22 32.80
N GLU A 386 -25.61 -27.20 32.13
CA GLU A 386 -25.61 -27.20 30.68
C GLU A 386 -26.26 -25.94 30.15
N LYS A 387 -27.24 -25.41 30.87
CA LYS A 387 -27.87 -24.20 30.41
C LYS A 387 -26.89 -23.05 30.41
N ALA A 388 -26.07 -22.98 31.44
CA ALA A 388 -25.09 -21.92 31.51
C ALA A 388 -24.06 -22.06 30.40
N LYS A 389 -23.63 -23.31 30.16
CA LYS A 389 -22.71 -23.54 29.06
C LYS A 389 -23.31 -23.03 27.75
N ASP A 390 -24.54 -23.42 27.46
CA ASP A 390 -25.16 -23.00 26.23
C ASP A 390 -25.29 -21.50 26.16
N LYS A 391 -25.67 -20.87 27.27
CA LYS A 391 -25.87 -19.44 27.29
C LYS A 391 -24.59 -18.71 26.93
N ILE A 392 -23.46 -19.21 27.41
CA ILE A 392 -22.23 -18.46 27.19
C ILE A 392 -21.64 -18.78 25.83
N MET A 393 -21.47 -20.07 25.53
CA MET A 393 -20.80 -20.46 24.29
C MET A 393 -21.61 -20.05 23.07
N MET A 394 -22.93 -20.21 23.13
CA MET A 394 -23.86 -19.73 22.11
C MET A 394 -24.52 -18.49 22.67
N GLY A 395 -25.58 -18.05 22.02
CA GLY A 395 -26.40 -17.00 22.57
C GLY A 395 -27.36 -17.53 23.60
N ALA A 396 -28.03 -16.61 24.26
CA ALA A 396 -29.11 -17.01 25.14
C ALA A 396 -30.30 -17.47 24.31
N GLU A 397 -31.25 -18.09 24.97
CA GLU A 397 -32.40 -18.64 24.27
C GLU A 397 -33.34 -17.51 23.88
N ARG A 398 -33.16 -16.97 22.70
CA ARG A 398 -34.02 -15.92 22.19
C ARG A 398 -35.33 -16.56 21.76
N ARG A 399 -36.15 -16.87 22.77
CA ARG A 399 -37.39 -17.60 22.53
C ARG A 399 -38.50 -16.69 22.04
N SER A 400 -38.42 -15.40 22.33
CA SER A 400 -39.55 -14.51 22.12
C SER A 400 -40.00 -14.51 20.67
N MET A 401 -39.13 -14.88 19.74
CA MET A 401 -39.48 -14.86 18.34
C MET A 401 -40.63 -15.80 18.06
N VAL A 402 -41.41 -15.50 17.04
CA VAL A 402 -42.42 -16.42 16.53
C VAL A 402 -41.98 -16.83 15.15
N MET A 403 -42.21 -18.08 14.81
CA MET A 403 -42.10 -18.58 13.45
C MET A 403 -43.31 -19.44 13.19
N THR A 404 -43.81 -19.41 11.96
CA THR A 404 -45.03 -20.12 11.67
C THR A 404 -44.83 -21.61 11.89
N GLU A 405 -45.94 -22.35 11.98
CA GLU A 405 -45.82 -23.78 12.19
C GLU A 405 -45.10 -24.45 11.04
N ALA A 406 -45.41 -24.05 9.81
CA ALA A 406 -44.79 -24.67 8.66
C ALA A 406 -43.29 -24.40 8.62
N GLN A 407 -42.83 -23.36 9.32
CA GLN A 407 -41.41 -23.05 9.30
C GLN A 407 -40.62 -23.94 10.23
N LYS A 408 -41.12 -24.18 11.44
CA LYS A 408 -40.40 -25.04 12.37
C LYS A 408 -40.17 -26.41 11.76
N GLU A 409 -41.16 -26.90 11.02
CA GLU A 409 -41.02 -28.21 10.41
C GLU A 409 -39.88 -28.22 9.42
N SER A 410 -39.62 -27.08 8.78
CA SER A 410 -38.51 -27.02 7.84
C SER A 410 -37.18 -27.09 8.56
N THR A 411 -37.07 -26.41 9.70
CA THR A 411 -35.83 -26.38 10.45
C THR A 411 -35.72 -27.53 11.43
N ALA A 412 -36.67 -28.44 11.45
CA ALA A 412 -36.58 -29.61 12.30
C ALA A 412 -36.36 -30.87 11.51
N TYR A 413 -36.45 -30.82 10.19
CA TYR A 413 -35.97 -31.88 9.31
C TYR A 413 -34.50 -31.74 9.01
N HIS A 414 -33.93 -30.59 9.30
CA HIS A 414 -32.54 -30.27 9.03
C HIS A 414 -31.63 -30.73 10.14
N GLN A 415 -31.93 -30.35 11.38
CA GLN A 415 -31.08 -30.70 12.50
C GLN A 415 -31.02 -32.20 12.69
N ALA A 416 -32.14 -32.86 12.54
CA ALA A 416 -32.18 -34.31 12.44
C ALA A 416 -31.78 -34.65 11.03
N GLY A 417 -30.54 -35.01 10.84
CA GLY A 417 -30.00 -35.09 9.51
C GLY A 417 -28.58 -34.61 9.52
N HIS A 418 -28.26 -33.69 10.43
CA HIS A 418 -26.91 -33.72 10.95
C HIS A 418 -26.78 -34.86 11.94
N ALA A 419 -27.88 -35.29 12.52
CA ALA A 419 -27.80 -36.19 13.65
C ALA A 419 -27.72 -37.63 13.19
N ILE A 420 -28.71 -38.08 12.42
CA ILE A 420 -28.76 -39.47 12.05
C ILE A 420 -27.60 -39.83 11.12
N ILE A 421 -27.05 -38.84 10.41
CA ILE A 421 -25.88 -39.07 9.58
C ILE A 421 -24.59 -38.98 10.36
N GLY A 422 -24.64 -38.54 11.60
CA GLY A 422 -23.47 -38.46 12.45
C GLY A 422 -23.29 -39.64 13.35
N ARG A 423 -24.16 -40.64 13.25
CA ARG A 423 -24.06 -41.83 14.05
C ARG A 423 -23.94 -43.09 13.24
N LEU A 424 -24.03 -43.00 11.93
CA LEU A 424 -23.86 -44.14 11.05
C LEU A 424 -22.52 -44.09 10.31
N VAL A 425 -21.72 -43.06 10.52
CA VAL A 425 -20.40 -42.94 9.95
C VAL A 425 -19.37 -43.34 11.01
N PRO A 426 -18.19 -43.82 10.65
CA PRO A 426 -17.26 -44.32 11.66
C PRO A 426 -16.39 -43.21 12.22
N GLU A 427 -16.09 -43.34 13.51
CA GLU A 427 -15.12 -42.50 14.19
C GLU A 427 -15.51 -41.03 14.14
N HIS A 428 -16.61 -40.71 14.80
CA HIS A 428 -17.06 -39.35 14.94
C HIS A 428 -17.34 -39.09 16.41
N ASP A 429 -17.36 -37.82 16.78
CA ASP A 429 -17.73 -37.46 18.12
C ASP A 429 -19.21 -37.74 18.35
N PRO A 430 -19.59 -38.24 19.51
CA PRO A 430 -20.99 -38.58 19.74
C PRO A 430 -21.86 -37.35 19.82
N VAL A 431 -23.15 -37.55 19.62
CA VAL A 431 -24.10 -36.45 19.71
C VAL A 431 -24.51 -36.23 21.16
N HIS A 432 -24.79 -34.99 21.51
CA HIS A 432 -25.26 -34.65 22.84
C HIS A 432 -26.67 -34.08 22.86
N LYS A 433 -26.94 -33.01 22.11
CA LYS A 433 -28.27 -32.41 22.09
C LYS A 433 -28.63 -31.94 20.71
N VAL A 434 -29.94 -31.83 20.45
CA VAL A 434 -30.47 -31.26 19.23
C VAL A 434 -31.56 -30.25 19.60
N THR A 435 -31.50 -29.07 18.99
CA THR A 435 -32.36 -27.98 19.44
C THR A 435 -33.10 -27.32 18.30
N ILE A 436 -34.30 -26.83 18.59
CA ILE A 436 -35.11 -26.10 17.64
C ILE A 436 -35.29 -24.64 18.03
N ILE A 437 -34.99 -24.30 19.27
CA ILE A 437 -35.20 -22.94 19.76
C ILE A 437 -34.01 -22.09 19.38
N PRO A 438 -34.22 -20.93 18.76
CA PRO A 438 -33.10 -20.17 18.21
C PRO A 438 -32.24 -19.56 19.30
N ARG A 439 -30.93 -19.59 19.09
CA ARG A 439 -29.95 -19.09 20.05
C ARG A 439 -29.00 -18.10 19.42
N GLY A 440 -29.50 -17.17 18.64
CA GLY A 440 -28.60 -16.20 18.04
C GLY A 440 -28.79 -16.07 16.55
N ARG A 441 -27.77 -16.43 15.81
CA ARG A 441 -27.84 -16.38 14.36
C ARG A 441 -28.29 -17.71 13.77
N ALA A 442 -28.65 -18.68 14.61
CA ALA A 442 -28.93 -20.03 14.16
C ALA A 442 -30.28 -20.47 14.66
N LEU A 443 -31.08 -21.07 13.78
CA LEU A 443 -32.38 -21.56 14.20
C LEU A 443 -32.24 -22.87 14.96
N GLY A 444 -31.26 -23.69 14.62
CA GLY A 444 -31.09 -24.96 15.27
C GLY A 444 -29.63 -25.23 15.56
N VAL A 445 -29.40 -26.13 16.51
CA VAL A 445 -28.04 -26.49 16.88
C VAL A 445 -27.98 -27.99 17.14
N THR A 446 -26.93 -28.64 16.65
CA THR A 446 -26.64 -30.00 17.03
C THR A 446 -25.26 -30.03 17.67
N PHE A 447 -25.18 -30.47 18.92
CA PHE A 447 -23.95 -30.41 19.70
C PHE A 447 -23.23 -31.74 19.63
N PHE A 448 -21.91 -31.70 19.62
CA PHE A 448 -21.07 -32.88 19.64
C PHE A 448 -20.11 -32.78 20.82
N LEU A 449 -19.90 -33.89 21.48
CA LEU A 449 -19.03 -33.84 22.64
C LEU A 449 -17.64 -34.29 22.28
N PRO A 450 -16.64 -33.41 22.37
CA PRO A 450 -15.33 -33.72 21.80
C PRO A 450 -14.71 -34.98 22.34
N GLU A 451 -14.98 -35.34 23.58
CA GLU A 451 -14.62 -36.65 24.12
C GLU A 451 -13.11 -36.88 24.09
N GLY A 452 -12.36 -35.96 24.69
CA GLY A 452 -10.92 -36.07 24.73
C GLY A 452 -10.24 -34.89 24.07
N ASP A 453 -9.04 -34.55 24.54
CA ASP A 453 -8.32 -33.44 23.95
C ASP A 453 -7.84 -33.80 22.55
N ALA A 454 -7.74 -32.80 21.69
CA ALA A 454 -7.39 -33.05 20.30
C ALA A 454 -5.90 -33.35 20.15
N ILE A 455 -5.62 -34.56 19.70
CA ILE A 455 -4.32 -34.94 19.17
C ILE A 455 -4.63 -35.41 17.75
N SER A 456 -3.79 -35.06 16.79
CA SER A 456 -4.25 -34.35 15.60
C SER A 456 -5.56 -34.93 15.05
N ALA A 457 -5.55 -36.05 14.35
CA ALA A 457 -6.69 -36.35 13.48
C ALA A 457 -6.40 -37.61 12.71
N SER A 458 -7.32 -38.01 11.86
CA SER A 458 -7.11 -39.14 10.99
C SER A 458 -7.90 -38.96 9.72
N ARG A 459 -7.49 -39.68 8.68
CA ARG A 459 -8.12 -39.53 7.39
C ARG A 459 -9.59 -39.88 7.47
N GLN A 460 -9.90 -41.00 8.11
CA GLN A 460 -11.28 -41.45 8.24
C GLN A 460 -12.12 -40.41 8.92
N LYS A 461 -11.61 -39.84 10.02
CA LYS A 461 -12.41 -38.91 10.79
C LYS A 461 -12.68 -37.63 10.01
N LEU A 462 -11.71 -37.16 9.24
CA LEU A 462 -11.92 -35.96 8.45
C LEU A 462 -12.96 -36.19 7.35
N GLU A 463 -12.87 -37.32 6.66
CA GLU A 463 -13.89 -37.60 5.66
C GLU A 463 -15.27 -37.76 6.30
N SER A 464 -15.33 -38.35 7.49
CA SER A 464 -16.61 -38.52 8.15
C SER A 464 -17.21 -37.19 8.53
N GLN A 465 -16.40 -36.25 9.01
CA GLN A 465 -16.92 -34.92 9.26
C GLN A 465 -17.49 -34.31 8.00
N ILE A 466 -16.78 -34.45 6.88
CA ILE A 466 -17.28 -33.88 5.63
C ILE A 466 -18.66 -34.44 5.33
N SER A 467 -18.85 -35.74 5.55
CA SER A 467 -20.18 -36.31 5.24
C SER A 467 -21.23 -35.83 6.22
N THR A 468 -20.88 -35.65 7.49
CA THR A 468 -21.87 -35.19 8.46
C THR A 468 -22.38 -33.80 8.11
N LEU A 469 -21.50 -32.92 7.67
CA LEU A 469 -21.95 -31.55 7.45
C LEU A 469 -22.97 -31.46 6.34
N TYR A 470 -22.70 -32.08 5.20
CA TYR A 470 -23.60 -32.00 4.07
C TYR A 470 -24.87 -32.78 4.27
N GLY A 471 -24.97 -33.55 5.34
CA GLY A 471 -26.13 -34.40 5.49
C GLY A 471 -27.37 -33.62 5.82
N GLY A 472 -27.20 -32.39 6.28
CA GLY A 472 -28.36 -31.61 6.67
C GLY A 472 -29.22 -31.21 5.49
N ARG A 473 -28.60 -30.69 4.44
CA ARG A 473 -29.36 -30.18 3.31
C ARG A 473 -29.95 -31.30 2.47
N LEU A 474 -29.38 -32.49 2.54
CA LEU A 474 -29.99 -33.60 1.85
C LEU A 474 -31.35 -33.96 2.43
N ALA A 475 -31.54 -33.75 3.73
CA ALA A 475 -32.86 -34.00 4.31
C ALA A 475 -33.90 -33.11 3.68
N GLU A 476 -33.58 -31.83 3.54
CA GLU A 476 -34.48 -30.91 2.88
C GLU A 476 -34.74 -31.33 1.46
N GLU A 477 -33.71 -31.74 0.73
CA GLU A 477 -33.89 -32.08 -0.67
C GLU A 477 -34.79 -33.29 -0.85
N ILE A 478 -34.66 -34.30 0.01
CA ILE A 478 -35.53 -35.46 -0.14
C ILE A 478 -36.95 -35.12 0.28
N ILE A 479 -37.14 -34.37 1.35
CA ILE A 479 -38.48 -34.21 1.89
C ILE A 479 -39.31 -33.26 1.02
N TYR A 480 -38.78 -32.09 0.71
CA TYR A 480 -39.57 -31.07 0.02
C TYR A 480 -39.32 -31.00 -1.47
N GLY A 481 -38.24 -31.59 -1.98
CA GLY A 481 -37.99 -31.56 -3.39
C GLY A 481 -36.95 -30.54 -3.80
N PRO A 482 -36.37 -30.74 -4.98
CA PRO A 482 -35.15 -30.00 -5.33
C PRO A 482 -35.34 -28.52 -5.51
N GLU A 483 -36.58 -28.06 -5.63
CA GLU A 483 -36.82 -26.64 -5.84
C GLU A 483 -36.81 -25.89 -4.52
N HIS A 484 -37.50 -26.41 -3.51
CA HIS A 484 -37.72 -25.66 -2.29
C HIS A 484 -36.60 -25.92 -1.28
N VAL A 485 -35.37 -25.82 -1.74
CA VAL A 485 -34.22 -26.06 -0.89
C VAL A 485 -33.62 -24.72 -0.53
N SER A 486 -33.72 -24.39 0.75
CA SER A 486 -33.46 -23.04 1.20
C SER A 486 -31.98 -22.74 1.19
N THR A 487 -31.65 -21.49 1.47
CA THR A 487 -30.29 -21.03 1.57
C THR A 487 -29.81 -20.96 3.01
N GLY A 488 -30.30 -21.82 3.87
CA GLY A 488 -29.81 -21.93 5.22
C GLY A 488 -28.66 -22.88 5.39
N ALA A 489 -28.35 -23.65 4.37
CA ALA A 489 -27.24 -24.58 4.41
C ALA A 489 -25.93 -23.92 4.01
N SER A 490 -25.77 -22.64 4.31
CA SER A 490 -24.65 -21.88 3.79
C SER A 490 -23.38 -22.07 4.59
N ASN A 491 -23.42 -21.77 5.87
CA ASN A 491 -22.22 -21.91 6.69
C ASN A 491 -21.75 -23.36 6.74
N ASP A 492 -22.66 -24.31 6.50
CA ASP A 492 -22.23 -25.70 6.37
C ASP A 492 -21.36 -25.89 5.15
N ILE A 493 -21.68 -25.21 4.05
CA ILE A 493 -20.90 -25.36 2.83
C ILE A 493 -19.48 -24.85 3.03
N LYS A 494 -19.32 -23.71 3.70
CA LYS A 494 -18.00 -23.11 3.83
C LYS A 494 -17.08 -23.97 4.67
N VAL A 495 -17.54 -24.45 5.82
CA VAL A 495 -16.70 -25.28 6.66
C VAL A 495 -16.23 -26.48 5.88
N ALA A 496 -17.12 -27.09 5.13
CA ALA A 496 -16.74 -28.27 4.37
C ALA A 496 -15.75 -27.95 3.28
N THR A 497 -15.89 -26.82 2.60
CA THR A 497 -15.00 -26.57 1.47
C THR A 497 -13.61 -26.17 1.94
N ASN A 498 -13.50 -25.47 3.07
CA ASN A 498 -12.17 -25.25 3.62
C ASN A 498 -11.56 -26.55 4.12
N LEU A 499 -12.35 -27.38 4.80
CA LEU A 499 -11.78 -28.59 5.36
C LEU A 499 -11.32 -29.53 4.26
N ALA A 500 -12.10 -29.65 3.19
CA ALA A 500 -11.73 -30.52 2.09
C ALA A 500 -10.59 -29.95 1.30
N ARG A 501 -10.50 -28.62 1.22
CA ARG A 501 -9.40 -28.01 0.52
C ARG A 501 -8.10 -28.23 1.23
N ASN A 502 -8.13 -28.16 2.56
CA ASN A 502 -6.92 -28.28 3.35
C ASN A 502 -6.32 -29.66 3.26
N MET A 503 -7.13 -30.69 3.03
CA MET A 503 -6.61 -32.03 2.95
C MET A 503 -5.68 -32.20 1.77
N VAL A 504 -6.10 -31.76 0.58
CA VAL A 504 -5.31 -32.02 -0.61
C VAL A 504 -4.24 -30.97 -0.87
N THR A 505 -4.17 -29.93 -0.05
CA THR A 505 -3.16 -28.89 -0.22
C THR A 505 -2.12 -28.85 0.88
N GLN A 506 -2.38 -29.43 2.04
CA GLN A 506 -1.43 -29.32 3.13
C GLN A 506 -1.00 -30.63 3.77
N TRP A 507 -1.86 -31.63 3.85
CA TRP A 507 -1.54 -32.80 4.65
C TRP A 507 -1.31 -34.04 3.82
N GLY A 508 -1.02 -33.89 2.54
CA GLY A 508 -0.91 -35.07 1.70
C GLY A 508 -2.29 -35.43 1.20
N PHE A 509 -2.70 -36.67 1.44
CA PHE A 509 -4.07 -37.15 1.30
C PHE A 509 -4.64 -37.07 -0.11
N SER A 510 -3.81 -37.04 -1.14
CA SER A 510 -4.31 -37.11 -2.51
C SER A 510 -3.33 -37.92 -3.33
N GLU A 511 -3.79 -39.02 -3.89
CA GLU A 511 -2.86 -39.95 -4.52
C GLU A 511 -2.29 -39.37 -5.81
N LYS A 512 -3.08 -38.61 -6.55
CA LYS A 512 -2.59 -38.03 -7.80
C LYS A 512 -1.47 -37.04 -7.56
N LEU A 513 -1.70 -36.07 -6.67
CA LEU A 513 -0.75 -34.97 -6.52
C LEU A 513 0.48 -35.39 -5.72
N GLY A 514 0.31 -36.18 -4.69
CA GLY A 514 1.42 -36.62 -3.88
C GLY A 514 1.56 -35.82 -2.60
N PRO A 515 2.47 -36.23 -1.73
CA PRO A 515 2.71 -35.49 -0.49
C PRO A 515 3.51 -34.23 -0.77
N LEU A 516 2.85 -33.09 -0.75
CA LEU A 516 3.52 -31.84 -1.07
C LEU A 516 2.74 -30.69 -0.50
N LEU A 517 3.35 -29.52 -0.47
CA LEU A 517 2.72 -28.33 0.06
C LEU A 517 2.50 -27.33 -1.05
N TYR A 518 1.28 -27.28 -1.59
CA TYR A 518 0.89 -26.29 -2.56
C TYR A 518 0.29 -25.05 -1.92
N ALA A 519 0.18 -25.03 -0.60
CA ALA A 519 -0.23 -23.86 0.15
C ALA A 519 -1.62 -23.41 -0.24
N HIS A 536 4.82 -18.88 -7.84
CA HIS A 536 3.48 -19.42 -7.70
C HIS A 536 3.36 -20.78 -8.35
N MET A 537 2.18 -21.10 -8.87
CA MET A 537 1.95 -22.39 -9.50
C MET A 537 1.45 -22.18 -10.91
N SER A 538 1.61 -23.22 -11.72
CA SER A 538 1.15 -23.18 -13.09
C SER A 538 -0.35 -23.10 -13.16
N ASP A 539 -0.87 -23.03 -14.37
CA ASP A 539 -2.31 -23.10 -14.55
C ASP A 539 -2.78 -24.54 -14.70
N GLU A 540 -1.87 -25.45 -15.04
CA GLU A 540 -2.24 -26.86 -15.08
C GLU A 540 -2.37 -27.42 -13.68
N THR A 541 -1.46 -27.05 -12.79
CA THR A 541 -1.52 -27.56 -11.43
C THR A 541 -2.77 -27.08 -10.72
N ALA A 542 -3.26 -25.89 -11.04
CA ALA A 542 -4.46 -25.40 -10.38
C ALA A 542 -5.67 -26.21 -10.78
N ARG A 543 -5.74 -26.64 -12.04
CA ARG A 543 -6.88 -27.42 -12.50
C ARG A 543 -6.94 -28.77 -11.81
N ILE A 544 -5.80 -29.41 -11.60
CA ILE A 544 -5.81 -30.69 -10.91
C ILE A 544 -6.33 -30.54 -9.50
N ILE A 545 -6.02 -29.42 -8.84
CA ILE A 545 -6.46 -29.25 -7.47
C ILE A 545 -7.97 -29.21 -7.39
N ASP A 546 -8.60 -28.47 -8.29
CA ASP A 546 -10.05 -28.38 -8.27
C ASP A 546 -10.66 -29.72 -8.60
N GLN A 547 -10.05 -30.47 -9.51
CA GLN A 547 -10.60 -31.79 -9.78
C GLN A 547 -10.55 -32.67 -8.55
N GLU A 548 -9.45 -32.62 -7.79
CA GLU A 548 -9.36 -33.47 -6.61
C GLU A 548 -10.31 -33.03 -5.51
N VAL A 549 -10.43 -31.74 -5.28
CA VAL A 549 -11.37 -31.26 -4.27
C VAL A 549 -12.79 -31.70 -4.62
N LYS A 550 -13.16 -31.56 -5.88
CA LYS A 550 -14.50 -31.95 -6.27
C LYS A 550 -14.72 -33.44 -6.12
N ALA A 551 -13.72 -34.25 -6.43
CA ALA A 551 -13.90 -35.70 -6.29
C ALA A 551 -14.13 -36.08 -4.84
N LEU A 552 -13.37 -35.48 -3.93
CA LEU A 552 -13.57 -35.73 -2.51
C LEU A 552 -15.01 -35.43 -2.09
N ILE A 553 -15.46 -34.20 -2.39
CA ILE A 553 -16.78 -33.79 -1.92
C ILE A 553 -17.87 -34.60 -2.59
N GLU A 554 -17.66 -35.01 -3.84
CA GLU A 554 -18.67 -35.81 -4.51
C GLU A 554 -18.82 -37.18 -3.87
N ARG A 555 -17.71 -37.84 -3.58
CA ARG A 555 -17.82 -39.15 -2.96
C ARG A 555 -18.56 -39.07 -1.65
N ASN A 556 -18.22 -38.10 -0.82
CA ASN A 556 -18.86 -38.06 0.48
C ASN A 556 -20.31 -37.59 0.38
N TYR A 557 -20.62 -36.70 -0.55
CA TYR A 557 -21.99 -36.30 -0.76
C TYR A 557 -22.86 -37.50 -1.11
N ASN A 558 -22.42 -38.28 -2.09
CA ASN A 558 -23.22 -39.42 -2.48
C ASN A 558 -23.40 -40.40 -1.34
N ARG A 559 -22.33 -40.64 -0.58
CA ARG A 559 -22.46 -41.58 0.52
C ARG A 559 -23.44 -41.07 1.56
N ALA A 560 -23.40 -39.78 1.87
CA ALA A 560 -24.32 -39.25 2.85
C ALA A 560 -25.74 -39.31 2.36
N ARG A 561 -25.92 -39.37 1.04
CA ARG A 561 -27.27 -39.60 0.54
C ARG A 561 -27.70 -41.04 0.72
N GLN A 562 -26.80 -41.99 0.48
CA GLN A 562 -27.20 -43.39 0.53
C GLN A 562 -27.68 -43.79 1.91
N LEU A 563 -27.33 -43.02 2.94
CA LEU A 563 -27.71 -43.38 4.31
C LEU A 563 -29.16 -42.99 4.61
N LEU A 564 -29.56 -41.78 4.22
CA LEU A 564 -30.89 -41.31 4.57
C LEU A 564 -31.97 -42.06 3.82
N THR A 565 -31.72 -42.42 2.57
CA THR A 565 -32.71 -43.15 1.80
C THR A 565 -33.05 -44.47 2.48
N ASP A 566 -32.04 -45.17 2.98
CA ASP A 566 -32.32 -46.43 3.64
C ASP A 566 -32.99 -46.20 4.99
N ASN A 567 -32.55 -45.19 5.73
CA ASN A 567 -33.10 -44.91 7.06
C ASN A 567 -34.15 -43.79 7.03
N MET A 568 -35.18 -43.97 6.21
CA MET A 568 -36.22 -42.95 6.16
C MET A 568 -37.11 -42.98 7.38
N ASP A 569 -37.28 -44.13 8.00
CA ASP A 569 -38.19 -44.22 9.13
C ASP A 569 -37.62 -43.50 10.35
N ILE A 570 -36.31 -43.37 10.42
CA ILE A 570 -35.74 -42.64 11.55
C ILE A 570 -36.03 -41.16 11.40
N LEU A 571 -35.95 -40.63 10.19
CA LEU A 571 -36.07 -39.19 10.00
C LEU A 571 -37.43 -38.68 10.40
N HIS A 572 -38.49 -39.38 10.03
CA HIS A 572 -39.83 -38.95 10.41
C HIS A 572 -40.01 -39.02 11.92
N ALA A 573 -39.58 -40.13 12.52
CA ALA A 573 -39.78 -40.27 13.95
C ALA A 573 -39.02 -39.20 14.69
N MET A 574 -37.78 -38.92 14.29
CA MET A 574 -37.02 -37.91 14.98
C MET A 574 -37.57 -36.52 14.69
N LYS A 575 -38.23 -36.35 13.55
CA LYS A 575 -38.89 -35.08 13.29
C LYS A 575 -40.05 -34.85 14.24
N ASP A 576 -40.81 -35.91 14.54
CA ASP A 576 -41.93 -35.76 15.46
C ASP A 576 -41.45 -35.33 16.83
N ALA A 577 -40.47 -36.04 17.39
CA ALA A 577 -40.04 -35.73 18.73
C ALA A 577 -39.51 -34.33 18.83
N LEU A 578 -38.72 -33.90 17.85
CA LEU A 578 -38.15 -32.56 17.91
C LEU A 578 -39.24 -31.52 17.98
N MET A 579 -40.40 -31.80 17.40
CA MET A 579 -41.48 -30.83 17.45
C MET A 579 -42.36 -31.05 18.66
N LYS A 580 -42.37 -32.27 19.20
CA LYS A 580 -43.10 -32.49 20.44
C LYS A 580 -42.43 -31.80 21.60
N TYR A 581 -41.22 -32.26 21.95
CA TYR A 581 -40.39 -31.60 22.95
C TYR A 581 -39.26 -30.94 22.19
N GLU A 582 -38.98 -29.68 22.52
CA GLU A 582 -38.10 -28.90 21.68
C GLU A 582 -36.66 -29.38 21.77
N THR A 583 -36.33 -30.20 22.75
CA THR A 583 -34.96 -30.63 22.97
C THR A 583 -34.91 -32.12 23.22
N ILE A 584 -33.95 -32.78 22.60
CA ILE A 584 -33.74 -34.20 22.79
C ILE A 584 -32.41 -34.40 23.49
N ASP A 585 -32.40 -35.22 24.53
CA ASP A 585 -31.18 -35.57 25.23
C ASP A 585 -30.55 -36.78 24.56
N ALA A 586 -29.35 -37.13 25.02
CA ALA A 586 -28.66 -38.30 24.49
C ALA A 586 -29.45 -39.60 24.63
N PRO A 587 -30.10 -39.90 25.75
CA PRO A 587 -30.74 -41.21 25.85
C PRO A 587 -31.80 -41.48 24.81
N GLN A 588 -32.54 -40.46 24.39
CA GLN A 588 -33.60 -40.68 23.44
C GLN A 588 -33.06 -40.88 22.04
N ILE A 589 -31.98 -40.18 21.70
CA ILE A 589 -31.37 -40.36 20.40
C ILE A 589 -31.01 -41.82 20.20
N ASP A 590 -30.48 -42.46 21.25
CA ASP A 590 -30.18 -43.87 21.15
C ASP A 590 -31.45 -44.68 20.98
N ASP A 591 -32.51 -44.30 21.68
CA ASP A 591 -33.78 -45.00 21.54
C ASP A 591 -34.27 -44.93 20.10
N LEU A 592 -34.26 -43.74 19.50
CA LEU A 592 -34.68 -43.60 18.12
C LEU A 592 -33.81 -44.42 17.21
N MET A 593 -32.50 -44.35 17.40
CA MET A 593 -31.61 -45.03 16.49
C MET A 593 -31.71 -46.54 16.61
N ALA A 594 -32.32 -47.04 17.68
CA ALA A 594 -32.52 -48.47 17.82
C ALA A 594 -33.88 -48.94 17.32
N ARG A 595 -34.74 -48.03 16.87
CA ARG A 595 -36.09 -48.36 16.46
C ARG A 595 -36.91 -48.95 17.60
N ARG A 596 -37.14 -48.13 18.63
CA ARG A 596 -38.06 -48.46 19.69
C ARG A 596 -38.71 -47.18 20.21
N ASP A 597 -39.68 -47.34 21.11
CA ASP A 597 -40.52 -46.22 21.54
C ASP A 597 -39.73 -45.23 22.38
N VAL A 598 -40.02 -43.94 22.20
CA VAL A 598 -39.20 -42.90 22.80
C VAL A 598 -39.66 -42.59 24.21
N ARG A 599 -38.70 -42.51 25.13
CA ARG A 599 -39.01 -42.10 26.49
C ARG A 599 -38.84 -40.58 26.65
N PRO A 600 -39.63 -39.96 27.52
CA PRO A 600 -39.62 -38.51 27.64
C PRO A 600 -38.34 -38.02 28.28
N PRO A 601 -38.03 -36.73 28.16
CA PRO A 601 -36.72 -36.24 28.57
C PRO A 601 -36.58 -36.17 30.09
N ALA A 602 -35.36 -35.97 30.54
CA ALA A 602 -35.12 -35.70 31.95
C ALA A 602 -35.80 -34.40 32.37
N GLY A 603 -36.79 -34.53 33.24
CA GLY A 603 -37.63 -33.40 33.59
C GLY A 603 -39.00 -33.47 32.93
N TRP A 604 -39.48 -32.32 32.52
CA TRP A 604 -40.72 -32.22 31.77
C TRP A 604 -41.90 -32.70 32.61
N MET B 141 -18.40 13.45 35.50
CA MET B 141 -19.56 14.05 34.86
C MET B 141 -20.80 13.29 35.21
N LEU B 142 -21.22 13.35 36.46
CA LEU B 142 -22.40 12.65 36.93
C LEU B 142 -23.32 13.66 37.62
N THR B 143 -24.63 13.51 37.44
CA THR B 143 -25.57 14.48 37.97
C THR B 143 -26.68 13.79 38.75
N GLU B 144 -27.03 14.38 39.89
CA GLU B 144 -28.11 13.86 40.69
C GLU B 144 -29.45 14.22 40.06
N ASP B 145 -30.34 13.25 39.98
CA ASP B 145 -31.59 13.39 39.27
C ASP B 145 -32.74 12.95 40.17
N GLN B 146 -33.94 13.42 39.85
CA GLN B 146 -35.18 12.95 40.46
C GLN B 146 -36.03 12.12 39.51
N ILE B 147 -36.22 12.58 38.27
CA ILE B 147 -37.07 11.91 37.30
C ILE B 147 -36.23 11.58 36.07
N LYS B 148 -36.20 10.31 35.69
CA LYS B 148 -35.46 9.85 34.53
C LYS B 148 -36.18 8.67 33.88
N THR B 149 -35.57 8.18 32.80
CA THR B 149 -36.14 7.11 32.01
C THR B 149 -36.22 5.79 32.79
N THR B 150 -37.35 5.11 32.69
CA THR B 150 -37.58 3.83 33.34
C THR B 150 -37.45 2.68 32.34
N PHE B 151 -38.01 1.54 32.71
CA PHE B 151 -37.98 0.38 31.82
C PHE B 151 -39.28 0.18 31.06
N ALA B 152 -40.43 0.47 31.69
CA ALA B 152 -41.72 0.19 31.06
C ALA B 152 -41.95 1.06 29.82
N ASP B 153 -41.16 2.12 29.67
CA ASP B 153 -41.29 2.99 28.51
C ASP B 153 -40.67 2.37 27.25
N VAL B 154 -39.60 1.64 27.41
CA VAL B 154 -39.00 0.99 26.25
C VAL B 154 -39.86 -0.19 25.87
N ALA B 155 -39.79 -0.60 24.61
CA ALA B 155 -40.58 -1.69 24.10
C ALA B 155 -39.67 -2.67 23.38
N GLY B 156 -40.19 -3.85 23.11
CA GLY B 156 -39.45 -4.83 22.39
C GLY B 156 -38.31 -5.35 23.22
N CYS B 157 -37.42 -6.07 22.54
CA CYS B 157 -36.21 -6.62 23.13
C CYS B 157 -36.46 -7.20 24.52
N ASP B 158 -37.33 -8.21 24.56
CA ASP B 158 -37.72 -8.77 25.85
C ASP B 158 -36.56 -9.47 26.54
N GLU B 159 -35.69 -10.13 25.79
CA GLU B 159 -34.54 -10.78 26.42
C GLU B 159 -33.61 -9.76 27.06
N ALA B 160 -33.35 -8.68 26.33
CA ALA B 160 -32.54 -7.61 26.89
C ALA B 160 -33.22 -7.01 28.10
N LYS B 161 -34.54 -6.85 28.03
CA LYS B 161 -35.27 -6.38 29.19
C LYS B 161 -35.09 -7.32 30.37
N GLU B 162 -35.06 -8.62 30.10
CA GLU B 162 -34.92 -9.58 31.17
C GLU B 162 -33.56 -9.45 31.85
N GLU B 163 -32.49 -9.42 31.07
CA GLU B 163 -31.18 -9.27 31.68
C GLU B 163 -31.08 -7.93 32.41
N VAL B 164 -31.69 -6.89 31.87
CA VAL B 164 -31.70 -5.62 32.57
C VAL B 164 -32.37 -5.75 33.94
N ALA B 165 -33.53 -6.41 33.99
CA ALA B 165 -34.26 -6.50 35.26
C ALA B 165 -33.53 -7.40 36.25
N GLU B 166 -32.79 -8.38 35.75
CA GLU B 166 -31.91 -9.12 36.64
C GLU B 166 -30.89 -8.19 37.26
N LEU B 167 -30.23 -7.38 36.44
CA LEU B 167 -29.23 -6.50 37.00
C LEU B 167 -29.86 -5.52 37.99
N VAL B 168 -31.08 -5.06 37.69
CA VAL B 168 -31.76 -4.11 38.57
C VAL B 168 -32.06 -4.77 39.91
N GLU B 169 -32.59 -6.00 39.89
CA GLU B 169 -32.82 -6.72 41.14
C GLU B 169 -31.53 -6.82 41.94
N TYR B 170 -30.44 -7.13 41.25
CA TYR B 170 -29.16 -7.33 41.91
C TYR B 170 -28.63 -6.03 42.52
N LEU B 171 -28.91 -4.88 41.90
CA LEU B 171 -28.15 -3.67 42.22
C LEU B 171 -28.15 -3.39 43.71
N ARG B 172 -29.25 -3.68 44.39
CA ARG B 172 -29.29 -3.74 45.84
C ARG B 172 -29.88 -5.10 46.23
N GLU B 173 -30.00 -5.32 47.53
CA GLU B 173 -30.48 -6.59 48.09
C GLU B 173 -29.59 -7.77 47.70
N PRO B 174 -28.28 -7.64 47.86
CA PRO B 174 -27.41 -8.76 47.50
C PRO B 174 -27.63 -9.98 48.37
N SER B 175 -28.18 -9.79 49.55
CA SER B 175 -28.34 -10.92 50.46
C SER B 175 -29.26 -11.98 49.89
N ARG B 176 -30.04 -11.64 48.87
CA ARG B 176 -30.88 -12.65 48.24
C ARG B 176 -30.03 -13.77 47.66
N PHE B 177 -28.77 -13.49 47.40
CA PHE B 177 -27.89 -14.49 46.81
C PHE B 177 -27.13 -15.20 47.92
N GLN B 178 -27.81 -16.18 48.51
CA GLN B 178 -27.23 -17.17 49.40
C GLN B 178 -26.58 -18.29 48.62
N LYS B 179 -26.68 -18.29 47.30
CA LYS B 179 -25.99 -19.26 46.47
C LYS B 179 -24.69 -18.70 45.92
N LEU B 180 -24.04 -17.81 46.66
CA LEU B 180 -22.84 -17.11 46.22
C LEU B 180 -23.11 -16.32 44.96
N GLY B 181 -23.97 -15.31 45.05
CA GLY B 181 -24.21 -14.43 43.92
C GLY B 181 -22.92 -14.02 43.21
N GLY B 182 -21.84 -13.87 43.96
CA GLY B 182 -20.61 -14.22 43.35
C GLY B 182 -20.11 -13.27 42.31
N LYS B 183 -19.62 -12.10 42.71
CA LYS B 183 -19.09 -11.17 41.71
C LYS B 183 -20.19 -10.74 40.77
N ILE B 184 -21.12 -9.94 41.30
CA ILE B 184 -22.19 -9.28 40.57
C ILE B 184 -21.64 -8.93 39.20
N PRO B 185 -22.38 -9.20 38.12
CA PRO B 185 -21.79 -9.19 36.77
C PRO B 185 -20.98 -7.95 36.50
N LYS B 186 -19.74 -8.15 36.03
CA LYS B 186 -18.81 -7.06 35.74
C LYS B 186 -18.63 -6.97 34.24
N GLY B 187 -18.91 -5.81 33.69
CA GLY B 187 -18.77 -5.73 32.25
C GLY B 187 -20.00 -6.26 31.54
N VAL B 188 -20.63 -5.40 30.75
CA VAL B 188 -21.76 -5.78 29.91
C VAL B 188 -21.54 -5.15 28.56
N LEU B 189 -21.55 -5.96 27.51
CA LEU B 189 -21.21 -5.49 26.18
C LEU B 189 -22.43 -5.63 25.28
N MET B 190 -22.83 -4.54 24.65
CA MET B 190 -23.91 -4.58 23.67
C MET B 190 -23.31 -4.48 22.28
N VAL B 191 -23.35 -5.57 21.53
CA VAL B 191 -22.82 -5.61 20.18
C VAL B 191 -23.92 -5.47 19.14
N GLY B 192 -25.07 -4.91 19.50
CA GLY B 192 -26.17 -4.74 18.59
C GLY B 192 -25.88 -3.71 17.53
N PRO B 193 -26.70 -3.70 16.48
CA PRO B 193 -26.52 -2.73 15.42
C PRO B 193 -26.72 -1.32 15.94
N PRO B 194 -25.98 -0.35 15.42
CA PRO B 194 -26.18 1.04 15.85
C PRO B 194 -27.54 1.55 15.40
N GLY B 195 -28.22 2.22 16.32
CA GLY B 195 -29.45 2.91 15.99
C GLY B 195 -30.72 2.33 16.57
N THR B 196 -30.68 1.13 17.17
CA THR B 196 -31.88 0.52 17.76
C THR B 196 -31.61 0.31 19.22
N GLY B 197 -31.86 1.35 20.02
CA GLY B 197 -31.74 1.22 21.46
C GLY B 197 -30.41 0.66 21.96
N LYS B 198 -29.33 0.83 21.19
CA LYS B 198 -28.03 0.36 21.64
C LYS B 198 -27.65 1.02 22.95
N THR B 199 -28.17 2.22 23.19
CA THR B 199 -27.90 2.96 24.41
C THR B 199 -29.18 3.37 25.10
N LEU B 200 -30.28 2.66 24.88
CA LEU B 200 -31.50 3.00 25.58
C LEU B 200 -31.73 2.14 26.79
N LEU B 201 -31.13 0.95 26.81
CA LEU B 201 -31.04 0.18 28.04
C LEU B 201 -30.08 0.81 29.03
N ALA B 202 -29.14 1.62 28.56
CA ALA B 202 -28.32 2.40 29.48
C ALA B 202 -29.16 3.49 30.17
N LYS B 203 -29.96 4.21 29.41
CA LYS B 203 -30.83 5.23 30.00
C LYS B 203 -31.85 4.58 30.93
N ALA B 204 -32.41 3.47 30.49
CA ALA B 204 -33.35 2.76 31.34
C ALA B 204 -32.70 2.34 32.64
N ILE B 205 -31.47 1.81 32.57
CA ILE B 205 -30.76 1.36 33.77
C ILE B 205 -30.48 2.55 34.69
N ALA B 206 -30.03 3.67 34.12
CA ALA B 206 -29.70 4.83 34.93
C ALA B 206 -30.91 5.34 35.69
N GLY B 207 -32.06 5.40 35.02
CA GLY B 207 -33.26 5.77 35.73
C GLY B 207 -33.70 4.74 36.74
N GLU B 208 -33.54 3.47 36.41
CA GLU B 208 -34.12 2.40 37.20
C GLU B 208 -33.43 2.31 38.55
N ALA B 209 -34.03 1.52 39.46
CA ALA B 209 -33.50 1.18 40.78
C ALA B 209 -33.56 2.32 41.78
N LYS B 210 -34.08 3.48 41.37
CA LYS B 210 -34.10 4.68 42.19
C LYS B 210 -32.69 5.09 42.60
N VAL B 211 -31.72 4.69 41.79
CA VAL B 211 -30.34 5.14 42.00
C VAL B 211 -30.15 6.45 41.25
N PRO B 212 -29.92 7.54 41.95
CA PRO B 212 -30.03 8.89 41.34
C PRO B 212 -28.75 9.37 40.68
N PHE B 213 -28.33 8.68 39.63
CA PHE B 213 -27.23 9.10 38.77
C PHE B 213 -27.28 8.25 37.52
N PHE B 214 -26.45 8.60 36.54
CA PHE B 214 -26.57 8.07 35.20
C PHE B 214 -25.24 7.45 34.77
N THR B 215 -25.13 7.22 33.47
CA THR B 215 -23.84 7.01 32.86
C THR B 215 -22.81 7.98 33.40
N ILE B 216 -21.60 7.48 33.61
CA ILE B 216 -20.51 8.35 34.02
C ILE B 216 -19.91 9.05 32.82
N SER B 217 -20.33 8.70 31.62
CA SER B 217 -19.82 9.37 30.43
C SER B 217 -20.84 10.37 29.95
N GLY B 218 -20.42 11.63 29.82
CA GLY B 218 -21.31 12.72 29.49
C GLY B 218 -21.30 13.81 30.54
N ALA B 230 -5.89 8.31 26.76
CA ALA B 230 -6.05 9.03 28.02
C ALA B 230 -5.75 8.11 29.19
N SER B 231 -5.90 8.62 30.41
CA SER B 231 -5.50 7.88 31.59
C SER B 231 -6.43 8.07 32.79
N ARG B 232 -7.15 9.18 32.85
CA ARG B 232 -7.64 9.66 34.13
C ARG B 232 -8.74 8.81 34.74
N VAL B 233 -9.02 7.62 34.21
CA VAL B 233 -10.14 6.82 34.73
C VAL B 233 -10.01 6.64 36.23
N ARG B 234 -8.78 6.61 36.75
CA ARG B 234 -8.60 6.33 38.16
C ARG B 234 -9.35 7.33 39.02
N ASP B 235 -9.57 8.54 38.51
CA ASP B 235 -10.41 9.44 39.27
C ASP B 235 -11.84 8.95 39.29
N MET B 236 -12.27 8.29 38.21
CA MET B 236 -13.59 7.67 38.23
C MET B 236 -13.63 6.58 39.27
N PHE B 237 -12.59 5.76 39.33
CA PHE B 237 -12.53 4.74 40.35
C PHE B 237 -12.60 5.33 41.74
N GLU B 238 -11.93 6.45 41.94
CA GLU B 238 -11.91 7.07 43.26
C GLU B 238 -13.27 7.66 43.62
N GLN B 239 -13.88 8.43 42.72
CA GLN B 239 -15.15 9.08 43.05
C GLN B 239 -16.25 8.05 43.21
N ALA B 240 -16.20 6.97 42.44
CA ALA B 240 -17.25 5.95 42.47
C ALA B 240 -17.05 4.96 43.61
N LYS B 241 -17.03 5.49 44.84
CA LYS B 241 -16.95 4.66 46.03
C LYS B 241 -18.04 4.97 47.04
N LYS B 242 -18.51 6.22 47.11
CA LYS B 242 -19.46 6.65 48.11
C LYS B 242 -20.66 7.28 47.43
N ALA B 243 -21.86 6.89 47.86
CA ALA B 243 -23.11 7.40 47.31
C ALA B 243 -23.13 7.25 45.78
N ALA B 244 -22.68 6.10 45.29
CA ALA B 244 -22.58 5.84 43.87
C ALA B 244 -23.78 5.03 43.41
N PRO B 245 -24.65 5.57 42.56
CA PRO B 245 -25.95 4.95 42.25
C PRO B 245 -25.86 3.79 41.26
N CYS B 246 -25.06 2.79 41.66
CA CYS B 246 -25.09 1.38 41.30
C CYS B 246 -24.51 0.98 39.94
N ILE B 247 -23.94 1.89 39.15
CA ILE B 247 -23.43 1.57 37.83
C ILE B 247 -22.29 2.50 37.48
N ILE B 248 -21.67 2.26 36.35
CA ILE B 248 -21.02 3.30 35.56
C ILE B 248 -21.18 2.90 34.10
N PHE B 249 -21.53 3.85 33.24
CA PHE B 249 -21.67 3.60 31.80
C PHE B 249 -20.68 4.45 31.02
N ILE B 250 -19.90 3.82 30.14
CA ILE B 250 -18.77 4.48 29.50
C ILE B 250 -18.75 4.29 27.99
N ASP B 251 -19.42 5.18 27.27
CA ASP B 251 -19.50 5.09 25.80
C ASP B 251 -18.79 6.30 25.22
N GLN B 252 -17.49 6.15 24.97
CA GLN B 252 -16.81 6.98 23.99
C GLN B 252 -16.39 6.17 22.77
N ILE B 253 -16.66 4.87 22.76
CA ILE B 253 -16.51 4.05 21.57
C ILE B 253 -17.86 3.48 21.22
N ARG B 271 -4.19 -0.78 29.26
CA ARG B 271 -5.21 0.25 29.46
C ARG B 271 -6.51 -0.35 29.98
N GLU B 272 -6.44 -1.57 30.50
CA GLU B 272 -7.60 -2.30 31.00
C GLU B 272 -7.51 -2.59 32.50
N GLN B 273 -6.79 -1.77 33.25
CA GLN B 273 -6.69 -1.99 34.69
C GLN B 273 -8.02 -1.81 35.40
N THR B 274 -9.07 -1.52 34.63
CA THR B 274 -10.41 -1.37 35.20
C THR B 274 -10.82 -2.61 35.99
N LEU B 275 -10.40 -3.79 35.54
CA LEU B 275 -10.82 -5.00 36.24
C LEU B 275 -10.24 -5.06 37.64
N ASN B 276 -8.93 -4.88 37.78
CA ASN B 276 -8.31 -4.92 39.10
C ASN B 276 -8.85 -3.78 39.97
N GLN B 277 -8.95 -2.58 39.41
CA GLN B 277 -9.40 -1.45 40.21
C GLN B 277 -10.84 -1.65 40.68
N MET B 278 -11.71 -2.04 39.77
CA MET B 278 -13.11 -2.25 40.10
C MET B 278 -13.25 -3.37 41.11
N LEU B 279 -12.46 -4.43 40.97
CA LEU B 279 -12.51 -5.51 41.94
C LEU B 279 -12.12 -5.01 43.32
N VAL B 280 -11.03 -4.23 43.39
CA VAL B 280 -10.57 -3.73 44.69
C VAL B 280 -11.65 -2.87 45.32
N GLU B 281 -12.27 -1.99 44.53
CA GLU B 281 -13.30 -1.12 45.07
C GLU B 281 -14.51 -1.91 45.55
N MET B 282 -15.01 -2.81 44.69
CA MET B 282 -16.25 -3.52 45.00
C MET B 282 -16.05 -4.51 46.13
N ASP B 283 -14.81 -4.95 46.36
CA ASP B 283 -14.55 -5.85 47.47
C ASP B 283 -14.34 -5.08 48.77
N GLY B 284 -13.54 -4.01 48.75
CA GLY B 284 -13.14 -3.38 49.99
C GLY B 284 -13.99 -2.16 50.35
N PHE B 285 -14.11 -1.21 49.42
CA PHE B 285 -14.69 0.09 49.74
C PHE B 285 -16.13 0.26 49.27
N GLU B 286 -16.73 -0.78 48.70
CA GLU B 286 -18.13 -0.70 48.26
C GLU B 286 -18.98 -1.69 49.06
N GLY B 287 -19.93 -1.15 49.81
CA GLY B 287 -20.81 -1.98 50.59
C GLY B 287 -21.89 -2.62 49.75
N ASN B 288 -21.49 -3.51 48.85
CA ASN B 288 -22.42 -4.27 48.00
C ASN B 288 -23.27 -3.34 47.14
N GLU B 289 -22.79 -2.12 46.88
CA GLU B 289 -23.56 -1.22 46.02
C GLU B 289 -23.55 -1.69 44.58
N GLY B 290 -22.56 -2.51 44.22
CA GLY B 290 -22.56 -3.13 42.90
C GLY B 290 -22.36 -2.18 41.75
N ILE B 291 -21.42 -1.25 41.87
CA ILE B 291 -21.10 -0.36 40.76
C ILE B 291 -20.20 -1.07 39.77
N ILE B 292 -20.77 -1.43 38.62
CA ILE B 292 -20.03 -2.16 37.60
C ILE B 292 -20.15 -1.41 36.28
N VAL B 293 -19.30 -1.77 35.34
CA VAL B 293 -19.22 -1.10 34.05
C VAL B 293 -20.20 -1.76 33.10
N ILE B 294 -20.98 -0.96 32.39
CA ILE B 294 -21.83 -1.42 31.31
C ILE B 294 -21.57 -0.51 30.13
N ALA B 295 -21.29 -1.09 28.96
CA ALA B 295 -20.76 -0.31 27.86
C ALA B 295 -21.38 -0.74 26.54
N ALA B 296 -21.37 0.20 25.58
CA ALA B 296 -21.97 0.01 24.26
C ALA B 296 -21.04 0.56 23.18
N THR B 297 -20.86 -0.21 22.12
CA THR B 297 -20.05 0.20 21.00
C THR B 297 -20.40 -0.62 19.77
N ASN B 298 -19.89 -0.19 18.63
CA ASN B 298 -20.10 -0.87 17.38
C ASN B 298 -18.99 -0.57 16.40
N ARG B 309 -11.88 -11.00 26.55
CA ARG B 309 -11.80 -12.27 27.26
C ARG B 309 -12.79 -12.31 28.43
N PRO B 310 -13.15 -13.52 28.86
CA PRO B 310 -13.99 -13.65 30.05
C PRO B 310 -13.34 -13.05 31.27
N GLY B 311 -14.16 -12.50 32.16
CA GLY B 311 -13.71 -11.87 33.38
C GLY B 311 -13.77 -10.36 33.35
N ARG B 312 -13.52 -9.75 32.19
CA ARG B 312 -13.68 -8.32 32.01
C ARG B 312 -14.98 -7.96 31.31
N PHE B 313 -15.36 -8.73 30.29
CA PHE B 313 -16.67 -8.59 29.67
C PHE B 313 -17.33 -9.98 29.72
N ASP B 314 -17.99 -10.26 30.84
CA ASP B 314 -18.52 -11.59 31.07
C ASP B 314 -19.79 -11.84 30.28
N ARG B 315 -20.77 -10.95 30.40
CA ARG B 315 -22.05 -11.11 29.73
C ARG B 315 -22.26 -9.99 28.71
N GLN B 316 -22.46 -10.37 27.46
CA GLN B 316 -22.73 -9.45 26.37
C GLN B 316 -24.15 -9.67 25.86
N VAL B 317 -24.96 -8.63 25.92
CA VAL B 317 -26.38 -8.71 25.62
C VAL B 317 -26.65 -7.98 24.31
N VAL B 318 -27.39 -8.62 23.43
CA VAL B 318 -27.61 -8.10 22.08
C VAL B 318 -28.88 -7.27 22.09
N VAL B 319 -28.79 -6.04 21.60
CA VAL B 319 -29.93 -5.17 21.44
C VAL B 319 -30.22 -5.03 19.95
N GLY B 320 -31.11 -5.88 19.43
CA GLY B 320 -31.24 -6.03 17.99
C GLY B 320 -32.41 -5.29 17.40
N LEU B 321 -32.47 -5.35 16.06
CA LEU B 321 -33.56 -4.71 15.33
C LEU B 321 -34.88 -5.43 15.60
N PRO B 322 -35.98 -4.71 15.73
CA PRO B 322 -37.21 -5.33 16.17
C PRO B 322 -37.79 -6.24 15.10
N ASP B 323 -38.55 -7.22 15.55
CA ASP B 323 -39.35 -7.97 14.61
C ASP B 323 -40.65 -7.23 14.35
N VAL B 324 -41.43 -7.74 13.39
CA VAL B 324 -42.66 -7.07 13.01
C VAL B 324 -43.60 -6.97 14.19
N ARG B 325 -43.65 -8.00 15.03
CA ARG B 325 -44.40 -7.89 16.26
C ARG B 325 -43.91 -6.72 17.09
N GLY B 326 -42.60 -6.55 17.20
CA GLY B 326 -42.07 -5.43 17.95
C GLY B 326 -42.40 -4.11 17.29
N ARG B 327 -42.45 -4.10 15.98
CA ARG B 327 -42.81 -2.88 15.27
C ARG B 327 -44.19 -2.44 15.68
N GLU B 328 -45.12 -3.38 15.75
CA GLU B 328 -46.46 -3.02 16.18
C GLU B 328 -46.44 -2.35 17.54
N GLN B 329 -45.69 -2.93 18.47
CA GLN B 329 -45.68 -2.40 19.82
C GLN B 329 -45.18 -0.98 19.86
N ILE B 330 -44.01 -0.74 19.27
CA ILE B 330 -43.42 0.59 19.40
C ILE B 330 -44.28 1.62 18.69
N LEU B 331 -44.85 1.23 17.54
CA LEU B 331 -45.73 2.15 16.84
C LEU B 331 -46.93 2.51 17.69
N LYS B 332 -47.45 1.55 18.43
CA LYS B 332 -48.55 1.89 19.33
C LYS B 332 -48.06 2.79 20.45
N VAL B 333 -46.85 2.57 20.94
CA VAL B 333 -46.38 3.33 22.10
C VAL B 333 -46.25 4.81 21.77
N HIS B 334 -45.57 5.15 20.69
CA HIS B 334 -45.50 6.56 20.35
C HIS B 334 -46.81 7.10 19.82
N MET B 335 -47.80 6.24 19.62
CA MET B 335 -49.04 6.67 18.99
C MET B 335 -49.96 7.37 19.96
N ARG B 336 -49.59 7.43 21.23
CA ARG B 336 -50.51 7.92 22.25
C ARG B 336 -50.97 9.35 21.97
N ARG B 337 -50.12 10.17 21.34
CA ARG B 337 -50.27 11.61 21.48
C ARG B 337 -51.26 12.21 20.50
N VAL B 338 -51.79 11.41 19.59
CA VAL B 338 -52.55 12.02 18.51
C VAL B 338 -53.99 11.52 18.48
N PRO B 339 -54.87 12.10 17.65
CA PRO B 339 -56.10 11.40 17.30
C PRO B 339 -55.84 10.36 16.24
N LEU B 340 -56.81 9.47 16.05
CA LEU B 340 -56.71 8.43 15.04
C LEU B 340 -57.97 8.47 14.19
N ALA B 341 -57.78 8.48 12.88
CA ALA B 341 -58.86 8.20 11.97
C ALA B 341 -59.09 6.69 11.94
N PRO B 342 -60.31 6.24 11.64
CA PRO B 342 -60.64 4.84 11.90
C PRO B 342 -59.79 3.85 11.14
N ASP B 343 -59.35 4.20 9.93
CA ASP B 343 -58.80 3.21 9.01
C ASP B 343 -57.36 2.81 9.33
N ILE B 344 -56.77 3.33 10.41
CA ILE B 344 -55.39 3.03 10.71
C ILE B 344 -55.22 1.56 11.01
N ASP B 345 -54.29 0.92 10.30
CA ASP B 345 -53.89 -0.45 10.56
C ASP B 345 -52.41 -0.48 10.85
N ALA B 346 -52.05 -0.62 12.12
CA ALA B 346 -50.66 -0.45 12.50
C ALA B 346 -49.78 -1.52 11.89
N ALA B 347 -50.32 -2.73 11.74
CA ALA B 347 -49.48 -3.82 11.28
C ALA B 347 -48.93 -3.57 9.89
N ILE B 348 -49.74 -3.00 8.99
CA ILE B 348 -49.28 -2.78 7.62
C ILE B 348 -48.17 -1.74 7.60
N ILE B 349 -48.35 -0.66 8.33
CA ILE B 349 -47.31 0.35 8.42
C ILE B 349 -46.05 -0.26 9.02
N ALA B 350 -46.20 -1.12 10.01
CA ALA B 350 -45.05 -1.80 10.58
C ALA B 350 -44.39 -2.67 9.53
N ARG B 351 -45.18 -3.35 8.75
CA ARG B 351 -44.65 -4.30 7.79
C ARG B 351 -43.81 -3.61 6.75
N GLY B 352 -44.22 -2.41 6.34
CA GLY B 352 -43.53 -1.71 5.28
C GLY B 352 -42.19 -1.12 5.71
N THR B 353 -41.89 -1.16 6.99
CA THR B 353 -40.61 -0.65 7.44
C THR B 353 -39.68 -1.77 7.86
N PRO B 354 -39.02 -2.45 6.95
CA PRO B 354 -38.15 -3.54 7.35
C PRO B 354 -36.82 -3.00 7.82
N GLY B 355 -36.50 -3.25 9.08
CA GLY B 355 -35.25 -2.79 9.63
C GLY B 355 -35.27 -1.37 10.13
N PHE B 356 -36.42 -0.72 10.16
CA PHE B 356 -36.49 0.56 10.83
C PHE B 356 -36.33 0.36 12.32
N SER B 357 -35.52 1.20 12.94
CA SER B 357 -35.26 1.15 14.37
C SER B 357 -36.45 1.68 15.14
N GLY B 358 -36.21 1.95 16.42
CA GLY B 358 -37.14 2.77 17.16
C GLY B 358 -37.15 4.19 16.65
N ALA B 359 -35.99 4.71 16.28
CA ALA B 359 -35.94 6.09 15.84
C ALA B 359 -36.78 6.28 14.58
N ASP B 360 -36.65 5.36 13.62
CA ASP B 360 -37.32 5.55 12.35
C ASP B 360 -38.84 5.57 12.52
N LEU B 361 -39.35 4.69 13.37
CA LEU B 361 -40.77 4.73 13.66
C LEU B 361 -41.15 6.03 14.33
N ALA B 362 -40.31 6.50 15.24
CA ALA B 362 -40.63 7.76 15.90
C ALA B 362 -40.82 8.84 14.86
N ASN B 363 -39.97 8.84 13.85
CA ASN B 363 -40.09 9.85 12.81
C ASN B 363 -41.32 9.64 11.97
N LEU B 364 -41.63 8.39 11.66
CA LEU B 364 -42.80 8.14 10.85
C LEU B 364 -44.01 8.81 11.50
N VAL B 365 -44.17 8.62 12.80
CA VAL B 365 -45.30 9.27 13.47
C VAL B 365 -45.15 10.78 13.43
N ASN B 366 -43.97 11.28 13.75
CA ASN B 366 -43.83 12.72 13.86
C ASN B 366 -44.15 13.39 12.55
N GLU B 367 -43.64 12.85 11.45
CA GLU B 367 -43.88 13.45 10.16
C GLU B 367 -45.29 13.21 9.70
N ALA B 368 -45.96 12.17 10.19
CA ALA B 368 -47.37 12.10 9.92
C ALA B 368 -48.06 13.33 10.48
N ALA B 369 -47.71 13.69 11.71
CA ALA B 369 -48.32 14.87 12.32
C ALA B 369 -48.02 16.11 11.51
N LEU B 370 -46.76 16.33 11.20
CA LEU B 370 -46.39 17.50 10.44
C LEU B 370 -47.13 17.54 9.11
N PHE B 371 -47.16 16.42 8.40
CA PHE B 371 -47.75 16.39 7.08
C PHE B 371 -49.22 16.76 7.14
N ALA B 372 -49.92 16.20 8.11
CA ALA B 372 -51.33 16.52 8.23
C ALA B 372 -51.50 18.00 8.50
N ALA B 373 -50.62 18.56 9.32
CA ALA B 373 -50.73 19.98 9.63
C ALA B 373 -50.54 20.83 8.38
N ARG B 374 -49.65 20.41 7.48
CA ARG B 374 -49.35 21.22 6.30
C ARG B 374 -50.61 21.53 5.52
N GLY B 375 -51.45 20.53 5.28
CA GLY B 375 -52.71 20.81 4.63
C GLY B 375 -53.79 21.24 5.57
N ASN B 376 -53.49 21.28 6.87
CA ASN B 376 -54.47 21.63 7.90
C ASN B 376 -55.63 20.65 7.88
N LYS B 377 -55.32 19.38 8.13
CA LYS B 377 -56.32 18.33 8.25
C LYS B 377 -56.48 17.97 9.73
N ARG B 378 -57.72 18.00 10.22
CA ARG B 378 -57.95 17.73 11.64
C ARG B 378 -57.62 16.30 11.99
N VAL B 379 -57.98 15.36 11.12
CA VAL B 379 -57.86 13.92 11.38
C VAL B 379 -56.75 13.35 10.50
N VAL B 380 -55.89 12.53 11.08
CA VAL B 380 -54.71 11.99 10.40
C VAL B 380 -54.96 10.51 10.14
N SER B 381 -54.80 10.10 8.90
CA SER B 381 -55.10 8.73 8.53
C SER B 381 -53.93 8.11 7.82
N MET B 382 -54.15 6.90 7.32
CA MET B 382 -53.08 6.10 6.75
C MET B 382 -52.57 6.67 5.44
N VAL B 383 -53.32 7.57 4.81
CA VAL B 383 -52.89 8.09 3.52
C VAL B 383 -51.61 8.90 3.68
N GLU B 384 -51.67 9.93 4.50
CA GLU B 384 -50.46 10.69 4.75
C GLU B 384 -49.42 9.81 5.43
N PHE B 385 -49.86 8.79 6.14
CA PHE B 385 -48.89 7.89 6.75
C PHE B 385 -48.02 7.27 5.68
N GLU B 386 -48.64 6.71 4.65
CA GLU B 386 -47.86 6.16 3.54
C GLU B 386 -47.04 7.26 2.89
N LYS B 387 -47.59 8.47 2.85
CA LYS B 387 -46.82 9.55 2.26
C LYS B 387 -45.53 9.77 3.02
N ALA B 388 -45.60 9.71 4.33
CA ALA B 388 -44.42 9.96 5.15
C ALA B 388 -43.42 8.82 5.01
N LYS B 389 -43.91 7.58 5.05
CA LYS B 389 -43.03 6.45 4.82
C LYS B 389 -42.25 6.63 3.53
N ASP B 390 -42.97 6.99 2.47
CA ASP B 390 -42.33 7.17 1.18
C ASP B 390 -41.29 8.26 1.23
N LYS B 391 -41.64 9.41 1.79
CA LYS B 391 -40.67 10.50 1.85
C LYS B 391 -39.44 10.08 2.64
N ILE B 392 -39.60 9.12 3.53
CA ILE B 392 -38.45 8.68 4.31
C ILE B 392 -37.55 7.79 3.47
N MET B 393 -38.09 6.66 2.99
CA MET B 393 -37.25 5.73 2.26
C MET B 393 -36.71 6.35 0.98
N MET B 394 -37.60 6.89 0.16
CA MET B 394 -37.26 7.54 -1.09
C MET B 394 -37.25 9.03 -0.85
N GLY B 395 -36.67 9.77 -1.79
CA GLY B 395 -36.78 11.21 -1.71
C GLY B 395 -38.23 11.63 -1.77
N ALA B 396 -38.54 12.71 -1.07
CA ALA B 396 -39.88 13.25 -1.12
C ALA B 396 -40.26 13.59 -2.54
N GLU B 397 -41.55 13.48 -2.85
CA GLU B 397 -42.05 13.76 -4.18
C GLU B 397 -41.48 15.06 -4.70
N ARG B 398 -40.98 15.01 -5.91
CA ARG B 398 -40.37 16.15 -6.55
C ARG B 398 -41.14 16.41 -7.83
N ARG B 399 -42.23 17.17 -7.70
CA ARG B 399 -43.19 17.26 -8.77
C ARG B 399 -42.90 18.39 -9.74
N SER B 400 -42.05 19.33 -9.35
CA SER B 400 -41.85 20.50 -10.17
C SER B 400 -41.14 20.17 -11.47
N MET B 401 -40.41 19.05 -11.50
CA MET B 401 -39.68 18.68 -12.69
C MET B 401 -40.65 18.44 -13.83
N VAL B 402 -40.22 18.74 -15.02
CA VAL B 402 -41.05 18.60 -16.20
C VAL B 402 -40.46 17.48 -17.03
N MET B 403 -41.33 16.64 -17.54
CA MET B 403 -40.96 15.70 -18.59
C MET B 403 -41.94 15.92 -19.74
N THR B 404 -41.46 15.70 -20.95
CA THR B 404 -42.30 15.89 -22.11
C THR B 404 -43.47 14.91 -22.07
N GLU B 405 -44.30 14.98 -23.10
CA GLU B 405 -45.40 14.03 -23.21
C GLU B 405 -44.89 12.60 -23.39
N ALA B 406 -43.92 12.40 -24.27
CA ALA B 406 -43.48 11.05 -24.60
C ALA B 406 -42.69 10.43 -23.47
N GLN B 407 -41.90 11.23 -22.75
CA GLN B 407 -41.16 10.69 -21.62
C GLN B 407 -42.09 10.16 -20.54
N LYS B 408 -43.20 10.85 -20.30
CA LYS B 408 -44.21 10.34 -19.39
C LYS B 408 -44.74 9.00 -19.85
N GLU B 409 -44.84 8.83 -21.16
CA GLU B 409 -45.45 7.60 -21.68
C GLU B 409 -44.51 6.43 -21.56
N SER B 410 -43.25 6.61 -21.89
CA SER B 410 -42.32 5.50 -21.88
C SER B 410 -42.08 5.00 -20.48
N THR B 411 -41.93 5.91 -19.52
CA THR B 411 -41.66 5.50 -18.16
C THR B 411 -42.89 4.84 -17.54
N ALA B 412 -44.03 4.93 -18.20
CA ALA B 412 -45.21 4.26 -17.69
C ALA B 412 -45.21 2.79 -18.04
N TYR B 413 -44.73 2.44 -19.23
CA TYR B 413 -44.61 1.04 -19.59
C TYR B 413 -43.57 0.35 -18.72
N HIS B 414 -42.38 0.92 -18.64
CA HIS B 414 -41.28 0.27 -17.93
C HIS B 414 -41.57 0.12 -16.46
N GLN B 415 -42.29 1.06 -15.88
CA GLN B 415 -42.64 0.96 -14.48
C GLN B 415 -43.91 0.18 -14.25
N ALA B 416 -44.58 -0.22 -15.30
CA ALA B 416 -45.38 -1.42 -15.30
C ALA B 416 -44.48 -2.52 -15.84
N GLY B 417 -45.03 -3.65 -16.21
CA GLY B 417 -44.12 -4.68 -16.61
C GLY B 417 -43.37 -5.24 -15.42
N HIS B 418 -42.72 -4.38 -14.64
CA HIS B 418 -42.28 -4.81 -13.33
C HIS B 418 -43.45 -5.40 -12.57
N ALA B 419 -44.63 -4.82 -12.75
CA ALA B 419 -45.77 -5.19 -11.92
C ALA B 419 -46.49 -6.41 -12.47
N ILE B 420 -46.83 -6.38 -13.76
CA ILE B 420 -47.61 -7.47 -14.34
C ILE B 420 -46.86 -8.79 -14.23
N ILE B 421 -45.54 -8.73 -14.03
CA ILE B 421 -44.78 -9.97 -13.83
C ILE B 421 -44.73 -10.35 -12.36
N GLY B 422 -44.69 -9.36 -11.48
CA GLY B 422 -44.67 -9.67 -10.05
C GLY B 422 -45.81 -10.57 -9.63
N ARG B 423 -46.89 -10.59 -10.41
CA ARG B 423 -48.05 -11.37 -10.03
C ARG B 423 -48.00 -12.77 -10.61
N LEU B 424 -47.54 -12.93 -11.85
CA LEU B 424 -47.73 -14.19 -12.54
C LEU B 424 -46.60 -15.18 -12.24
N VAL B 425 -45.44 -14.70 -11.84
CA VAL B 425 -44.32 -15.53 -11.42
C VAL B 425 -44.64 -16.05 -10.03
N PRO B 426 -44.18 -17.25 -9.63
CA PRO B 426 -44.61 -17.81 -8.36
C PRO B 426 -43.77 -17.36 -7.18
N GLU B 427 -44.46 -17.22 -6.05
CA GLU B 427 -43.84 -16.97 -4.74
C GLU B 427 -43.08 -15.66 -4.70
N HIS B 428 -43.81 -14.56 -4.81
CA HIS B 428 -43.21 -13.24 -4.73
C HIS B 428 -43.95 -12.39 -3.71
N ASP B 429 -43.26 -11.39 -3.21
CA ASP B 429 -43.92 -10.40 -2.38
C ASP B 429 -44.97 -9.67 -3.22
N PRO B 430 -46.15 -9.42 -2.69
CA PRO B 430 -47.22 -8.82 -3.48
C PRO B 430 -46.92 -7.38 -3.79
N VAL B 431 -47.58 -6.88 -4.83
CA VAL B 431 -47.37 -5.52 -5.30
C VAL B 431 -48.24 -4.58 -4.50
N HIS B 432 -47.64 -3.57 -3.89
CA HIS B 432 -48.35 -2.59 -3.11
C HIS B 432 -48.67 -1.33 -3.91
N LYS B 433 -47.70 -0.76 -4.60
CA LYS B 433 -47.90 0.50 -5.29
C LYS B 433 -47.09 0.55 -6.58
N VAL B 434 -47.62 1.25 -7.57
CA VAL B 434 -46.92 1.55 -8.80
C VAL B 434 -47.12 3.02 -9.09
N THR B 435 -46.03 3.77 -9.15
CA THR B 435 -46.12 5.22 -9.22
C THR B 435 -45.12 5.74 -10.24
N ILE B 436 -45.34 6.99 -10.62
CA ILE B 436 -44.74 7.54 -11.82
C ILE B 436 -44.06 8.89 -11.59
N ILE B 437 -44.45 9.64 -10.57
CA ILE B 437 -43.81 10.95 -10.36
C ILE B 437 -42.45 10.74 -9.74
N PRO B 438 -41.46 11.56 -10.08
CA PRO B 438 -40.09 11.23 -9.71
C PRO B 438 -39.83 11.53 -8.25
N ARG B 439 -39.13 10.61 -7.58
CA ARG B 439 -38.69 10.79 -6.21
C ARG B 439 -37.17 10.75 -6.18
N GLY B 440 -36.55 11.86 -5.85
CA GLY B 440 -35.11 11.85 -5.81
C GLY B 440 -34.57 11.53 -7.17
N ARG B 441 -33.76 10.49 -7.26
CA ARG B 441 -33.05 10.19 -8.48
C ARG B 441 -33.75 9.15 -9.33
N ALA B 442 -34.96 8.75 -8.95
CA ALA B 442 -35.66 7.66 -9.60
C ALA B 442 -36.82 8.21 -10.42
N LEU B 443 -37.05 7.62 -11.57
CA LEU B 443 -38.12 8.12 -12.42
C LEU B 443 -39.47 7.52 -12.04
N GLY B 444 -39.48 6.26 -11.62
CA GLY B 444 -40.71 5.62 -11.19
C GLY B 444 -40.38 4.50 -10.24
N VAL B 445 -41.35 4.12 -9.42
CA VAL B 445 -41.14 3.14 -8.37
C VAL B 445 -42.25 2.10 -8.42
N THR B 446 -41.91 0.85 -8.16
CA THR B 446 -42.85 -0.19 -7.82
C THR B 446 -42.48 -0.74 -6.46
N PHE B 447 -43.44 -0.76 -5.54
CA PHE B 447 -43.18 -1.14 -4.16
C PHE B 447 -43.56 -2.59 -3.92
N PHE B 448 -42.98 -3.19 -2.89
CA PHE B 448 -43.30 -4.55 -2.50
C PHE B 448 -43.39 -4.64 -0.98
N LEU B 449 -44.18 -5.60 -0.51
CA LEU B 449 -44.44 -5.76 0.92
C LEU B 449 -44.02 -7.14 1.38
N PRO B 450 -43.05 -7.25 2.28
CA PRO B 450 -42.50 -8.58 2.58
C PRO B 450 -43.50 -9.60 3.13
N GLU B 451 -44.55 -9.18 3.81
CA GLU B 451 -45.55 -10.10 4.35
C GLU B 451 -44.92 -11.10 5.32
N GLY B 452 -44.03 -10.61 6.16
CA GLY B 452 -43.33 -11.46 7.10
C GLY B 452 -41.88 -11.01 7.20
N ASP B 453 -41.14 -11.73 8.02
CA ASP B 453 -39.72 -11.45 8.20
C ASP B 453 -38.89 -12.47 7.43
N ALA B 454 -37.72 -12.02 6.99
CA ALA B 454 -36.86 -12.81 6.12
C ALA B 454 -36.10 -13.82 6.96
N ILE B 455 -36.69 -15.00 7.13
CA ILE B 455 -35.96 -16.08 7.77
C ILE B 455 -34.95 -16.68 6.81
N SER B 456 -35.36 -16.97 5.58
CA SER B 456 -34.53 -17.59 4.58
C SER B 456 -35.25 -17.49 3.24
N ALA B 457 -34.63 -18.02 2.20
CA ALA B 457 -35.19 -17.90 0.87
C ALA B 457 -35.20 -19.26 0.18
N SER B 458 -36.23 -19.48 -0.62
CA SER B 458 -36.30 -20.66 -1.47
C SER B 458 -35.61 -20.41 -2.79
N ARG B 459 -35.11 -21.48 -3.39
CA ARG B 459 -34.55 -21.36 -4.72
C ARG B 459 -35.58 -20.83 -5.70
N GLN B 460 -36.83 -21.27 -5.55
CA GLN B 460 -37.88 -20.82 -6.44
C GLN B 460 -38.07 -19.33 -6.38
N LYS B 461 -38.09 -18.77 -5.18
CA LYS B 461 -38.39 -17.35 -5.06
C LYS B 461 -37.19 -16.52 -5.50
N LEU B 462 -36.00 -17.02 -5.23
CA LEU B 462 -34.79 -16.39 -5.74
C LEU B 462 -34.79 -16.35 -7.26
N GLU B 463 -35.21 -17.43 -7.90
CA GLU B 463 -35.31 -17.41 -9.35
C GLU B 463 -36.39 -16.45 -9.81
N SER B 464 -37.50 -16.36 -9.10
CA SER B 464 -38.58 -15.48 -9.53
C SER B 464 -38.19 -14.02 -9.49
N GLN B 465 -37.37 -13.63 -8.52
CA GLN B 465 -36.93 -12.24 -8.45
C GLN B 465 -36.31 -11.78 -9.76
N ILE B 466 -35.41 -12.59 -10.33
CA ILE B 466 -34.73 -12.21 -11.57
C ILE B 466 -35.75 -11.88 -12.63
N SER B 467 -36.70 -12.77 -12.84
CA SER B 467 -37.66 -12.59 -13.91
C SER B 467 -38.50 -11.35 -13.68
N THR B 468 -38.74 -10.99 -12.43
CA THR B 468 -39.44 -9.74 -12.19
C THR B 468 -38.56 -8.55 -12.53
N LEU B 469 -37.27 -8.66 -12.30
CA LEU B 469 -36.40 -7.51 -12.48
C LEU B 469 -36.28 -7.11 -13.94
N TYR B 470 -35.99 -8.05 -14.82
CA TYR B 470 -35.79 -7.74 -16.23
C TYR B 470 -37.09 -7.46 -16.95
N GLY B 471 -38.22 -7.62 -16.28
CA GLY B 471 -39.48 -7.51 -16.97
C GLY B 471 -39.69 -6.13 -17.58
N GLY B 472 -39.15 -5.11 -16.93
CA GLY B 472 -39.35 -3.77 -17.44
C GLY B 472 -38.67 -3.52 -18.77
N ARG B 473 -37.44 -3.98 -18.91
CA ARG B 473 -36.73 -3.79 -20.16
C ARG B 473 -37.42 -4.51 -21.30
N LEU B 474 -37.91 -5.72 -21.08
CA LEU B 474 -38.68 -6.40 -22.11
C LEU B 474 -39.95 -5.64 -22.45
N ALA B 475 -40.63 -5.11 -21.43
CA ALA B 475 -41.82 -4.33 -21.70
C ALA B 475 -41.50 -3.13 -22.58
N GLU B 476 -40.31 -2.57 -22.42
CA GLU B 476 -39.93 -1.42 -23.22
C GLU B 476 -39.52 -1.83 -24.62
N GLU B 477 -38.98 -3.03 -24.78
CA GLU B 477 -38.49 -3.43 -26.09
C GLU B 477 -39.60 -3.91 -27.00
N ILE B 478 -40.56 -4.68 -26.47
CA ILE B 478 -41.61 -5.23 -27.32
C ILE B 478 -42.41 -4.10 -27.95
N ILE B 479 -42.73 -3.07 -27.15
CA ILE B 479 -43.59 -2.00 -27.62
C ILE B 479 -42.86 -1.09 -28.58
N TYR B 480 -41.58 -0.84 -28.36
CA TYR B 480 -40.92 0.27 -29.03
C TYR B 480 -39.94 -0.12 -30.13
N GLY B 481 -39.37 -1.31 -30.10
CA GLY B 481 -38.33 -1.66 -31.03
C GLY B 481 -36.97 -1.67 -30.38
N PRO B 482 -36.11 -2.60 -30.77
CA PRO B 482 -34.84 -2.76 -30.08
C PRO B 482 -33.87 -1.65 -30.36
N GLU B 483 -34.22 -0.75 -31.26
CA GLU B 483 -33.36 0.39 -31.53
C GLU B 483 -33.60 1.52 -30.56
N HIS B 484 -34.77 1.56 -29.95
CA HIS B 484 -35.11 2.64 -29.03
C HIS B 484 -35.06 2.25 -27.56
N VAL B 485 -34.55 1.06 -27.23
CA VAL B 485 -34.43 0.69 -25.83
C VAL B 485 -33.31 1.48 -25.17
N SER B 486 -33.61 2.04 -24.01
CA SER B 486 -32.84 3.11 -23.42
C SER B 486 -31.98 2.62 -22.28
N THR B 487 -31.00 3.43 -21.90
CA THR B 487 -30.17 3.10 -20.77
C THR B 487 -30.84 3.44 -19.45
N GLY B 488 -32.06 2.99 -19.27
CA GLY B 488 -32.75 3.14 -18.01
C GLY B 488 -32.76 1.91 -17.16
N ALA B 489 -32.35 0.78 -17.70
CA ALA B 489 -32.37 -0.47 -16.97
C ALA B 489 -31.02 -0.81 -16.38
N SER B 490 -30.18 0.19 -16.15
CA SER B 490 -28.83 -0.07 -15.66
C SER B 490 -28.87 -0.62 -14.26
N ASN B 491 -29.60 0.03 -13.36
CA ASN B 491 -29.62 -0.47 -12.00
C ASN B 491 -30.39 -1.78 -11.90
N ASP B 492 -31.44 -1.94 -12.71
CA ASP B 492 -32.16 -3.21 -12.72
C ASP B 492 -31.25 -4.34 -13.16
N ILE B 493 -30.33 -4.06 -14.08
CA ILE B 493 -29.39 -5.08 -14.55
C ILE B 493 -28.39 -5.45 -13.47
N LYS B 494 -27.90 -4.46 -12.73
CA LYS B 494 -26.80 -4.72 -11.82
C LYS B 494 -27.19 -5.70 -10.74
N VAL B 495 -28.29 -5.42 -10.04
CA VAL B 495 -28.68 -6.28 -8.94
C VAL B 495 -29.05 -7.66 -9.45
N ALA B 496 -29.64 -7.72 -10.63
CA ALA B 496 -29.90 -9.03 -11.23
C ALA B 496 -28.62 -9.81 -11.39
N THR B 497 -27.57 -9.21 -11.92
CA THR B 497 -26.35 -9.99 -12.14
C THR B 497 -25.68 -10.30 -10.82
N ASN B 498 -25.85 -9.45 -9.82
CA ASN B 498 -25.27 -9.74 -8.52
C ASN B 498 -25.97 -10.91 -7.86
N LEU B 499 -27.29 -10.97 -7.93
CA LEU B 499 -28.00 -12.08 -7.35
C LEU B 499 -27.68 -13.36 -8.09
N ALA B 500 -27.52 -13.29 -9.40
CA ALA B 500 -27.32 -14.52 -10.17
C ALA B 500 -26.05 -15.24 -9.75
N ARG B 501 -24.96 -14.51 -9.54
CA ARG B 501 -23.69 -15.20 -9.31
C ARG B 501 -23.55 -15.64 -7.86
N ASN B 502 -24.27 -15.01 -6.95
CA ASN B 502 -24.33 -15.51 -5.59
C ASN B 502 -24.93 -16.89 -5.54
N MET B 503 -25.99 -17.14 -6.32
CA MET B 503 -26.63 -18.44 -6.28
C MET B 503 -25.64 -19.53 -6.66
N VAL B 504 -24.94 -19.35 -7.77
CA VAL B 504 -24.02 -20.37 -8.25
C VAL B 504 -22.79 -20.45 -7.35
N THR B 505 -22.25 -19.31 -6.95
CA THR B 505 -20.96 -19.33 -6.28
C THR B 505 -21.06 -19.81 -4.85
N GLN B 506 -21.99 -19.28 -4.06
CA GLN B 506 -21.89 -19.49 -2.63
C GLN B 506 -23.14 -20.04 -1.92
N TRP B 507 -24.17 -20.47 -2.61
CA TRP B 507 -25.26 -21.16 -1.96
C TRP B 507 -25.59 -22.48 -2.63
N GLY B 508 -24.64 -23.10 -3.31
CA GLY B 508 -24.96 -24.30 -4.03
C GLY B 508 -25.65 -23.99 -5.34
N PHE B 509 -26.78 -24.64 -5.57
CA PHE B 509 -27.76 -24.26 -6.59
C PHE B 509 -27.33 -24.45 -8.03
N SER B 510 -26.26 -25.16 -8.32
CA SER B 510 -25.90 -25.42 -9.70
C SER B 510 -25.40 -26.83 -9.83
N GLU B 511 -26.03 -27.61 -10.70
CA GLU B 511 -25.79 -29.04 -10.72
C GLU B 511 -24.38 -29.37 -11.21
N LYS B 512 -23.89 -28.63 -12.19
CA LYS B 512 -22.59 -28.97 -12.79
C LYS B 512 -21.46 -28.78 -11.79
N LEU B 513 -21.39 -27.62 -11.15
CA LEU B 513 -20.28 -27.36 -10.26
C LEU B 513 -20.43 -28.08 -8.93
N GLY B 514 -21.65 -28.14 -8.41
CA GLY B 514 -21.89 -28.82 -7.17
C GLY B 514 -21.77 -27.90 -5.98
N PRO B 515 -22.23 -28.34 -4.82
CA PRO B 515 -22.16 -27.51 -3.62
C PRO B 515 -20.75 -27.29 -3.10
N LEU B 516 -20.22 -26.10 -3.29
CA LEU B 516 -18.88 -25.72 -2.88
C LEU B 516 -18.84 -24.22 -2.75
N LEU B 517 -17.72 -23.69 -2.27
CA LEU B 517 -17.55 -22.26 -2.11
C LEU B 517 -16.40 -21.79 -2.99
N TYR B 518 -16.72 -21.18 -4.12
CA TYR B 518 -15.70 -20.66 -5.01
C TYR B 518 -15.39 -19.19 -4.78
N ALA B 519 -16.24 -18.47 -4.08
CA ALA B 519 -15.94 -17.08 -3.79
C ALA B 519 -14.65 -16.95 -3.04
N HIS B 536 -7.68 -18.38 -5.29
CA HIS B 536 -7.00 -18.65 -6.55
C HIS B 536 -7.54 -19.90 -7.19
N MET B 537 -8.36 -19.73 -8.23
CA MET B 537 -8.89 -20.84 -8.98
C MET B 537 -8.32 -20.82 -10.39
N SER B 538 -8.61 -21.87 -11.13
CA SER B 538 -8.00 -22.11 -12.41
C SER B 538 -8.59 -21.24 -13.48
N ASP B 539 -8.12 -21.44 -14.70
CA ASP B 539 -8.70 -20.72 -15.81
C ASP B 539 -9.89 -21.47 -16.38
N GLU B 540 -9.93 -22.79 -16.22
CA GLU B 540 -11.07 -23.53 -16.70
C GLU B 540 -12.28 -23.32 -15.80
N THR B 541 -12.07 -23.31 -14.49
CA THR B 541 -13.18 -23.10 -13.58
C THR B 541 -13.81 -21.74 -13.79
N ALA B 542 -13.00 -20.72 -14.06
CA ALA B 542 -13.54 -19.39 -14.25
C ALA B 542 -14.45 -19.34 -15.47
N ARG B 543 -14.35 -20.32 -16.34
CA ARG B 543 -15.21 -20.36 -17.52
C ARG B 543 -16.52 -21.07 -17.24
N ILE B 544 -16.48 -22.15 -16.47
CA ILE B 544 -17.70 -22.86 -16.15
C ILE B 544 -18.61 -22.01 -15.30
N ILE B 545 -18.05 -21.21 -14.39
CA ILE B 545 -18.89 -20.35 -13.57
C ILE B 545 -19.65 -19.38 -14.44
N ASP B 546 -18.97 -18.80 -15.44
CA ASP B 546 -19.62 -17.83 -16.29
C ASP B 546 -20.69 -18.48 -17.15
N GLN B 547 -20.42 -19.65 -17.69
CA GLN B 547 -21.44 -20.27 -18.50
C GLN B 547 -22.66 -20.62 -17.68
N GLU B 548 -22.46 -21.03 -16.42
CA GLU B 548 -23.61 -21.30 -15.57
C GLU B 548 -24.41 -20.03 -15.28
N VAL B 549 -23.73 -18.92 -14.98
CA VAL B 549 -24.44 -17.68 -14.70
C VAL B 549 -25.26 -17.25 -15.92
N LYS B 550 -24.65 -17.32 -17.09
CA LYS B 550 -25.36 -16.93 -18.30
C LYS B 550 -26.56 -17.82 -18.54
N ALA B 551 -26.42 -19.12 -18.29
CA ALA B 551 -27.54 -20.02 -18.52
C ALA B 551 -28.71 -19.68 -17.61
N LEU B 552 -28.41 -19.36 -16.35
CA LEU B 552 -29.48 -19.02 -15.42
C LEU B 552 -30.25 -17.78 -15.88
N ILE B 553 -29.51 -16.71 -16.15
CA ILE B 553 -30.18 -15.47 -16.55
C ILE B 553 -30.94 -15.66 -17.85
N GLU B 554 -30.40 -16.43 -18.78
CA GLU B 554 -31.10 -16.64 -20.04
C GLU B 554 -32.40 -17.40 -19.85
N ARG B 555 -32.40 -18.43 -19.00
CA ARG B 555 -33.64 -19.16 -18.80
C ARG B 555 -34.73 -18.25 -18.26
N ASN B 556 -34.41 -17.44 -17.26
CA ASN B 556 -35.47 -16.60 -16.72
C ASN B 556 -35.85 -15.45 -17.64
N TYR B 557 -34.90 -14.92 -18.40
CA TYR B 557 -35.22 -13.87 -19.34
C TYR B 557 -36.20 -14.35 -20.38
N ASN B 558 -36.03 -15.57 -20.85
CA ASN B 558 -37.00 -16.12 -21.79
C ASN B 558 -38.36 -16.29 -21.12
N ARG B 559 -38.40 -16.76 -19.88
CA ARG B 559 -39.70 -16.86 -19.23
C ARG B 559 -40.37 -15.50 -19.14
N ALA B 560 -39.61 -14.47 -18.82
CA ALA B 560 -40.19 -13.15 -18.67
C ALA B 560 -40.71 -12.63 -19.99
N ARG B 561 -39.99 -12.91 -21.07
CA ARG B 561 -40.46 -12.48 -22.39
C ARG B 561 -41.75 -13.19 -22.76
N GLN B 562 -41.85 -14.47 -22.42
CA GLN B 562 -43.01 -15.25 -22.82
C GLN B 562 -44.28 -14.74 -22.18
N LEU B 563 -44.22 -14.38 -20.90
CA LEU B 563 -45.42 -13.98 -20.16
C LEU B 563 -46.00 -12.69 -20.71
N LEU B 564 -45.15 -11.72 -21.02
CA LEU B 564 -45.64 -10.43 -21.47
C LEU B 564 -46.35 -10.52 -22.80
N THR B 565 -45.82 -11.32 -23.71
CA THR B 565 -46.44 -11.44 -25.02
C THR B 565 -47.88 -11.93 -24.91
N ASP B 566 -48.11 -12.91 -24.05
CA ASP B 566 -49.45 -13.46 -23.94
C ASP B 566 -50.42 -12.47 -23.35
N ASN B 567 -50.00 -11.71 -22.35
CA ASN B 567 -50.86 -10.73 -21.71
C ASN B 567 -50.48 -9.35 -22.22
N MET B 568 -50.96 -9.01 -23.41
CA MET B 568 -50.76 -7.70 -23.99
C MET B 568 -51.85 -6.72 -23.63
N ASP B 569 -53.07 -7.20 -23.41
CA ASP B 569 -54.17 -6.29 -23.09
C ASP B 569 -53.93 -5.62 -21.77
N ILE B 570 -53.40 -6.35 -20.80
CA ILE B 570 -53.14 -5.76 -19.49
C ILE B 570 -52.15 -4.62 -19.62
N LEU B 571 -51.10 -4.83 -20.40
CA LEU B 571 -50.03 -3.83 -20.46
C LEU B 571 -50.55 -2.51 -21.01
N HIS B 572 -51.42 -2.57 -22.02
CA HIS B 572 -52.02 -1.35 -22.53
C HIS B 572 -53.04 -0.80 -21.55
N ALA B 573 -53.84 -1.68 -20.97
CA ALA B 573 -54.81 -1.21 -20.00
C ALA B 573 -54.11 -0.57 -18.82
N MET B 574 -52.96 -1.09 -18.42
CA MET B 574 -52.30 -0.56 -17.24
C MET B 574 -51.46 0.66 -17.59
N LYS B 575 -51.01 0.77 -18.83
CA LYS B 575 -50.33 1.99 -19.24
C LYS B 575 -51.29 3.16 -19.19
N ASP B 576 -52.55 2.93 -19.54
CA ASP B 576 -53.52 4.02 -19.59
C ASP B 576 -53.84 4.52 -18.20
N ALA B 577 -54.22 3.63 -17.30
CA ALA B 577 -54.57 4.07 -15.95
C ALA B 577 -53.40 4.71 -15.25
N LEU B 578 -52.18 4.28 -15.57
CA LEU B 578 -51.01 4.87 -14.94
C LEU B 578 -50.91 6.34 -15.30
N MET B 579 -51.55 6.75 -16.40
CA MET B 579 -51.48 8.14 -16.84
C MET B 579 -52.67 8.93 -16.34
N LYS B 580 -53.88 8.41 -16.52
CA LYS B 580 -55.07 9.15 -16.11
C LYS B 580 -55.00 9.50 -14.63
N TYR B 581 -54.67 8.52 -13.80
CA TYR B 581 -54.36 8.75 -12.41
C TYR B 581 -52.87 8.48 -12.25
N GLU B 582 -52.20 9.25 -11.42
CA GLU B 582 -50.74 9.17 -11.40
C GLU B 582 -50.25 7.97 -10.62
N THR B 583 -51.08 7.42 -9.76
CA THR B 583 -50.64 6.36 -8.85
C THR B 583 -51.75 5.32 -8.71
N ILE B 584 -51.36 4.08 -8.48
CA ILE B 584 -52.28 2.96 -8.44
C ILE B 584 -52.08 2.21 -7.14
N ASP B 585 -53.18 1.87 -6.47
CA ASP B 585 -53.14 1.10 -5.25
C ASP B 585 -53.50 -0.35 -5.51
N ALA B 586 -53.43 -1.15 -4.46
CA ALA B 586 -53.63 -2.59 -4.59
C ALA B 586 -55.00 -3.01 -5.10
N PRO B 587 -56.12 -2.46 -4.61
CA PRO B 587 -57.40 -2.86 -5.19
C PRO B 587 -57.49 -2.64 -6.68
N GLN B 588 -56.92 -1.53 -7.17
CA GLN B 588 -56.98 -1.25 -8.59
C GLN B 588 -56.23 -2.30 -9.40
N ILE B 589 -55.04 -2.68 -8.94
CA ILE B 589 -54.22 -3.62 -9.71
C ILE B 589 -54.94 -4.94 -9.87
N ASP B 590 -55.64 -5.40 -8.83
CA ASP B 590 -56.34 -6.66 -8.94
C ASP B 590 -57.45 -6.57 -9.98
N ASP B 591 -58.09 -5.40 -10.07
CA ASP B 591 -59.12 -5.21 -11.08
C ASP B 591 -58.54 -5.34 -12.47
N LEU B 592 -57.36 -4.76 -12.69
CA LEU B 592 -56.69 -4.93 -13.97
C LEU B 592 -56.36 -6.38 -14.22
N MET B 593 -55.79 -7.04 -13.25
CA MET B 593 -55.30 -8.39 -13.47
C MET B 593 -56.43 -9.39 -13.62
N ALA B 594 -57.66 -9.01 -13.33
CA ALA B 594 -58.78 -9.90 -13.52
C ALA B 594 -59.49 -9.68 -14.85
N ARG B 595 -58.97 -8.83 -15.72
CA ARG B 595 -59.65 -8.42 -16.93
C ARG B 595 -61.03 -7.84 -16.61
N ARG B 596 -61.03 -6.72 -15.90
CA ARG B 596 -62.23 -6.07 -15.43
C ARG B 596 -62.10 -4.56 -15.60
N ASP B 597 -63.07 -3.82 -15.06
CA ASP B 597 -63.04 -2.37 -15.15
C ASP B 597 -62.31 -1.74 -13.97
N VAL B 598 -61.52 -0.70 -14.24
CA VAL B 598 -60.75 -0.08 -13.18
C VAL B 598 -61.65 0.80 -12.34
N ARG B 599 -61.56 0.65 -11.02
CA ARG B 599 -62.29 1.52 -10.13
C ARG B 599 -61.47 2.75 -9.79
N PRO B 600 -62.10 3.89 -9.54
CA PRO B 600 -61.35 5.08 -9.19
C PRO B 600 -60.58 4.86 -7.92
N PRO B 601 -59.42 5.50 -7.77
CA PRO B 601 -58.57 5.21 -6.63
C PRO B 601 -59.14 5.78 -5.35
N ALA B 602 -58.66 5.25 -4.23
CA ALA B 602 -59.11 5.75 -2.94
C ALA B 602 -58.68 7.20 -2.77
N GLY B 603 -59.67 8.08 -2.67
CA GLY B 603 -59.42 9.51 -2.70
C GLY B 603 -59.91 10.18 -3.95
N TRP B 604 -59.14 11.12 -4.47
CA TRP B 604 -59.45 11.82 -5.72
C TRP B 604 -60.74 12.64 -5.60
N MET C 141 -19.56 33.12 17.64
CA MET C 141 -19.74 34.05 16.54
C MET C 141 -21.19 34.39 16.30
N LEU C 142 -21.63 35.50 16.86
CA LEU C 142 -23.01 35.97 16.72
C LEU C 142 -23.00 37.33 16.05
N THR C 143 -23.86 37.51 15.04
CA THR C 143 -23.92 38.76 14.30
C THR C 143 -25.34 39.30 14.30
N GLU C 144 -25.52 40.46 14.92
CA GLU C 144 -26.84 41.02 15.12
C GLU C 144 -27.19 41.98 14.00
N ASP C 145 -28.22 41.64 13.24
CA ASP C 145 -28.81 42.53 12.25
C ASP C 145 -30.31 42.44 12.39
N GLN C 146 -31.00 43.58 12.23
CA GLN C 146 -32.45 43.58 12.41
C GLN C 146 -33.17 42.94 11.21
N ILE C 147 -32.99 43.50 10.01
CA ILE C 147 -33.76 43.12 8.84
C ILE C 147 -32.81 42.81 7.68
N LYS C 148 -33.28 41.96 6.76
CA LYS C 148 -32.50 41.56 5.60
C LYS C 148 -33.45 41.29 4.42
N THR C 149 -32.85 40.89 3.30
CA THR C 149 -33.56 40.82 2.02
C THR C 149 -34.51 39.63 1.97
N THR C 150 -35.60 39.81 1.22
CA THR C 150 -36.72 38.89 1.22
C THR C 150 -36.35 37.57 0.52
N PHE C 151 -37.35 36.71 0.35
CA PHE C 151 -37.15 35.36 -0.19
C PHE C 151 -37.35 35.28 -1.70
N ALA C 152 -37.47 36.40 -2.40
CA ALA C 152 -37.43 36.36 -3.85
C ALA C 152 -36.01 36.10 -4.34
N ASP C 153 -35.02 36.25 -3.47
CA ASP C 153 -33.63 36.15 -3.89
C ASP C 153 -33.29 34.75 -4.37
N VAL C 154 -33.72 33.73 -3.63
CA VAL C 154 -33.45 32.37 -4.07
C VAL C 154 -34.35 32.03 -5.24
N ALA C 155 -33.80 31.38 -6.24
CA ALA C 155 -34.56 30.95 -7.39
C ALA C 155 -34.34 29.47 -7.59
N GLY C 156 -35.31 28.82 -8.17
CA GLY C 156 -35.21 27.40 -8.36
C GLY C 156 -35.33 26.68 -7.06
N CYS C 157 -34.91 25.42 -7.07
CA CYS C 157 -34.98 24.53 -5.92
C CYS C 157 -36.30 24.71 -5.16
N ASP C 158 -37.40 24.60 -5.89
CA ASP C 158 -38.69 24.87 -5.30
C ASP C 158 -39.02 23.89 -4.20
N GLU C 159 -38.65 22.62 -4.38
CA GLU C 159 -38.95 21.62 -3.35
C GLU C 159 -38.23 21.95 -2.05
N ALA C 160 -36.96 22.34 -2.14
CA ALA C 160 -36.22 22.76 -0.97
C ALA C 160 -36.84 24.01 -0.37
N LYS C 161 -37.25 24.94 -1.23
CA LYS C 161 -37.93 26.13 -0.75
C LYS C 161 -39.14 25.76 0.09
N GLU C 162 -39.90 24.78 -0.36
CA GLU C 162 -41.07 24.38 0.41
C GLU C 162 -40.66 23.77 1.73
N GLU C 163 -39.90 22.68 1.67
CA GLU C 163 -39.47 22.00 2.88
C GLU C 163 -38.70 22.92 3.82
N VAL C 164 -38.39 24.15 3.40
CA VAL C 164 -37.81 25.12 4.33
C VAL C 164 -38.82 26.15 4.84
N ALA C 165 -39.78 26.59 4.02
CA ALA C 165 -40.78 27.53 4.50
C ALA C 165 -41.64 26.96 5.62
N GLU C 166 -41.82 25.64 5.64
CA GLU C 166 -42.45 25.02 6.79
C GLU C 166 -41.64 25.31 8.05
N LEU C 167 -40.33 25.12 7.97
CA LEU C 167 -39.50 25.46 9.11
C LEU C 167 -39.64 26.93 9.45
N VAL C 168 -39.70 27.78 8.43
CA VAL C 168 -39.75 29.22 8.66
C VAL C 168 -40.99 29.58 9.46
N GLU C 169 -42.14 29.04 9.05
CA GLU C 169 -43.37 29.31 9.80
C GLU C 169 -43.32 28.69 11.18
N TYR C 170 -42.67 27.54 11.30
CA TYR C 170 -42.55 26.88 12.59
C TYR C 170 -41.74 27.71 13.57
N LEU C 171 -40.71 28.39 13.09
CA LEU C 171 -39.75 29.00 14.01
C LEU C 171 -40.46 29.84 15.06
N ARG C 172 -41.42 30.65 14.62
CA ARG C 172 -42.38 31.30 15.49
C ARG C 172 -43.71 30.56 15.40
N GLU C 173 -44.68 31.00 16.19
CA GLU C 173 -46.00 30.39 16.24
C GLU C 173 -45.99 28.87 16.45
N PRO C 174 -45.34 28.39 17.51
CA PRO C 174 -45.33 26.94 17.77
C PRO C 174 -46.60 26.51 18.43
N SER C 175 -47.57 27.39 18.51
CA SER C 175 -48.85 27.06 19.11
C SER C 175 -49.66 26.12 18.24
N ARG C 176 -49.15 25.79 17.07
CA ARG C 176 -49.83 24.86 16.19
C ARG C 176 -49.62 23.41 16.59
N PHE C 177 -49.26 23.15 17.85
CA PHE C 177 -49.14 21.79 18.37
C PHE C 177 -50.55 21.28 18.63
N GLN C 178 -51.38 21.39 17.61
CA GLN C 178 -52.70 20.79 17.66
C GLN C 178 -52.69 19.38 17.13
N LYS C 179 -51.67 19.00 16.39
CA LYS C 179 -51.43 17.58 16.18
C LYS C 179 -50.90 16.93 17.43
N LEU C 180 -50.56 17.74 18.44
CA LEU C 180 -50.24 17.40 19.82
C LEU C 180 -48.91 16.67 19.90
N GLY C 181 -48.35 16.22 18.77
CA GLY C 181 -46.96 15.88 18.71
C GLY C 181 -46.40 16.59 17.51
N GLY C 182 -45.59 17.60 17.75
CA GLY C 182 -45.00 18.36 16.69
C GLY C 182 -43.59 18.72 17.05
N LYS C 183 -42.91 17.85 17.78
CA LYS C 183 -41.58 18.19 18.24
C LYS C 183 -40.70 18.61 17.06
N ILE C 184 -39.81 19.57 17.31
CA ILE C 184 -39.04 20.27 16.29
C ILE C 184 -38.37 19.25 15.37
N PRO C 185 -38.19 19.56 14.10
CA PRO C 185 -37.86 18.51 13.14
C PRO C 185 -36.58 17.74 13.41
N LYS C 186 -35.40 18.34 13.20
CA LYS C 186 -34.11 17.81 13.66
C LYS C 186 -33.00 18.63 13.04
N GLY C 187 -31.75 18.31 13.33
CA GLY C 187 -30.70 18.81 12.49
C GLY C 187 -31.00 18.46 11.05
N VAL C 188 -31.03 19.47 10.17
CA VAL C 188 -31.39 19.31 8.77
C VAL C 188 -30.13 19.28 7.93
N LEU C 189 -30.01 18.30 7.06
CA LEU C 189 -28.81 18.15 6.25
C LEU C 189 -29.14 18.56 4.82
N MET C 190 -28.32 19.46 4.27
CA MET C 190 -28.41 19.83 2.86
C MET C 190 -27.28 19.14 2.14
N VAL C 191 -27.60 18.14 1.34
CA VAL C 191 -26.56 17.23 0.86
C VAL C 191 -26.44 17.28 -0.66
N GLY C 192 -26.65 18.46 -1.23
CA GLY C 192 -26.47 18.64 -2.66
C GLY C 192 -25.01 18.69 -3.03
N PRO C 193 -24.72 18.75 -4.33
CA PRO C 193 -23.36 18.99 -4.76
C PRO C 193 -22.93 20.39 -4.37
N PRO C 194 -21.66 20.58 -4.03
CA PRO C 194 -21.17 21.94 -3.74
C PRO C 194 -21.25 22.82 -4.99
N GLY C 195 -21.68 24.05 -4.78
CA GLY C 195 -21.74 25.00 -5.86
C GLY C 195 -23.11 25.51 -6.25
N THR C 196 -24.19 24.86 -5.82
CA THR C 196 -25.54 25.25 -6.21
C THR C 196 -26.29 25.73 -4.98
N GLY C 197 -26.10 26.99 -4.62
CA GLY C 197 -26.91 27.62 -3.59
C GLY C 197 -26.95 26.86 -2.28
N LYS C 198 -25.88 26.12 -1.98
CA LYS C 198 -25.89 25.26 -0.79
C LYS C 198 -26.15 26.08 0.46
N THR C 199 -25.73 27.33 0.46
CA THR C 199 -25.94 28.21 1.59
C THR C 199 -26.70 29.47 1.21
N LEU C 200 -27.24 29.55 0.01
CA LEU C 200 -27.73 30.84 -0.42
C LEU C 200 -28.96 31.26 0.36
N LEU C 201 -29.80 30.29 0.70
CA LEU C 201 -31.13 30.61 1.20
C LEU C 201 -31.09 31.43 2.48
N ALA C 202 -29.93 31.44 3.14
CA ALA C 202 -29.83 32.04 4.47
C ALA C 202 -30.35 33.45 4.47
N LYS C 203 -29.87 34.27 3.55
CA LYS C 203 -30.19 35.70 3.60
C LYS C 203 -31.62 35.96 3.16
N ALA C 204 -32.16 35.13 2.27
CA ALA C 204 -33.51 35.37 1.75
C ALA C 204 -34.54 35.30 2.86
N ILE C 205 -34.39 34.33 3.76
CA ILE C 205 -35.43 34.06 4.75
C ILE C 205 -35.03 34.50 6.15
N ALA C 206 -33.72 34.58 6.46
CA ALA C 206 -33.31 34.99 7.80
C ALA C 206 -33.85 36.35 8.14
N GLY C 207 -34.21 37.14 7.12
CA GLY C 207 -34.95 38.36 7.37
C GLY C 207 -36.31 38.09 8.00
N GLU C 208 -36.92 36.96 7.66
CA GLU C 208 -38.20 36.59 8.25
C GLU C 208 -38.07 36.36 9.74
N ALA C 209 -39.10 36.78 10.48
CA ALA C 209 -39.17 36.72 11.93
C ALA C 209 -38.11 37.63 12.56
N LYS C 210 -37.33 38.32 11.75
CA LYS C 210 -36.34 39.29 12.21
C LYS C 210 -35.41 38.68 13.24
N VAL C 211 -34.98 37.44 13.01
CA VAL C 211 -34.14 36.80 14.02
C VAL C 211 -32.76 37.47 14.02
N PRO C 212 -32.32 37.98 15.16
CA PRO C 212 -31.07 38.76 15.20
C PRO C 212 -29.84 37.89 15.30
N PHE C 213 -29.64 37.02 14.32
CA PHE C 213 -28.59 36.02 14.36
C PHE C 213 -28.42 35.50 12.95
N PHE C 214 -27.42 34.65 12.77
CA PHE C 214 -27.09 34.09 11.46
C PHE C 214 -26.73 32.61 11.61
N THR C 215 -26.06 32.09 10.60
CA THR C 215 -25.26 30.91 10.79
C THR C 215 -24.32 31.14 11.95
N ILE C 216 -24.31 30.22 12.91
CA ILE C 216 -23.54 30.46 14.13
C ILE C 216 -22.05 30.45 13.82
N SER C 217 -21.62 29.61 12.89
CA SER C 217 -20.23 29.58 12.49
C SER C 217 -20.10 30.11 11.08
N GLY C 218 -19.23 31.09 10.88
CA GLY C 218 -19.05 31.69 9.58
C GLY C 218 -17.80 32.54 9.45
N ALA C 230 -10.90 18.39 20.02
CA ALA C 230 -11.54 19.41 19.20
C ALA C 230 -13.04 19.41 19.40
N SER C 231 -13.51 19.69 20.63
CA SER C 231 -14.93 19.84 20.90
C SER C 231 -15.20 20.97 21.89
N ARG C 232 -14.51 22.10 21.71
CA ARG C 232 -14.69 23.21 22.63
C ARG C 232 -16.10 23.78 22.61
N VAL C 233 -16.90 23.45 21.60
CA VAL C 233 -18.18 24.12 21.44
C VAL C 233 -19.08 23.86 22.63
N ARG C 234 -19.15 22.61 23.10
CA ARG C 234 -20.32 22.10 23.81
C ARG C 234 -21.00 23.16 24.66
N ASP C 235 -20.22 23.85 25.48
CA ASP C 235 -20.79 24.95 26.24
C ASP C 235 -21.29 26.05 25.30
N MET C 236 -20.48 26.41 24.31
CA MET C 236 -20.91 27.44 23.38
C MET C 236 -22.03 26.97 22.49
N PHE C 237 -22.15 25.66 22.31
CA PHE C 237 -23.32 25.12 21.65
C PHE C 237 -24.55 25.36 22.50
N GLU C 238 -24.42 25.12 23.80
CA GLU C 238 -25.54 25.41 24.68
C GLU C 238 -25.69 26.90 24.88
N GLN C 239 -24.81 27.71 24.30
CA GLN C 239 -24.99 29.16 24.35
C GLN C 239 -26.27 29.60 23.66
N ALA C 240 -26.75 28.82 22.70
CA ALA C 240 -27.85 29.22 21.82
C ALA C 240 -29.17 29.07 22.56
N LYS C 241 -29.44 30.04 23.43
CA LYS C 241 -30.69 30.10 24.17
C LYS C 241 -31.27 31.51 24.24
N LYS C 242 -30.59 32.50 23.66
CA LYS C 242 -31.04 33.89 23.67
C LYS C 242 -30.73 34.53 22.33
N ALA C 243 -31.70 35.28 21.79
CA ALA C 243 -31.54 36.03 20.54
C ALA C 243 -31.03 35.13 19.41
N ALA C 244 -31.73 34.02 19.21
CA ALA C 244 -31.32 33.00 18.26
C ALA C 244 -31.93 33.26 16.88
N PRO C 245 -31.37 32.68 15.83
CA PRO C 245 -32.01 32.76 14.51
C PRO C 245 -33.12 31.74 14.33
N CYS C 246 -33.43 30.99 15.38
CA CYS C 246 -34.24 29.77 15.43
C CYS C 246 -33.51 28.62 14.75
N ILE C 247 -32.18 28.69 14.68
CA ILE C 247 -31.35 27.64 14.09
C ILE C 247 -29.95 27.72 14.69
N ILE C 248 -29.12 26.79 14.28
CA ILE C 248 -27.67 26.88 14.38
C ILE C 248 -27.13 26.30 13.09
N PHE C 249 -26.13 26.95 12.49
CA PHE C 249 -25.56 26.49 11.23
C PHE C 249 -24.07 26.18 11.37
N ILE C 250 -23.65 25.02 10.88
CA ILE C 250 -22.30 24.54 11.08
C ILE C 250 -21.75 23.99 9.78
N ASP C 251 -20.94 24.78 9.08
CA ASP C 251 -20.26 24.34 7.86
C ASP C 251 -18.76 24.56 8.05
N GLN C 252 -18.23 24.06 9.15
CA GLN C 252 -16.83 23.69 9.16
C GLN C 252 -16.65 22.32 8.51
N ILE C 253 -17.73 21.68 8.10
CA ILE C 253 -17.71 20.48 7.25
C ILE C 253 -18.37 20.82 5.92
N ARG C 271 -17.59 12.20 18.62
CA ARG C 271 -17.75 12.52 17.21
C ARG C 271 -19.23 12.68 16.85
N GLU C 272 -19.99 11.62 17.09
CA GLU C 272 -21.37 11.52 16.62
C GLU C 272 -22.39 11.52 17.74
N GLN C 273 -21.96 11.74 18.98
CA GLN C 273 -22.90 11.86 20.08
C GLN C 273 -23.27 13.32 20.35
N THR C 274 -22.71 14.24 19.60
CA THR C 274 -22.83 15.65 19.92
C THR C 274 -24.29 16.11 19.83
N LEU C 275 -25.02 15.61 18.84
CA LEU C 275 -26.38 16.08 18.60
C LEU C 275 -27.28 15.77 19.79
N ASN C 276 -27.51 14.49 20.06
CA ASN C 276 -28.45 14.10 21.10
C ASN C 276 -27.88 14.38 22.49
N GLN C 277 -26.55 14.53 22.61
CA GLN C 277 -25.98 14.82 23.91
C GLN C 277 -26.48 16.16 24.47
N MET C 278 -26.64 17.15 23.59
CA MET C 278 -27.03 18.49 24.01
C MET C 278 -28.45 18.87 23.64
N LEU C 279 -29.11 18.10 22.76
CA LEU C 279 -30.42 18.51 22.27
C LEU C 279 -31.45 18.58 23.39
N VAL C 280 -31.32 17.71 24.39
CA VAL C 280 -32.28 17.75 25.50
C VAL C 280 -32.23 19.10 26.19
N GLU C 281 -31.02 19.53 26.57
CA GLU C 281 -30.86 20.84 27.20
C GLU C 281 -31.22 21.97 26.24
N MET C 282 -30.92 21.80 24.95
CA MET C 282 -31.36 22.76 23.95
C MET C 282 -32.86 23.00 24.07
N ASP C 283 -33.65 21.99 23.74
CA ASP C 283 -35.10 22.19 23.69
C ASP C 283 -35.65 22.51 25.07
N GLY C 284 -34.98 22.07 26.13
CA GLY C 284 -35.40 22.45 27.46
C GLY C 284 -35.26 23.94 27.69
N PHE C 285 -34.17 24.53 27.18
CA PHE C 285 -33.96 25.97 27.28
C PHE C 285 -34.39 26.72 26.02
N GLU C 286 -34.77 26.02 24.96
CA GLU C 286 -35.26 26.69 23.77
C GLU C 286 -36.66 27.23 24.01
N GLY C 287 -36.86 28.50 23.65
CA GLY C 287 -38.14 29.13 23.86
C GLY C 287 -39.11 28.81 22.75
N ASN C 288 -39.29 27.52 22.46
CA ASN C 288 -40.20 27.08 21.40
C ASN C 288 -39.83 27.70 20.07
N GLU C 289 -38.54 28.02 19.90
CA GLU C 289 -38.09 28.71 18.69
C GLU C 289 -37.92 27.75 17.52
N GLY C 290 -37.94 26.45 17.79
CA GLY C 290 -37.66 25.45 16.76
C GLY C 290 -36.20 25.46 16.34
N ILE C 291 -35.30 25.59 17.32
CA ILE C 291 -33.88 25.58 17.04
C ILE C 291 -33.46 24.19 16.59
N ILE C 292 -32.65 24.14 15.53
CA ILE C 292 -32.07 22.91 15.01
C ILE C 292 -30.67 23.24 14.52
N VAL C 293 -29.87 22.21 14.27
CA VAL C 293 -28.52 22.42 13.79
C VAL C 293 -28.47 22.13 12.29
N ILE C 294 -28.96 23.07 11.48
CA ILE C 294 -29.02 22.82 10.04
C ILE C 294 -27.62 22.91 9.49
N ALA C 295 -27.21 21.89 8.73
CA ALA C 295 -25.83 21.78 8.32
C ALA C 295 -25.73 21.39 6.84
N ALA C 296 -24.60 21.77 6.23
CA ALA C 296 -24.34 21.54 4.82
C ALA C 296 -22.94 20.95 4.64
N THR C 297 -22.82 19.95 3.78
CA THR C 297 -21.54 19.32 3.54
C THR C 297 -21.58 18.53 2.24
N ASN C 298 -20.41 18.08 1.81
CA ASN C 298 -20.29 17.18 0.69
C ASN C 298 -19.45 15.96 1.06
N ARG C 309 -28.72 7.61 10.73
CA ARG C 309 -29.60 7.27 11.84
C ARG C 309 -30.41 8.48 12.28
N PRO C 310 -31.72 8.44 12.06
CA PRO C 310 -32.56 9.59 12.42
C PRO C 310 -32.57 9.84 13.92
N GLY C 311 -32.71 11.13 14.26
CA GLY C 311 -32.63 11.58 15.63
C GLY C 311 -31.45 12.50 15.88
N ARG C 312 -30.32 12.21 15.27
CA ARG C 312 -29.17 13.10 15.27
C ARG C 312 -29.08 13.88 13.96
N PHE C 313 -29.55 13.28 12.87
CA PHE C 313 -29.81 13.99 11.62
C PHE C 313 -30.97 13.28 10.93
N ASP C 314 -32.05 14.01 10.67
CA ASP C 314 -33.27 13.40 10.14
C ASP C 314 -33.60 13.86 8.73
N ARG C 315 -33.66 15.16 8.49
CA ARG C 315 -34.13 15.68 7.20
C ARG C 315 -32.94 16.06 6.32
N GLN C 316 -32.73 15.28 5.26
CA GLN C 316 -31.70 15.53 4.27
C GLN C 316 -32.35 16.11 3.02
N VAL C 317 -32.14 17.40 2.78
CA VAL C 317 -32.84 18.13 1.73
C VAL C 317 -31.87 18.36 0.59
N VAL C 318 -32.22 17.86 -0.59
CA VAL C 318 -31.37 18.01 -1.76
C VAL C 318 -31.44 19.45 -2.26
N VAL C 319 -30.29 20.00 -2.65
CA VAL C 319 -30.23 21.28 -3.33
C VAL C 319 -29.54 21.07 -4.67
N GLY C 320 -30.31 20.79 -5.71
CA GLY C 320 -29.74 20.31 -6.94
C GLY C 320 -29.39 21.39 -7.94
N LEU C 321 -28.70 20.98 -8.99
CA LEU C 321 -28.31 21.91 -10.04
C LEU C 321 -29.53 22.37 -10.82
N PRO C 322 -29.62 23.64 -11.20
CA PRO C 322 -30.84 24.14 -11.78
C PRO C 322 -31.16 23.40 -13.06
N ASP C 323 -32.41 23.00 -13.18
CA ASP C 323 -32.83 22.38 -14.41
C ASP C 323 -33.02 23.44 -15.46
N VAL C 324 -33.14 23.01 -16.72
CA VAL C 324 -33.12 23.94 -17.84
C VAL C 324 -34.30 24.89 -17.76
N ARG C 325 -35.36 24.51 -17.06
CA ARG C 325 -36.37 25.50 -16.76
C ARG C 325 -35.86 26.51 -15.75
N GLY C 326 -35.13 26.06 -14.73
CA GLY C 326 -34.72 26.98 -13.67
C GLY C 326 -33.62 27.91 -14.13
N ARG C 327 -32.95 27.55 -15.21
CA ARG C 327 -31.92 28.40 -15.73
C ARG C 327 -32.49 29.76 -16.11
N GLU C 328 -33.66 29.75 -16.71
CA GLU C 328 -34.30 31.01 -17.07
C GLU C 328 -34.60 31.84 -15.83
N GLN C 329 -35.11 31.20 -14.78
CA GLN C 329 -35.48 31.97 -13.61
C GLN C 329 -34.28 32.68 -13.04
N ILE C 330 -33.18 31.95 -12.83
CA ILE C 330 -32.01 32.60 -12.23
C ILE C 330 -31.48 33.68 -13.16
N LEU C 331 -31.50 33.40 -14.46
CA LEU C 331 -30.94 34.34 -15.42
C LEU C 331 -31.71 35.64 -15.41
N LYS C 332 -33.03 35.57 -15.36
CA LYS C 332 -33.80 36.80 -15.30
C LYS C 332 -33.68 37.46 -13.94
N VAL C 333 -33.39 36.69 -12.91
CA VAL C 333 -33.19 37.31 -11.61
C VAL C 333 -32.00 38.25 -11.65
N HIS C 334 -30.85 37.76 -12.11
CA HIS C 334 -29.69 38.63 -12.13
C HIS C 334 -29.70 39.59 -13.29
N MET C 335 -30.74 39.60 -14.09
CA MET C 335 -30.79 40.41 -15.29
C MET C 335 -31.58 41.67 -15.10
N ARG C 336 -31.65 42.18 -13.88
CA ARG C 336 -32.34 43.42 -13.61
C ARG C 336 -31.42 44.63 -13.59
N ARG C 337 -30.15 44.48 -13.98
CA ARG C 337 -29.14 45.47 -13.69
C ARG C 337 -28.52 46.07 -14.95
N VAL C 338 -29.24 46.09 -16.06
CA VAL C 338 -28.60 46.46 -17.32
C VAL C 338 -29.62 46.88 -18.37
N PRO C 339 -29.20 47.48 -19.47
CA PRO C 339 -30.05 47.54 -20.66
C PRO C 339 -30.12 46.17 -21.32
N LEU C 340 -31.06 46.02 -22.24
CA LEU C 340 -31.17 44.80 -23.02
C LEU C 340 -31.37 45.15 -24.48
N ALA C 341 -30.69 44.42 -25.34
CA ALA C 341 -30.88 44.52 -26.77
C ALA C 341 -32.11 43.74 -27.20
N PRO C 342 -32.75 44.12 -28.30
CA PRO C 342 -34.07 43.58 -28.60
C PRO C 342 -34.09 42.08 -28.77
N ASP C 343 -33.02 41.49 -29.28
CA ASP C 343 -33.08 40.12 -29.81
C ASP C 343 -32.62 39.07 -28.80
N ILE C 344 -32.46 39.45 -27.53
CA ILE C 344 -31.92 38.51 -26.56
C ILE C 344 -32.97 37.48 -26.20
N ASP C 345 -32.59 36.21 -26.30
CA ASP C 345 -33.43 35.09 -25.87
C ASP C 345 -32.73 34.35 -24.74
N ALA C 346 -33.42 34.21 -23.62
CA ALA C 346 -32.81 33.63 -22.45
C ALA C 346 -32.55 32.15 -22.64
N ALA C 347 -33.51 31.43 -23.19
CA ALA C 347 -33.42 29.98 -23.17
C ALA C 347 -32.21 29.48 -23.95
N ILE C 348 -31.85 30.15 -25.03
CA ILE C 348 -30.72 29.67 -25.81
C ILE C 348 -29.46 29.73 -24.99
N ILE C 349 -29.30 30.79 -24.21
CA ILE C 349 -28.19 30.85 -23.27
C ILE C 349 -28.36 29.79 -22.19
N ALA C 350 -29.61 29.47 -21.86
CA ALA C 350 -29.84 28.49 -20.81
C ALA C 350 -29.32 27.13 -21.22
N ARG C 351 -29.70 26.66 -22.39
CA ARG C 351 -29.31 25.32 -22.80
C ARG C 351 -27.82 25.23 -22.95
N GLY C 352 -27.16 26.33 -23.27
CA GLY C 352 -25.73 26.29 -23.54
C GLY C 352 -24.90 26.01 -22.30
N THR C 353 -25.49 26.18 -21.12
CA THR C 353 -24.75 26.00 -19.89
C THR C 353 -25.27 24.80 -19.11
N PRO C 354 -24.99 23.58 -19.54
CA PRO C 354 -25.54 22.44 -18.81
C PRO C 354 -24.74 22.18 -17.56
N GLY C 355 -25.42 22.07 -16.44
CA GLY C 355 -24.74 21.82 -15.19
C GLY C 355 -24.09 23.04 -14.58
N PHE C 356 -24.23 24.20 -15.19
CA PHE C 356 -23.72 25.41 -14.55
C PHE C 356 -24.62 25.76 -13.38
N SER C 357 -24.00 25.97 -12.23
CA SER C 357 -24.73 26.28 -11.02
C SER C 357 -25.03 27.78 -11.01
N GLY C 358 -25.44 28.29 -9.86
CA GLY C 358 -25.89 29.67 -9.81
C GLY C 358 -24.80 30.66 -10.06
N ALA C 359 -23.62 30.42 -9.50
CA ALA C 359 -22.53 31.36 -9.67
C ALA C 359 -22.16 31.47 -11.14
N ASP C 360 -22.19 30.35 -11.85
CA ASP C 360 -21.89 30.36 -13.27
C ASP C 360 -22.80 31.31 -14.02
N LEU C 361 -24.10 31.19 -13.82
CA LEU C 361 -25.00 32.08 -14.53
C LEU C 361 -24.80 33.52 -14.12
N ALA C 362 -24.59 33.76 -12.83
CA ALA C 362 -24.53 35.13 -12.37
C ALA C 362 -23.34 35.84 -12.99
N ASN C 363 -22.19 35.23 -12.93
CA ASN C 363 -21.02 35.91 -13.46
C ASN C 363 -20.96 35.80 -14.97
N LEU C 364 -21.74 34.91 -15.57
CA LEU C 364 -21.89 34.98 -17.02
C LEU C 364 -22.54 36.29 -17.41
N VAL C 365 -23.58 36.67 -16.69
CA VAL C 365 -24.13 38.01 -16.91
C VAL C 365 -23.08 39.06 -16.64
N ASN C 366 -22.33 38.89 -15.55
CA ASN C 366 -21.35 39.89 -15.20
C ASN C 366 -20.34 40.08 -16.31
N GLU C 367 -19.82 38.99 -16.85
CA GLU C 367 -18.82 39.10 -17.88
C GLU C 367 -19.41 39.61 -19.16
N ALA C 368 -20.70 39.38 -19.38
CA ALA C 368 -21.32 40.03 -20.52
C ALA C 368 -21.21 41.53 -20.36
N ALA C 369 -21.49 42.03 -19.17
CA ALA C 369 -21.39 43.47 -18.95
C ALA C 369 -19.98 43.96 -19.19
N LEU C 370 -19.02 43.32 -18.58
CA LEU C 370 -17.65 43.76 -18.73
C LEU C 370 -17.22 43.71 -20.19
N PHE C 371 -17.57 42.63 -20.87
CA PHE C 371 -17.14 42.44 -22.23
C PHE C 371 -17.68 43.53 -23.11
N ALA C 372 -18.94 43.90 -22.93
CA ALA C 372 -19.46 45.00 -23.71
C ALA C 372 -18.70 46.27 -23.41
N ALA C 373 -18.43 46.51 -22.13
CA ALA C 373 -17.78 47.77 -21.75
C ALA C 373 -16.41 47.90 -22.38
N ARG C 374 -15.70 46.78 -22.53
CA ARG C 374 -14.34 46.87 -23.05
C ARG C 374 -14.31 47.47 -24.44
N GLY C 375 -15.26 47.12 -25.29
CA GLY C 375 -15.33 47.76 -26.58
C GLY C 375 -16.11 49.04 -26.59
N ASN C 376 -16.71 49.40 -25.46
CA ASN C 376 -17.56 50.59 -25.35
C ASN C 376 -18.76 50.48 -26.29
N LYS C 377 -19.41 49.34 -26.27
CA LYS C 377 -20.65 49.16 -27.01
C LYS C 377 -21.83 49.51 -26.11
N ARG C 378 -22.79 50.24 -26.67
CA ARG C 378 -23.80 50.89 -25.85
C ARG C 378 -24.67 49.89 -25.10
N VAL C 379 -25.18 48.88 -25.80
CA VAL C 379 -26.15 47.94 -25.24
C VAL C 379 -25.64 46.52 -25.46
N VAL C 380 -25.59 45.75 -24.38
CA VAL C 380 -25.18 44.36 -24.45
C VAL C 380 -26.13 43.60 -25.35
N SER C 381 -25.72 42.41 -25.80
CA SER C 381 -26.60 41.57 -26.60
C SER C 381 -26.05 40.16 -26.64
N MET C 382 -26.76 39.30 -27.36
CA MET C 382 -26.35 37.91 -27.49
C MET C 382 -25.05 37.77 -28.24
N VAL C 383 -24.75 38.71 -29.14
CA VAL C 383 -23.60 38.56 -30.01
C VAL C 383 -22.34 38.35 -29.19
N GLU C 384 -22.17 39.14 -28.14
CA GLU C 384 -21.07 38.93 -27.23
C GLU C 384 -21.45 38.03 -26.09
N PHE C 385 -22.73 37.86 -25.83
CA PHE C 385 -23.12 36.96 -24.75
C PHE C 385 -22.53 35.59 -24.99
N GLU C 386 -22.70 35.07 -26.21
CA GLU C 386 -22.08 33.79 -26.54
C GLU C 386 -20.57 33.90 -26.42
N LYS C 387 -20.01 35.07 -26.66
CA LYS C 387 -18.58 35.20 -26.52
C LYS C 387 -18.17 35.00 -25.09
N ALA C 388 -18.96 35.54 -24.17
CA ALA C 388 -18.66 35.37 -22.76
C ALA C 388 -18.77 33.92 -22.37
N LYS C 389 -19.83 33.26 -22.83
CA LYS C 389 -19.98 31.85 -22.54
C LYS C 389 -18.77 31.07 -23.01
N ASP C 390 -18.38 31.29 -24.26
CA ASP C 390 -17.29 30.54 -24.83
C ASP C 390 -16.00 30.82 -24.08
N LYS C 391 -15.76 32.07 -23.71
CA LYS C 391 -14.57 32.39 -22.95
C LYS C 391 -14.53 31.59 -21.67
N ILE C 392 -15.58 31.63 -20.89
CA ILE C 392 -15.51 30.99 -19.58
C ILE C 392 -15.41 29.49 -19.74
N MET C 393 -16.24 28.92 -20.62
CA MET C 393 -16.31 27.46 -20.73
C MET C 393 -15.00 26.88 -21.25
N MET C 394 -14.40 27.51 -22.25
CA MET C 394 -13.24 26.90 -22.90
C MET C 394 -11.96 27.63 -22.61
N GLY C 395 -11.91 28.91 -22.96
CA GLY C 395 -10.70 29.67 -22.77
C GLY C 395 -10.73 30.91 -23.62
N ALA C 396 -9.93 31.89 -23.27
CA ALA C 396 -9.87 33.08 -24.10
C ALA C 396 -9.36 32.70 -25.47
N GLU C 397 -10.00 33.27 -26.48
CA GLU C 397 -9.54 33.04 -27.85
C GLU C 397 -8.20 33.70 -28.06
N ARG C 398 -7.22 32.92 -28.44
CA ARG C 398 -5.87 33.42 -28.64
C ARG C 398 -5.56 33.50 -30.11
N ARG C 399 -5.58 34.70 -30.66
CA ARG C 399 -5.12 34.89 -32.02
C ARG C 399 -3.64 35.20 -32.10
N SER C 400 -2.99 35.41 -30.96
CA SER C 400 -1.58 35.72 -30.98
C SER C 400 -0.77 34.60 -31.59
N MET C 401 -1.32 33.38 -31.60
CA MET C 401 -0.65 32.28 -32.24
C MET C 401 -0.56 32.54 -33.74
N VAL C 402 0.45 31.97 -34.34
CA VAL C 402 0.62 31.99 -35.79
C VAL C 402 0.57 30.55 -36.24
N MET C 403 -0.30 30.27 -37.17
CA MET C 403 -0.28 29.01 -37.88
C MET C 403 -0.03 29.30 -39.34
N THR C 404 0.75 28.45 -40.00
CA THR C 404 1.05 28.69 -41.41
C THR C 404 -0.23 28.65 -42.22
N GLU C 405 -0.10 28.94 -43.50
CA GLU C 405 -1.28 28.81 -44.36
C GLU C 405 -1.73 27.37 -44.47
N ALA C 406 -0.80 26.45 -44.66
CA ALA C 406 -1.17 25.06 -44.90
C ALA C 406 -1.72 24.40 -43.64
N GLN C 407 -1.52 25.01 -42.49
CA GLN C 407 -2.08 24.45 -41.27
C GLN C 407 -3.51 24.91 -41.04
N LYS C 408 -3.82 26.15 -41.40
CA LYS C 408 -5.20 26.60 -41.31
C LYS C 408 -6.10 25.76 -42.19
N GLU C 409 -5.55 25.20 -43.25
CA GLU C 409 -6.36 24.41 -44.17
C GLU C 409 -6.69 23.06 -43.58
N SER C 410 -5.73 22.43 -42.92
CA SER C 410 -5.93 21.10 -42.39
C SER C 410 -7.01 21.08 -41.32
N THR C 411 -6.97 22.03 -40.39
CA THR C 411 -8.00 22.07 -39.36
C THR C 411 -9.35 22.40 -39.96
N ALA C 412 -9.37 23.15 -41.06
CA ALA C 412 -10.63 23.54 -41.63
C ALA C 412 -11.43 22.33 -42.08
N TYR C 413 -10.77 21.30 -42.58
CA TYR C 413 -11.47 20.08 -42.97
C TYR C 413 -11.92 19.30 -41.75
N HIS C 414 -11.04 19.11 -40.77
CA HIS C 414 -11.38 18.29 -39.62
C HIS C 414 -12.62 18.81 -38.92
N GLN C 415 -12.73 20.11 -38.73
CA GLN C 415 -13.87 20.62 -38.00
C GLN C 415 -15.12 20.63 -38.86
N ALA C 416 -14.96 20.72 -40.17
CA ALA C 416 -16.03 20.25 -41.04
C ALA C 416 -16.00 18.73 -41.00
N GLY C 417 -16.84 18.07 -41.73
CA GLY C 417 -16.78 16.63 -41.47
C GLY C 417 -17.39 16.29 -40.13
N HIS C 418 -16.92 16.91 -39.06
CA HIS C 418 -17.67 16.90 -37.81
C HIS C 418 -19.05 17.49 -38.03
N ALA C 419 -19.11 18.61 -38.74
CA ALA C 419 -20.39 19.27 -38.95
C ALA C 419 -21.22 18.55 -39.99
N ILE C 420 -20.59 18.00 -41.01
CA ILE C 420 -21.35 17.37 -42.07
C ILE C 420 -22.02 16.11 -41.57
N ILE C 421 -21.30 15.33 -40.78
CA ILE C 421 -21.82 14.05 -40.34
C ILE C 421 -22.72 14.20 -39.14
N GLY C 422 -22.60 15.30 -38.41
CA GLY C 422 -23.51 15.52 -37.30
C GLY C 422 -24.93 15.71 -37.76
N ARG C 423 -25.10 16.14 -39.01
CA ARG C 423 -26.44 16.40 -39.51
C ARG C 423 -27.07 15.14 -40.10
N LEU C 424 -26.40 14.51 -41.05
CA LEU C 424 -27.03 13.44 -41.82
C LEU C 424 -27.29 12.18 -40.99
N VAL C 425 -26.59 12.02 -39.88
CA VAL C 425 -26.77 10.88 -38.98
C VAL C 425 -27.99 11.10 -38.11
N PRO C 426 -28.65 10.05 -37.60
CA PRO C 426 -29.97 10.20 -36.99
C PRO C 426 -29.97 10.51 -35.50
N GLU C 427 -30.87 11.40 -35.11
CA GLU C 427 -31.15 11.72 -33.72
C GLU C 427 -29.89 12.19 -32.97
N HIS C 428 -29.43 13.35 -33.35
CA HIS C 428 -28.27 13.97 -32.75
C HIS C 428 -28.65 15.32 -32.18
N ASP C 429 -27.93 15.79 -31.19
CA ASP C 429 -28.03 17.18 -30.81
C ASP C 429 -27.62 18.05 -31.99
N PRO C 430 -28.36 19.13 -32.27
CA PRO C 430 -28.07 19.92 -33.46
C PRO C 430 -26.83 20.76 -33.30
N VAL C 431 -26.25 21.16 -34.44
CA VAL C 431 -25.01 21.91 -34.44
C VAL C 431 -25.29 23.38 -34.20
N HIS C 432 -24.43 24.02 -33.41
CA HIS C 432 -24.59 25.44 -33.13
C HIS C 432 -23.59 26.30 -33.89
N LYS C 433 -22.29 26.04 -33.77
CA LYS C 433 -21.31 26.85 -34.48
C LYS C 433 -20.03 26.09 -34.67
N VAL C 434 -19.24 26.49 -35.66
CA VAL C 434 -18.01 25.79 -36.02
C VAL C 434 -16.89 26.82 -36.19
N THR C 435 -15.72 26.55 -35.63
CA THR C 435 -14.72 27.59 -35.46
C THR C 435 -13.32 27.10 -35.80
N ILE C 436 -12.41 28.05 -35.96
CA ILE C 436 -11.02 27.77 -36.32
C ILE C 436 -10.03 28.49 -35.41
N ILE C 437 -10.40 29.63 -34.84
CA ILE C 437 -9.51 30.37 -33.95
C ILE C 437 -9.15 29.51 -32.76
N PRO C 438 -7.90 29.39 -32.39
CA PRO C 438 -7.51 28.44 -31.37
C PRO C 438 -7.70 28.95 -29.96
N ARG C 439 -8.38 28.18 -29.12
CA ARG C 439 -8.68 28.58 -27.76
C ARG C 439 -8.28 27.47 -26.82
N GLY C 440 -7.60 27.80 -25.75
CA GLY C 440 -7.11 26.75 -24.89
C GLY C 440 -6.11 25.93 -25.65
N ARG C 441 -6.30 24.62 -25.63
CA ARG C 441 -5.34 23.71 -26.21
C ARG C 441 -5.84 23.06 -27.50
N ALA C 442 -6.96 23.52 -28.03
CA ALA C 442 -7.60 22.86 -29.15
C ALA C 442 -7.66 23.82 -30.32
N LEU C 443 -7.39 23.31 -31.52
CA LEU C 443 -7.40 24.18 -32.69
C LEU C 443 -8.81 24.54 -33.10
N GLY C 444 -9.74 23.60 -33.05
CA GLY C 444 -11.09 23.85 -33.49
C GLY C 444 -12.09 23.21 -32.56
N VAL C 445 -13.25 23.84 -32.45
CA VAL C 445 -14.33 23.33 -31.62
C VAL C 445 -15.59 23.28 -32.47
N THR C 446 -16.35 22.21 -32.35
CA THR C 446 -17.70 22.17 -32.86
C THR C 446 -18.66 22.03 -31.68
N PHE C 447 -19.60 22.95 -31.58
CA PHE C 447 -20.52 23.03 -30.46
C PHE C 447 -21.84 22.40 -30.84
N PHE C 448 -22.43 21.66 -29.93
CA PHE C 448 -23.76 21.10 -30.08
C PHE C 448 -24.63 21.65 -28.96
N LEU C 449 -25.92 21.78 -29.22
CA LEU C 449 -26.83 22.26 -28.21
C LEU C 449 -27.69 21.13 -27.68
N PRO C 450 -27.58 20.78 -26.40
CA PRO C 450 -28.40 19.69 -25.87
C PRO C 450 -29.87 19.78 -26.21
N GLU C 451 -30.41 20.99 -26.36
CA GLU C 451 -31.72 21.18 -26.98
C GLU C 451 -32.82 20.44 -26.24
N GLY C 452 -33.06 20.84 -25.01
CA GLY C 452 -34.14 20.24 -24.24
C GLY C 452 -33.58 19.10 -23.43
N ASP C 453 -33.52 19.28 -22.11
CA ASP C 453 -32.86 18.31 -21.27
C ASP C 453 -33.53 16.94 -21.40
N ALA C 454 -32.70 15.91 -21.56
CA ALA C 454 -33.17 14.54 -21.68
C ALA C 454 -32.74 13.75 -20.46
N ILE C 455 -33.66 12.93 -19.95
CA ILE C 455 -33.34 12.12 -18.80
C ILE C 455 -32.27 11.10 -19.15
N SER C 456 -32.47 10.35 -20.22
CA SER C 456 -31.59 9.26 -20.57
C SER C 456 -31.61 9.11 -22.07
N ALA C 457 -30.62 8.41 -22.59
CA ALA C 457 -30.41 8.31 -24.01
C ALA C 457 -30.78 6.90 -24.48
N SER C 458 -30.82 6.73 -25.78
CA SER C 458 -31.23 5.47 -26.39
C SER C 458 -30.13 4.97 -27.30
N ARG C 459 -30.32 3.75 -27.79
CA ARG C 459 -29.28 3.10 -28.57
C ARG C 459 -28.94 3.88 -29.82
N GLN C 460 -29.97 4.38 -30.51
CA GLN C 460 -29.75 5.11 -31.75
C GLN C 460 -28.90 6.35 -31.52
N LYS C 461 -29.19 7.10 -30.46
CA LYS C 461 -28.42 8.31 -30.22
C LYS C 461 -26.97 8.00 -29.91
N LEU C 462 -26.71 6.96 -29.13
CA LEU C 462 -25.33 6.61 -28.81
C LEU C 462 -24.57 6.16 -30.04
N GLU C 463 -25.22 5.41 -30.92
CA GLU C 463 -24.53 5.04 -32.16
C GLU C 463 -24.28 6.25 -33.04
N SER C 464 -25.20 7.21 -33.07
CA SER C 464 -24.94 8.43 -33.80
C SER C 464 -23.72 9.15 -33.25
N GLN C 465 -23.59 9.21 -31.93
CA GLN C 465 -22.43 9.88 -31.37
C GLN C 465 -21.15 9.17 -31.76
N ILE C 466 -21.12 7.84 -31.65
CA ILE C 466 -19.90 7.12 -32.01
C ILE C 466 -19.54 7.41 -33.46
N SER C 467 -20.54 7.50 -34.33
CA SER C 467 -20.24 7.80 -35.72
C SER C 467 -19.67 9.19 -35.88
N THR C 468 -20.32 10.19 -35.27
CA THR C 468 -19.92 11.58 -35.48
C THR C 468 -18.53 11.84 -34.94
N LEU C 469 -18.11 11.14 -33.91
CA LEU C 469 -16.83 11.44 -33.31
C LEU C 469 -15.68 11.20 -34.27
N TYR C 470 -15.82 10.25 -35.17
CA TYR C 470 -14.78 9.94 -36.14
C TYR C 470 -14.92 10.72 -37.41
N GLY C 471 -15.57 11.87 -37.38
CA GLY C 471 -15.71 12.63 -38.61
C GLY C 471 -14.39 13.17 -39.10
N GLY C 472 -13.58 13.72 -38.21
CA GLY C 472 -12.42 14.48 -38.66
C GLY C 472 -11.37 13.62 -39.31
N ARG C 473 -11.07 12.48 -38.71
CA ARG C 473 -9.99 11.65 -39.20
C ARG C 473 -10.27 11.17 -40.61
N LEU C 474 -11.53 10.84 -40.90
CA LEU C 474 -11.86 10.42 -42.25
C LEU C 474 -11.77 11.58 -43.23
N ALA C 475 -12.11 12.78 -42.79
CA ALA C 475 -11.96 13.93 -43.67
C ALA C 475 -10.51 14.11 -44.05
N GLU C 476 -9.63 14.07 -43.06
CA GLU C 476 -8.20 14.18 -43.34
C GLU C 476 -7.74 13.07 -44.26
N GLU C 477 -8.17 11.84 -44.00
CA GLU C 477 -7.65 10.71 -44.74
C GLU C 477 -8.05 10.76 -46.20
N ILE C 478 -9.30 11.03 -46.49
CA ILE C 478 -9.70 11.12 -47.89
C ILE C 478 -9.03 12.30 -48.57
N ILE C 479 -9.04 13.46 -47.93
CA ILE C 479 -8.57 14.65 -48.63
C ILE C 479 -7.07 14.62 -48.82
N TYR C 480 -6.31 14.14 -47.84
CA TYR C 480 -4.86 14.30 -47.85
C TYR C 480 -4.08 13.03 -48.09
N GLY C 481 -4.70 11.86 -48.01
CA GLY C 481 -3.99 10.62 -48.17
C GLY C 481 -3.84 9.83 -46.88
N PRO C 482 -3.61 8.53 -47.01
CA PRO C 482 -3.61 7.68 -45.82
C PRO C 482 -2.39 7.86 -44.94
N GLU C 483 -1.35 8.54 -45.43
CA GLU C 483 -0.14 8.72 -44.66
C GLU C 483 0.14 10.17 -44.32
N HIS C 484 -0.83 11.07 -44.45
CA HIS C 484 -0.68 12.41 -43.94
C HIS C 484 -1.64 12.70 -42.79
N VAL C 485 -2.26 11.66 -42.24
CA VAL C 485 -3.15 11.80 -41.10
C VAL C 485 -2.28 11.99 -39.87
N SER C 486 -2.83 12.50 -38.77
CA SER C 486 -2.01 13.02 -37.68
C SER C 486 -2.57 12.62 -36.34
N THR C 487 -1.88 13.04 -35.28
CA THR C 487 -2.30 12.76 -33.92
C THR C 487 -3.35 13.71 -33.41
N GLY C 488 -4.10 14.35 -34.31
CA GLY C 488 -5.18 15.21 -33.87
C GLY C 488 -6.39 14.47 -33.37
N ALA C 489 -6.67 13.31 -33.90
CA ALA C 489 -7.80 12.53 -33.45
C ALA C 489 -7.50 11.78 -32.17
N SER C 490 -6.49 12.19 -31.43
CA SER C 490 -6.10 11.45 -30.24
C SER C 490 -7.17 11.51 -29.17
N ASN C 491 -7.74 12.68 -28.95
CA ASN C 491 -8.77 12.79 -27.94
C ASN C 491 -10.14 12.40 -28.48
N ASP C 492 -10.33 12.46 -29.78
CA ASP C 492 -11.55 11.93 -30.36
C ASP C 492 -11.60 10.42 -30.24
N ILE C 493 -10.46 9.75 -30.37
CA ILE C 493 -10.45 8.30 -30.27
C ILE C 493 -10.81 7.86 -28.86
N LYS C 494 -10.19 8.45 -27.85
CA LYS C 494 -10.36 7.97 -26.50
C LYS C 494 -11.82 7.98 -26.09
N VAL C 495 -12.50 9.09 -26.31
CA VAL C 495 -13.90 9.18 -25.93
C VAL C 495 -14.71 8.14 -26.65
N ALA C 496 -14.42 7.93 -27.92
CA ALA C 496 -15.20 6.98 -28.68
C ALA C 496 -15.06 5.58 -28.11
N THR C 497 -13.84 5.18 -27.81
CA THR C 497 -13.65 3.81 -27.36
C THR C 497 -14.06 3.64 -25.92
N ASN C 498 -14.17 4.74 -25.18
CA ASN C 498 -14.74 4.66 -23.86
C ASN C 498 -16.24 4.47 -23.92
N LEU C 499 -16.90 5.23 -24.76
CA LEU C 499 -18.34 5.13 -24.86
C LEU C 499 -18.75 3.79 -25.43
N ALA C 500 -17.99 3.28 -26.39
CA ALA C 500 -18.33 1.98 -26.97
C ALA C 500 -18.07 0.85 -25.99
N ARG C 501 -17.20 1.07 -25.02
CA ARG C 501 -16.89 0.02 -24.05
C ARG C 501 -17.96 -0.06 -22.98
N ASN C 502 -18.57 1.08 -22.67
CA ASN C 502 -19.61 1.12 -21.66
C ASN C 502 -20.85 0.37 -22.11
N MET C 503 -21.14 0.39 -23.40
CA MET C 503 -22.38 -0.19 -23.87
C MET C 503 -22.40 -1.69 -23.69
N VAL C 504 -21.36 -2.40 -24.13
CA VAL C 504 -21.41 -3.84 -24.06
C VAL C 504 -21.12 -4.34 -22.65
N THR C 505 -20.42 -3.55 -21.84
CA THR C 505 -20.09 -4.03 -20.50
C THR C 505 -21.18 -3.73 -19.50
N GLN C 506 -21.74 -2.52 -19.52
CA GLN C 506 -22.67 -2.11 -18.48
C GLN C 506 -24.11 -2.10 -18.93
N TRP C 507 -24.44 -1.41 -20.01
CA TRP C 507 -25.83 -1.11 -20.34
C TRP C 507 -26.45 -2.16 -21.25
N GLY C 508 -26.24 -3.43 -20.97
CA GLY C 508 -26.75 -4.42 -21.91
C GLY C 508 -26.20 -4.23 -23.31
N PHE C 509 -27.10 -4.04 -24.25
CA PHE C 509 -26.87 -3.59 -25.64
C PHE C 509 -26.01 -4.48 -26.52
N SER C 510 -25.91 -5.78 -26.28
CA SER C 510 -25.24 -6.68 -27.19
C SER C 510 -26.01 -7.99 -27.25
N GLU C 511 -26.12 -8.56 -28.44
CA GLU C 511 -26.91 -9.77 -28.59
C GLU C 511 -26.16 -11.00 -28.04
N LYS C 512 -24.86 -11.09 -28.32
CA LYS C 512 -24.11 -12.29 -27.99
C LYS C 512 -23.97 -12.46 -26.49
N LEU C 513 -23.49 -11.42 -25.80
CA LEU C 513 -23.16 -11.57 -24.39
C LEU C 513 -24.40 -11.58 -23.51
N GLY C 514 -25.41 -10.81 -23.86
CA GLY C 514 -26.64 -10.78 -23.11
C GLY C 514 -26.70 -9.63 -22.15
N PRO C 515 -27.84 -9.46 -21.48
CA PRO C 515 -27.94 -8.39 -20.50
C PRO C 515 -27.27 -8.76 -19.20
N LEU C 516 -26.09 -8.23 -18.95
CA LEU C 516 -25.35 -8.62 -17.75
C LEU C 516 -24.30 -7.56 -17.47
N LEU C 517 -23.89 -7.48 -16.22
CA LEU C 517 -22.87 -6.54 -15.79
C LEU C 517 -21.52 -7.24 -15.76
N TYR C 518 -20.62 -6.83 -16.66
CA TYR C 518 -19.27 -7.37 -16.73
C TYR C 518 -18.23 -6.45 -16.13
N ALA C 519 -18.57 -5.22 -15.84
CA ALA C 519 -17.58 -4.30 -15.33
C ALA C 519 -17.08 -4.76 -13.98
N HIS C 536 -11.57 -12.63 -11.38
CA HIS C 536 -12.70 -11.87 -11.88
C HIS C 536 -13.45 -12.66 -12.94
N MET C 537 -12.94 -12.63 -14.17
CA MET C 537 -13.57 -13.35 -15.26
C MET C 537 -12.55 -14.17 -16.03
N SER C 538 -13.05 -15.16 -16.74
CA SER C 538 -12.18 -16.06 -17.47
C SER C 538 -11.55 -15.34 -18.64
N ASP C 539 -10.55 -15.99 -19.24
CA ASP C 539 -9.88 -15.38 -20.37
C ASP C 539 -10.71 -15.52 -21.64
N GLU C 540 -11.51 -16.58 -21.75
CA GLU C 540 -12.38 -16.70 -22.91
C GLU C 540 -13.40 -15.57 -22.94
N THR C 541 -13.99 -15.26 -21.79
CA THR C 541 -14.92 -14.14 -21.73
C THR C 541 -14.21 -12.82 -22.01
N ALA C 542 -12.97 -12.70 -21.57
CA ALA C 542 -12.25 -11.45 -21.74
C ALA C 542 -12.05 -11.12 -23.20
N ARG C 543 -11.97 -12.13 -24.06
CA ARG C 543 -11.70 -11.87 -25.46
C ARG C 543 -12.99 -11.61 -26.25
N ILE C 544 -14.10 -12.19 -25.82
CA ILE C 544 -15.35 -11.91 -26.52
C ILE C 544 -15.70 -10.44 -26.43
N ILE C 545 -15.44 -9.81 -25.29
CA ILE C 545 -15.79 -8.40 -25.16
C ILE C 545 -14.99 -7.57 -26.14
N ASP C 546 -13.72 -7.93 -26.37
CA ASP C 546 -12.90 -7.18 -27.30
C ASP C 546 -13.40 -7.35 -28.71
N GLN C 547 -13.70 -8.57 -29.12
CA GLN C 547 -14.26 -8.73 -30.46
C GLN C 547 -15.54 -7.94 -30.59
N GLU C 548 -16.33 -7.85 -29.53
CA GLU C 548 -17.60 -7.14 -29.62
C GLU C 548 -17.40 -5.64 -29.79
N VAL C 549 -16.56 -5.03 -28.96
CA VAL C 549 -16.33 -3.60 -29.12
C VAL C 549 -15.68 -3.30 -30.46
N LYS C 550 -14.82 -4.19 -30.93
CA LYS C 550 -14.23 -3.95 -32.23
C LYS C 550 -15.29 -3.97 -33.33
N ALA C 551 -16.20 -4.93 -33.28
CA ALA C 551 -17.21 -5.00 -34.32
C ALA C 551 -18.07 -3.75 -34.32
N LEU C 552 -18.41 -3.27 -33.14
CA LEU C 552 -19.22 -2.06 -33.05
C LEU C 552 -18.52 -0.86 -33.67
N ILE C 553 -17.29 -0.60 -33.25
CA ILE C 553 -16.55 0.54 -33.78
C ILE C 553 -16.43 0.43 -35.30
N GLU C 554 -16.21 -0.76 -35.82
CA GLU C 554 -16.02 -0.90 -37.25
C GLU C 554 -17.32 -0.61 -38.01
N ARG C 555 -18.44 -1.10 -37.50
CA ARG C 555 -19.69 -0.86 -38.19
C ARG C 555 -19.97 0.62 -38.32
N ASN C 556 -19.82 1.37 -37.23
CA ASN C 556 -20.13 2.79 -37.36
C ASN C 556 -19.06 3.54 -38.13
N TYR C 557 -17.81 3.12 -38.07
CA TYR C 557 -16.76 3.77 -38.85
C TYR C 557 -17.04 3.67 -40.33
N ASN C 558 -17.45 2.49 -40.78
CA ASN C 558 -17.74 2.35 -42.19
C ASN C 558 -18.96 3.16 -42.60
N ARG C 559 -19.99 3.18 -41.75
CA ARG C 559 -21.12 4.05 -42.08
C ARG C 559 -20.67 5.50 -42.20
N ALA C 560 -19.72 5.91 -41.36
CA ALA C 560 -19.25 7.28 -41.41
C ALA C 560 -18.54 7.57 -42.71
N ARG C 561 -17.69 6.66 -43.16
CA ARG C 561 -16.96 6.89 -44.40
C ARG C 561 -17.90 6.94 -45.58
N GLN C 562 -18.88 6.05 -45.61
CA GLN C 562 -19.76 6.01 -46.77
C GLN C 562 -20.61 7.27 -46.88
N LEU C 563 -20.90 7.91 -45.76
CA LEU C 563 -21.72 9.12 -45.76
C LEU C 563 -20.95 10.29 -46.33
N LEU C 564 -19.72 10.46 -45.88
CA LEU C 564 -18.92 11.61 -46.26
C LEU C 564 -18.46 11.50 -47.71
N THR C 565 -18.21 10.29 -48.18
CA THR C 565 -17.76 10.09 -49.54
C THR C 565 -18.80 10.59 -50.53
N ASP C 566 -20.07 10.25 -50.30
CA ASP C 566 -21.12 10.64 -51.24
C ASP C 566 -21.28 12.15 -51.30
N ASN C 567 -21.24 12.82 -50.15
CA ASN C 567 -21.41 14.27 -50.09
C ASN C 567 -20.05 14.96 -50.10
N MET C 568 -19.33 14.78 -51.20
CA MET C 568 -17.99 15.36 -51.31
C MET C 568 -18.05 16.85 -51.49
N ASP C 569 -18.99 17.35 -52.29
CA ASP C 569 -19.00 18.76 -52.63
C ASP C 569 -19.26 19.63 -51.41
N ILE C 570 -20.13 19.18 -50.51
CA ILE C 570 -20.42 19.98 -49.33
C ILE C 570 -19.14 20.24 -48.55
N LEU C 571 -18.27 19.23 -48.47
CA LEU C 571 -17.07 19.38 -47.67
C LEU C 571 -16.18 20.48 -48.20
N HIS C 572 -15.96 20.52 -49.50
CA HIS C 572 -15.17 21.60 -50.07
C HIS C 572 -15.88 22.92 -49.93
N ALA C 573 -17.17 22.96 -50.24
CA ALA C 573 -17.91 24.20 -50.11
C ALA C 573 -17.81 24.74 -48.70
N MET C 574 -17.73 23.86 -47.71
CA MET C 574 -17.70 24.33 -46.33
C MET C 574 -16.28 24.66 -45.89
N LYS C 575 -15.27 24.05 -46.51
CA LYS C 575 -13.91 24.50 -46.23
C LYS C 575 -13.70 25.94 -46.64
N ASP C 576 -14.24 26.32 -47.79
CA ASP C 576 -14.05 27.67 -48.27
C ASP C 576 -14.63 28.69 -47.31
N ALA C 577 -15.83 28.43 -46.80
CA ALA C 577 -16.45 29.40 -45.92
C ALA C 577 -15.66 29.58 -44.64
N LEU C 578 -15.21 28.48 -44.03
CA LEU C 578 -14.48 28.57 -42.78
C LEU C 578 -13.23 29.41 -42.95
N MET C 579 -12.64 29.39 -44.14
CA MET C 579 -11.42 30.15 -44.35
C MET C 579 -11.72 31.62 -44.61
N LYS C 580 -12.78 31.92 -45.36
CA LYS C 580 -13.16 33.31 -45.54
C LYS C 580 -13.53 33.95 -44.22
N TYR C 581 -14.63 33.55 -43.64
CA TYR C 581 -15.03 33.97 -42.32
C TYR C 581 -14.60 32.89 -41.36
N GLU C 582 -13.86 33.27 -40.34
CA GLU C 582 -13.24 32.25 -39.50
C GLU C 582 -14.27 31.50 -38.67
N THR C 583 -15.52 31.95 -38.66
CA THR C 583 -16.56 31.31 -37.88
C THR C 583 -17.88 31.29 -38.63
N ILE C 584 -18.61 30.19 -38.52
CA ILE C 584 -19.88 29.99 -39.19
C ILE C 584 -20.93 29.81 -38.12
N ASP C 585 -22.10 30.41 -38.32
CA ASP C 585 -23.21 30.28 -37.39
C ASP C 585 -24.20 29.25 -37.87
N ALA C 586 -25.27 29.08 -37.09
CA ALA C 586 -26.25 28.05 -37.39
C ALA C 586 -27.01 28.27 -38.68
N PRO C 587 -27.54 29.45 -39.00
CA PRO C 587 -28.31 29.57 -40.23
C PRO C 587 -27.51 29.29 -41.48
N GLN C 588 -26.21 29.55 -41.45
CA GLN C 588 -25.39 29.33 -42.63
C GLN C 588 -25.32 27.85 -42.99
N ILE C 589 -25.25 26.98 -41.99
CA ILE C 589 -25.13 25.55 -42.27
C ILE C 589 -26.33 25.05 -43.05
N ASP C 590 -27.52 25.58 -42.74
CA ASP C 590 -28.67 25.20 -43.54
C ASP C 590 -28.46 25.57 -45.00
N ASP C 591 -27.85 26.73 -45.24
CA ASP C 591 -27.58 27.13 -46.61
C ASP C 591 -26.65 26.15 -47.30
N LEU C 592 -25.58 25.73 -46.62
CA LEU C 592 -24.67 24.78 -47.23
C LEU C 592 -25.35 23.44 -47.48
N MET C 593 -26.09 22.96 -46.51
CA MET C 593 -26.61 21.61 -46.61
C MET C 593 -27.73 21.53 -47.64
N ALA C 594 -28.39 22.64 -47.88
CA ALA C 594 -29.37 22.66 -48.95
C ALA C 594 -28.74 22.77 -50.32
N ARG C 595 -27.41 22.94 -50.37
CA ARG C 595 -26.69 23.17 -51.61
C ARG C 595 -27.17 24.44 -52.30
N ARG C 596 -27.05 25.56 -51.58
CA ARG C 596 -27.22 26.89 -52.14
C ARG C 596 -26.17 27.82 -51.55
N ASP C 597 -26.11 29.05 -52.06
CA ASP C 597 -25.01 29.95 -51.73
C ASP C 597 -25.17 30.50 -50.31
N VAL C 598 -24.05 30.91 -49.75
CA VAL C 598 -23.96 31.21 -48.32
C VAL C 598 -24.17 32.70 -48.12
N ARG C 599 -25.08 33.06 -47.22
CA ARG C 599 -25.23 34.43 -46.80
C ARG C 599 -24.08 34.80 -45.89
N PRO C 600 -23.69 36.07 -45.86
CA PRO C 600 -22.64 36.48 -44.93
C PRO C 600 -23.13 36.34 -43.50
N PRO C 601 -22.22 36.18 -42.54
CA PRO C 601 -22.66 35.89 -41.19
C PRO C 601 -23.24 37.12 -40.52
N ALA C 602 -24.02 36.89 -39.46
CA ALA C 602 -24.57 37.99 -38.71
C ALA C 602 -23.46 38.79 -38.04
N GLY C 603 -23.35 40.06 -38.41
CA GLY C 603 -22.19 40.84 -38.05
C GLY C 603 -21.36 41.20 -39.27
N TRP C 604 -20.04 41.21 -39.12
CA TRP C 604 -19.12 41.47 -40.21
C TRP C 604 -19.30 42.87 -40.79
N MET D 141 3.83 50.89 7.28
CA MET D 141 3.24 49.64 6.81
C MET D 141 3.42 49.52 5.30
N LEU D 142 3.05 50.57 4.58
CA LEU D 142 3.14 50.55 3.13
C LEU D 142 4.59 50.66 2.66
N THR D 143 4.93 49.85 1.66
CA THR D 143 6.24 49.88 1.04
C THR D 143 6.10 50.62 -0.28
N GLU D 144 6.81 51.73 -0.42
CA GLU D 144 6.52 52.69 -1.48
C GLU D 144 6.94 52.16 -2.83
N ASP D 145 6.21 52.61 -3.86
CA ASP D 145 6.60 52.46 -5.26
C ASP D 145 6.57 53.85 -5.89
N GLN D 146 7.71 54.29 -6.41
CA GLN D 146 7.86 55.64 -6.94
C GLN D 146 8.03 55.69 -8.46
N ILE D 147 9.03 55.00 -9.00
CA ILE D 147 9.32 55.01 -10.42
C ILE D 147 9.64 53.60 -10.88
N LYS D 148 8.85 53.09 -11.81
CA LYS D 148 9.11 51.80 -12.44
C LYS D 148 8.83 51.93 -13.94
N THR D 149 9.50 51.08 -14.72
CA THR D 149 9.32 51.11 -16.17
C THR D 149 7.93 50.62 -16.55
N THR D 150 7.42 51.16 -17.66
CA THR D 150 6.11 50.78 -18.14
C THR D 150 6.12 49.34 -18.66
N PHE D 151 4.98 48.93 -19.23
CA PHE D 151 4.79 47.54 -19.61
C PHE D 151 5.78 47.05 -20.66
N ALA D 152 6.71 47.88 -21.10
CA ALA D 152 7.75 47.37 -21.98
C ALA D 152 8.78 46.66 -21.14
N ASP D 153 8.32 45.74 -20.29
CA ASP D 153 9.19 44.91 -19.49
C ASP D 153 8.88 43.44 -19.60
N VAL D 154 7.63 43.07 -19.79
CA VAL D 154 7.23 41.68 -19.95
C VAL D 154 6.90 41.46 -21.41
N ALA D 155 7.48 40.43 -21.99
CA ALA D 155 7.31 40.16 -23.40
C ALA D 155 6.39 38.97 -23.59
N GLY D 156 5.68 38.96 -24.70
CA GLY D 156 4.78 37.89 -24.97
C GLY D 156 3.64 37.89 -23.98
N CYS D 157 2.93 36.76 -23.95
CA CYS D 157 1.77 36.59 -23.09
C CYS D 157 0.73 37.68 -23.34
N ASP D 158 0.52 37.99 -24.61
CA ASP D 158 -0.30 39.15 -24.95
C ASP D 158 -1.72 39.00 -24.47
N GLU D 159 -2.31 37.81 -24.64
CA GLU D 159 -3.67 37.62 -24.15
C GLU D 159 -3.72 37.80 -22.63
N ALA D 160 -2.74 37.25 -21.93
CA ALA D 160 -2.60 37.52 -20.52
C ALA D 160 -2.41 39.01 -20.28
N LYS D 161 -1.69 39.68 -21.17
CA LYS D 161 -1.50 41.11 -20.99
C LYS D 161 -2.83 41.85 -20.98
N GLU D 162 -3.72 41.50 -21.89
CA GLU D 162 -5.02 42.15 -21.91
C GLU D 162 -5.80 41.81 -20.65
N GLU D 163 -5.95 40.52 -20.39
CA GLU D 163 -6.73 40.07 -19.24
C GLU D 163 -6.08 40.54 -17.94
N VAL D 164 -4.90 41.15 -18.03
CA VAL D 164 -4.34 41.78 -16.83
C VAL D 164 -4.58 43.28 -16.78
N ALA D 165 -4.34 43.99 -17.87
CA ALA D 165 -4.59 45.43 -17.90
C ALA D 165 -6.06 45.76 -17.66
N GLU D 166 -6.93 44.75 -17.77
CA GLU D 166 -8.29 44.94 -17.28
C GLU D 166 -8.26 45.43 -15.84
N LEU D 167 -7.47 44.80 -14.99
CA LEU D 167 -7.43 45.20 -13.59
C LEU D 167 -6.84 46.60 -13.44
N VAL D 168 -5.86 46.95 -14.29
CA VAL D 168 -5.27 48.28 -14.21
C VAL D 168 -6.31 49.34 -14.55
N GLU D 169 -7.11 49.10 -15.58
CA GLU D 169 -8.21 50.00 -15.87
C GLU D 169 -9.18 50.06 -14.70
N TYR D 170 -9.42 48.92 -14.08
CA TYR D 170 -10.42 48.84 -13.02
C TYR D 170 -10.02 49.66 -11.80
N LEU D 171 -8.98 49.22 -11.10
CA LEU D 171 -8.87 49.53 -9.68
C LEU D 171 -8.86 51.03 -9.43
N ARG D 172 -8.36 51.81 -10.38
CA ARG D 172 -8.55 53.24 -10.37
C ARG D 172 -9.61 53.63 -11.41
N GLU D 173 -10.42 54.63 -11.06
CA GLU D 173 -11.47 55.15 -11.92
C GLU D 173 -12.53 54.11 -12.30
N PRO D 174 -13.24 53.54 -11.32
CA PRO D 174 -14.17 52.45 -11.64
C PRO D 174 -15.44 52.90 -12.31
N SER D 175 -16.04 54.00 -11.87
CA SER D 175 -17.38 54.35 -12.29
C SER D 175 -17.56 54.39 -13.80
N ARG D 176 -16.48 54.27 -14.57
CA ARG D 176 -16.62 54.33 -16.01
C ARG D 176 -17.37 53.14 -16.56
N PHE D 177 -17.56 52.11 -15.75
CA PHE D 177 -18.47 51.03 -16.10
C PHE D 177 -19.89 51.53 -15.84
N GLN D 178 -20.41 52.30 -16.80
CA GLN D 178 -21.78 52.77 -16.68
C GLN D 178 -22.78 51.65 -16.86
N LYS D 179 -22.41 50.56 -17.52
CA LYS D 179 -23.24 49.38 -17.56
C LYS D 179 -23.19 48.65 -16.24
N LEU D 180 -22.17 48.95 -15.43
CA LEU D 180 -22.17 48.75 -13.98
C LEU D 180 -22.72 47.38 -13.61
N GLY D 181 -22.67 46.44 -14.53
CA GLY D 181 -22.84 45.06 -14.13
C GLY D 181 -21.62 44.60 -13.38
N GLY D 182 -20.55 45.38 -13.48
CA GLY D 182 -19.25 44.88 -13.12
C GLY D 182 -18.95 45.06 -11.66
N LYS D 183 -19.31 44.05 -10.90
CA LYS D 183 -18.62 43.85 -9.65
C LYS D 183 -17.22 43.34 -9.97
N ILE D 184 -16.36 43.32 -8.96
CA ILE D 184 -14.93 43.12 -9.15
C ILE D 184 -14.68 41.76 -9.79
N PRO D 185 -13.61 41.58 -10.48
CA PRO D 185 -13.20 40.23 -10.87
C PRO D 185 -12.54 39.48 -9.73
N LYS D 186 -13.32 38.72 -8.97
CA LYS D 186 -12.88 37.95 -7.80
C LYS D 186 -11.64 37.14 -8.16
N GLY D 187 -10.86 36.76 -7.18
CA GLY D 187 -9.48 36.36 -7.36
C GLY D 187 -9.11 35.66 -8.65
N VAL D 188 -8.06 36.16 -9.29
CA VAL D 188 -7.58 35.64 -10.57
C VAL D 188 -6.50 34.60 -10.30
N LEU D 189 -6.58 33.47 -10.95
CA LEU D 189 -5.57 32.43 -10.81
C LEU D 189 -4.66 32.45 -12.03
N MET D 190 -3.36 32.67 -11.81
CA MET D 190 -2.40 32.64 -12.91
C MET D 190 -1.85 31.23 -13.06
N VAL D 191 -2.76 30.29 -13.27
CA VAL D 191 -2.39 28.89 -13.38
C VAL D 191 -1.68 28.67 -14.70
N GLY D 192 -0.51 28.04 -14.65
CA GLY D 192 0.28 27.78 -15.83
C GLY D 192 1.48 26.90 -15.55
N PRO D 193 2.28 26.64 -16.58
CA PRO D 193 3.46 25.82 -16.38
C PRO D 193 4.49 26.54 -15.54
N PRO D 194 5.28 25.82 -14.75
CA PRO D 194 6.28 26.47 -13.91
C PRO D 194 7.46 26.99 -14.71
N GLY D 195 8.04 28.08 -14.25
CA GLY D 195 9.25 28.61 -14.85
C GLY D 195 9.07 29.72 -15.85
N THR D 196 7.86 29.99 -16.33
CA THR D 196 7.64 30.92 -17.44
C THR D 196 6.70 32.02 -17.02
N GLY D 197 7.23 33.02 -16.33
CA GLY D 197 6.46 34.23 -16.08
C GLY D 197 5.18 34.03 -15.30
N LYS D 198 5.22 33.26 -14.21
CA LYS D 198 4.12 33.27 -13.26
C LYS D 198 3.92 34.64 -12.66
N THR D 199 4.96 35.46 -12.72
CA THR D 199 5.02 36.77 -12.14
C THR D 199 5.86 37.61 -13.07
N LEU D 200 6.47 38.64 -12.52
CA LEU D 200 7.27 39.62 -13.21
C LEU D 200 6.35 40.58 -13.93
N LEU D 201 5.05 40.29 -13.92
CA LEU D 201 4.09 41.31 -14.27
C LEU D 201 4.12 42.45 -13.29
N ALA D 202 4.67 42.21 -12.10
CA ALA D 202 4.49 43.12 -10.99
C ALA D 202 5.02 44.50 -11.29
N LYS D 203 6.16 44.59 -11.98
CA LYS D 203 6.81 45.89 -12.17
C LYS D 203 6.04 46.79 -13.13
N ALA D 204 5.54 46.24 -14.23
CA ALA D 204 4.72 47.02 -15.14
C ALA D 204 3.40 47.41 -14.49
N ILE D 205 2.68 46.44 -13.92
CA ILE D 205 1.33 46.73 -13.43
C ILE D 205 1.36 47.61 -12.19
N ALA D 206 2.10 47.18 -11.15
CA ALA D 206 2.14 47.95 -9.91
C ALA D 206 2.66 49.34 -10.18
N GLY D 207 3.45 49.51 -11.23
CA GLY D 207 3.80 50.83 -11.70
C GLY D 207 2.61 51.57 -12.28
N GLU D 208 1.82 50.91 -13.12
CA GLU D 208 0.68 51.56 -13.74
C GLU D 208 -0.43 51.79 -12.73
N ALA D 209 -1.12 52.93 -12.86
CA ALA D 209 -2.04 53.53 -11.90
C ALA D 209 -1.27 53.96 -10.65
N LYS D 210 0.03 53.73 -10.61
CA LYS D 210 0.87 54.10 -9.49
C LYS D 210 0.33 53.54 -8.18
N VAL D 211 0.00 52.25 -8.22
CA VAL D 211 -0.43 51.54 -7.02
C VAL D 211 0.83 51.04 -6.30
N PRO D 212 1.13 51.53 -5.12
CA PRO D 212 2.35 51.09 -4.43
C PRO D 212 2.07 49.91 -3.53
N PHE D 213 3.08 49.06 -3.26
CA PHE D 213 2.82 47.91 -2.41
C PHE D 213 4.09 47.15 -2.05
N PHE D 214 3.92 46.23 -1.11
CA PHE D 214 4.50 44.89 -1.18
C PHE D 214 3.32 43.92 -1.16
N THR D 215 3.17 43.14 -2.23
CA THR D 215 2.01 42.25 -2.29
C THR D 215 2.18 41.13 -1.29
N ILE D 216 1.06 40.74 -0.69
CA ILE D 216 1.08 40.31 0.70
C ILE D 216 2.03 39.15 0.93
N SER D 217 2.06 38.18 0.04
CA SER D 217 2.97 37.07 0.27
C SER D 217 4.40 37.56 0.13
N GLY D 218 5.11 37.60 1.25
CA GLY D 218 6.43 38.20 1.31
C GLY D 218 6.66 39.01 2.57
N ALA D 230 -3.92 26.81 11.04
CA ALA D 230 -3.18 27.62 10.08
C ALA D 230 -4.11 28.55 9.34
N SER D 231 -4.77 29.46 10.05
CA SER D 231 -5.55 30.47 9.37
C SER D 231 -5.42 31.82 10.06
N ARG D 232 -4.20 32.18 10.47
CA ARG D 232 -4.00 33.40 11.23
C ARG D 232 -4.41 34.65 10.46
N VAL D 233 -4.53 34.58 9.14
CA VAL D 233 -4.61 35.79 8.34
C VAL D 233 -5.93 36.51 8.55
N ARG D 234 -6.97 35.77 8.91
CA ARG D 234 -8.35 36.18 8.62
C ARG D 234 -8.58 37.66 8.88
N ASP D 235 -8.13 38.16 10.02
CA ASP D 235 -8.25 39.59 10.28
C ASP D 235 -7.13 40.36 9.59
N MET D 236 -5.97 39.73 9.40
CA MET D 236 -4.87 40.44 8.77
C MET D 236 -5.21 40.77 7.33
N PHE D 237 -6.04 39.95 6.70
CA PHE D 237 -6.55 40.30 5.38
C PHE D 237 -7.45 41.52 5.45
N GLU D 238 -8.27 41.61 6.48
CA GLU D 238 -9.00 42.85 6.70
C GLU D 238 -8.04 44.03 6.89
N GLN D 239 -6.84 43.76 7.44
CA GLN D 239 -5.89 44.85 7.69
C GLN D 239 -5.54 45.59 6.41
N ALA D 240 -5.53 44.88 5.29
CA ALA D 240 -5.25 45.50 3.99
C ALA D 240 -6.56 45.84 3.27
N LYS D 241 -7.12 46.99 3.64
CA LYS D 241 -8.21 47.61 2.89
C LYS D 241 -8.12 49.13 2.73
N LYS D 242 -7.27 49.82 3.48
CA LYS D 242 -7.21 51.27 3.48
C LYS D 242 -5.89 51.75 2.88
N ALA D 243 -5.95 52.80 2.06
CA ALA D 243 -4.78 53.37 1.41
C ALA D 243 -3.95 52.28 0.71
N ALA D 244 -4.62 51.49 -0.14
CA ALA D 244 -4.11 50.23 -0.67
C ALA D 244 -3.89 50.29 -2.18
N PRO D 245 -3.15 49.33 -2.77
CA PRO D 245 -3.00 49.31 -4.23
C PRO D 245 -4.22 48.74 -4.91
N CYS D 246 -5.23 48.39 -4.10
CA CYS D 246 -6.55 47.90 -4.47
C CYS D 246 -6.63 46.39 -4.74
N ILE D 247 -5.55 45.63 -4.53
CA ILE D 247 -5.56 44.17 -4.70
C ILE D 247 -4.60 43.56 -3.69
N ILE D 248 -4.53 42.23 -3.68
CA ILE D 248 -3.59 41.50 -2.86
C ILE D 248 -3.10 40.31 -3.68
N PHE D 249 -1.81 39.97 -3.58
CA PHE D 249 -1.24 38.77 -4.21
C PHE D 249 -0.79 37.78 -3.14
N ILE D 250 -1.33 36.57 -3.19
CA ILE D 250 -1.05 35.54 -2.20
C ILE D 250 -0.44 34.33 -2.91
N ASP D 251 0.80 34.01 -2.57
CA ASP D 251 1.42 32.77 -3.02
C ASP D 251 2.36 32.31 -1.91
N GLN D 252 1.84 31.46 -1.05
CA GLN D 252 2.64 30.44 -0.38
C GLN D 252 2.26 29.05 -0.88
N ILE D 253 1.45 28.98 -1.95
CA ILE D 253 1.10 27.76 -2.65
C ILE D 253 1.69 27.78 -4.04
N ARG D 271 -8.97 22.63 3.14
CA ARG D 271 -9.69 23.22 4.26
C ARG D 271 -9.90 24.71 4.02
N GLU D 272 -9.53 25.16 2.84
CA GLU D 272 -9.64 26.56 2.45
C GLU D 272 -10.91 26.85 1.66
N GLN D 273 -12.04 26.26 2.05
CA GLN D 273 -13.31 26.56 1.39
C GLN D 273 -13.75 27.99 1.63
N THR D 274 -13.08 28.71 2.53
CA THR D 274 -13.40 30.09 2.81
C THR D 274 -12.82 31.03 1.77
N LEU D 275 -12.53 30.57 0.56
CA LEU D 275 -12.04 31.46 -0.48
C LEU D 275 -13.00 32.63 -0.72
N ASN D 276 -14.26 32.31 -1.07
CA ASN D 276 -15.23 33.38 -1.29
C ASN D 276 -15.46 34.15 0.00
N GLN D 277 -15.35 33.47 1.15
CA GLN D 277 -15.52 34.15 2.43
C GLN D 277 -14.45 35.22 2.62
N MET D 278 -13.21 34.94 2.22
CA MET D 278 -12.15 35.94 2.33
C MET D 278 -12.33 37.04 1.29
N LEU D 279 -12.84 36.68 0.11
CA LEU D 279 -13.16 37.72 -0.87
C LEU D 279 -14.19 38.68 -0.31
N VAL D 280 -15.22 38.14 0.33
CA VAL D 280 -16.18 39.00 1.01
C VAL D 280 -15.52 39.73 2.18
N GLU D 281 -14.56 39.07 2.84
CA GLU D 281 -13.94 39.71 3.98
C GLU D 281 -13.26 41.00 3.56
N MET D 282 -12.59 40.99 2.42
CA MET D 282 -11.99 42.22 1.94
C MET D 282 -13.05 43.16 1.39
N ASP D 283 -14.04 42.63 0.67
CA ASP D 283 -15.04 43.47 0.03
C ASP D 283 -15.85 44.27 1.04
N GLY D 284 -16.05 43.71 2.24
CA GLY D 284 -17.02 44.28 3.17
C GLY D 284 -16.76 45.74 3.47
N PHE D 285 -15.49 46.15 3.43
CA PHE D 285 -15.11 47.55 3.52
C PHE D 285 -14.34 47.88 2.25
N GLU D 286 -15.05 48.38 1.25
CA GLU D 286 -14.49 48.66 -0.05
C GLU D 286 -14.44 50.16 -0.28
N GLY D 287 -13.23 50.69 -0.44
CA GLY D 287 -13.11 52.05 -0.91
C GLY D 287 -13.15 51.99 -2.42
N ASN D 288 -14.20 51.36 -2.94
CA ASN D 288 -14.27 50.97 -4.34
C ASN D 288 -12.99 50.26 -4.76
N GLU D 289 -12.44 49.47 -3.84
CA GLU D 289 -11.12 48.90 -4.06
C GLU D 289 -11.09 47.95 -5.26
N GLY D 290 -12.19 47.28 -5.55
CA GLY D 290 -12.14 46.25 -6.58
C GLY D 290 -11.27 45.08 -6.16
N ILE D 291 -11.44 44.63 -4.91
CA ILE D 291 -10.47 43.74 -4.28
C ILE D 291 -10.43 42.39 -5.00
N ILE D 292 -9.22 41.87 -5.17
CA ILE D 292 -9.01 40.53 -5.68
C ILE D 292 -7.89 39.88 -4.88
N VAL D 293 -7.97 38.56 -4.72
CA VAL D 293 -6.81 37.80 -4.32
C VAL D 293 -6.20 37.14 -5.55
N ILE D 294 -5.32 37.85 -6.27
CA ILE D 294 -4.77 37.25 -7.47
C ILE D 294 -3.66 36.31 -7.06
N ALA D 295 -3.83 35.04 -7.39
CA ALA D 295 -2.96 33.99 -6.87
C ALA D 295 -2.44 33.15 -8.03
N ALA D 296 -1.21 32.65 -7.87
CA ALA D 296 -0.51 31.93 -8.93
C ALA D 296 0.26 30.76 -8.33
N THR D 297 -0.11 29.55 -8.70
CA THR D 297 0.64 28.38 -8.33
C THR D 297 0.53 27.32 -9.42
N ASN D 298 1.55 26.50 -9.53
CA ASN D 298 1.50 25.36 -10.42
C ASN D 298 0.44 24.38 -9.94
N ARG D 309 -14.06 26.99 -8.64
CA ARG D 309 -15.49 27.29 -8.62
C ARG D 309 -15.75 28.78 -8.87
N PRO D 310 -16.76 29.09 -9.67
CA PRO D 310 -17.12 30.49 -9.87
C PRO D 310 -17.51 31.17 -8.57
N GLY D 311 -17.13 32.43 -8.45
CA GLY D 311 -17.31 33.20 -7.25
C GLY D 311 -16.11 33.21 -6.32
N ARG D 312 -15.25 32.21 -6.42
CA ARG D 312 -14.03 32.19 -5.64
C ARG D 312 -12.78 32.21 -6.51
N PHE D 313 -12.81 31.57 -7.69
CA PHE D 313 -11.69 31.58 -8.63
C PHE D 313 -12.22 31.81 -10.04
N ASP D 314 -13.01 32.88 -10.20
CA ASP D 314 -13.67 33.16 -11.47
C ASP D 314 -12.69 33.19 -12.65
N ARG D 315 -11.56 33.86 -12.49
CA ARG D 315 -10.63 34.11 -13.59
C ARG D 315 -9.36 33.29 -13.42
N GLN D 316 -9.00 32.53 -14.45
CA GLN D 316 -7.77 31.73 -14.46
C GLN D 316 -7.01 32.02 -15.74
N VAL D 317 -6.21 33.10 -15.71
CA VAL D 317 -5.40 33.46 -16.86
C VAL D 317 -4.22 32.52 -16.96
N VAL D 318 -3.80 32.21 -18.17
CA VAL D 318 -2.75 31.24 -18.41
C VAL D 318 -1.49 31.96 -18.86
N VAL D 319 -0.39 31.75 -18.13
CA VAL D 319 0.91 32.24 -18.54
C VAL D 319 1.70 31.07 -19.13
N GLY D 320 1.58 30.88 -20.43
CA GLY D 320 2.10 29.68 -21.05
C GLY D 320 3.54 29.79 -21.50
N LEU D 321 4.06 28.67 -21.98
CA LEU D 321 5.42 28.63 -22.52
C LEU D 321 5.52 29.51 -23.76
N PRO D 322 6.61 30.23 -23.94
CA PRO D 322 6.64 31.22 -25.00
C PRO D 322 6.71 30.56 -26.35
N ASP D 323 6.15 31.22 -27.34
CA ASP D 323 6.24 30.75 -28.70
C ASP D 323 7.49 31.32 -29.36
N VAL D 324 7.80 30.79 -30.54
CA VAL D 324 9.00 31.21 -31.26
C VAL D 324 8.93 32.69 -31.58
N ARG D 325 7.82 33.14 -32.14
CA ARG D 325 7.68 34.56 -32.35
C ARG D 325 7.80 35.31 -31.03
N GLY D 326 7.39 34.68 -29.93
CA GLY D 326 7.61 35.28 -28.63
C GLY D 326 9.06 35.18 -28.19
N ARG D 327 9.72 34.09 -28.53
CA ARG D 327 11.13 33.98 -28.27
C ARG D 327 11.87 35.18 -28.84
N GLU D 328 11.44 35.65 -29.99
CA GLU D 328 12.13 36.78 -30.60
C GLU D 328 12.16 37.98 -29.66
N GLN D 329 10.99 38.43 -29.21
CA GLN D 329 10.98 39.63 -28.41
C GLN D 329 11.69 39.42 -27.10
N ILE D 330 11.47 38.28 -26.45
CA ILE D 330 12.08 38.10 -25.14
C ILE D 330 13.59 38.12 -25.27
N LEU D 331 14.11 37.62 -26.38
CA LEU D 331 15.55 37.62 -26.57
C LEU D 331 16.06 39.00 -26.91
N LYS D 332 15.29 39.76 -27.67
CA LYS D 332 15.77 41.06 -28.06
C LYS D 332 15.84 42.00 -26.86
N VAL D 333 14.93 41.83 -25.91
CA VAL D 333 14.93 42.73 -24.76
C VAL D 333 16.25 42.62 -24.00
N HIS D 334 16.48 41.50 -23.34
CA HIS D 334 17.67 41.33 -22.54
C HIS D 334 18.94 41.51 -23.35
N MET D 335 18.82 41.56 -24.67
CA MET D 335 20.00 41.77 -25.48
C MET D 335 20.36 43.23 -25.57
N ARG D 336 19.58 44.11 -24.95
CA ARG D 336 19.89 45.53 -25.03
C ARG D 336 21.22 45.87 -24.35
N ARG D 337 21.64 45.06 -23.38
CA ARG D 337 22.65 45.53 -22.43
C ARG D 337 24.08 45.35 -22.93
N VAL D 338 24.30 44.88 -24.14
CA VAL D 338 25.65 44.52 -24.57
C VAL D 338 25.84 45.04 -25.98
N PRO D 339 27.06 44.97 -26.52
CA PRO D 339 27.23 45.12 -27.97
C PRO D 339 26.68 43.91 -28.71
N LEU D 340 26.82 43.96 -30.03
CA LEU D 340 26.51 42.81 -30.87
C LEU D 340 27.49 42.73 -32.03
N ALA D 341 27.94 41.52 -32.33
CA ALA D 341 28.66 41.26 -33.56
C ALA D 341 27.67 41.21 -34.71
N PRO D 342 28.11 41.51 -35.94
CA PRO D 342 27.13 41.81 -36.98
C PRO D 342 26.26 40.64 -37.39
N ASP D 343 26.77 39.42 -37.29
CA ASP D 343 26.17 38.27 -37.96
C ASP D 343 25.11 37.56 -37.13
N ILE D 344 24.63 38.17 -36.06
CA ILE D 344 23.73 37.47 -35.16
C ILE D 344 22.33 37.43 -35.76
N ASP D 345 21.77 36.23 -35.86
CA ASP D 345 20.38 36.01 -36.22
C ASP D 345 19.66 35.50 -35.00
N ALA D 346 18.70 36.27 -34.50
CA ALA D 346 18.05 35.90 -33.26
C ALA D 346 17.22 34.65 -33.42
N ALA D 347 16.55 34.51 -34.55
CA ALA D 347 15.54 33.48 -34.69
C ALA D 347 16.14 32.09 -34.55
N ILE D 348 17.38 31.90 -34.98
CA ILE D 348 17.97 30.56 -34.92
C ILE D 348 18.17 30.15 -33.48
N ILE D 349 18.68 31.05 -32.67
CA ILE D 349 18.74 30.79 -31.23
C ILE D 349 17.35 30.60 -30.68
N ALA D 350 16.37 31.28 -31.29
CA ALA D 350 15.01 31.13 -30.80
C ALA D 350 14.51 29.72 -30.99
N ARG D 351 14.61 29.19 -32.21
CA ARG D 351 14.14 27.84 -32.44
C ARG D 351 15.06 26.85 -31.78
N GLY D 352 16.23 27.31 -31.34
CA GLY D 352 17.17 26.43 -30.69
C GLY D 352 16.76 26.08 -29.26
N THR D 353 15.86 26.86 -28.68
CA THR D 353 15.49 26.64 -27.28
C THR D 353 14.06 26.16 -27.14
N PRO D 354 13.77 24.91 -27.44
CA PRO D 354 12.38 24.47 -27.43
C PRO D 354 11.85 24.34 -26.03
N GLY D 355 10.85 25.13 -25.70
CA GLY D 355 10.15 24.99 -24.45
C GLY D 355 10.78 25.70 -23.27
N PHE D 356 11.95 26.30 -23.45
CA PHE D 356 12.55 27.03 -22.35
C PHE D 356 11.90 28.40 -22.24
N SER D 357 11.88 28.93 -21.03
CA SER D 357 11.10 30.08 -20.66
C SER D 357 11.78 31.37 -21.06
N GLY D 358 11.26 32.46 -20.53
CA GLY D 358 12.03 33.69 -20.54
C GLY D 358 13.23 33.62 -19.62
N ALA D 359 13.08 32.91 -18.51
CA ALA D 359 14.19 32.79 -17.58
C ALA D 359 15.37 32.10 -18.23
N ASP D 360 15.11 31.03 -18.98
CA ASP D 360 16.21 30.31 -19.62
C ASP D 360 16.92 31.18 -20.63
N LEU D 361 16.18 31.98 -21.39
CA LEU D 361 16.80 32.87 -22.34
C LEU D 361 17.66 33.91 -21.65
N ALA D 362 17.13 34.50 -20.58
CA ALA D 362 17.94 35.43 -19.83
C ALA D 362 19.21 34.75 -19.38
N ASN D 363 19.08 33.52 -18.96
CA ASN D 363 20.24 32.78 -18.52
C ASN D 363 21.24 32.60 -19.65
N LEU D 364 20.73 32.29 -20.84
CA LEU D 364 21.59 32.04 -21.98
C LEU D 364 22.41 33.27 -22.32
N VAL D 365 21.78 34.42 -22.36
CA VAL D 365 22.55 35.59 -22.74
C VAL D 365 23.53 35.96 -21.64
N ASN D 366 23.14 35.77 -20.40
CA ASN D 366 24.10 36.03 -19.33
C ASN D 366 25.35 35.20 -19.53
N GLU D 367 25.17 33.89 -19.73
CA GLU D 367 26.31 33.03 -19.89
C GLU D 367 27.07 33.36 -21.15
N ALA D 368 26.41 33.88 -22.16
CA ALA D 368 27.13 34.27 -23.36
C ALA D 368 28.08 35.39 -23.05
N ALA D 369 27.63 36.37 -22.27
CA ALA D 369 28.51 37.44 -21.85
C ALA D 369 29.71 36.90 -21.11
N LEU D 370 29.46 36.06 -20.13
CA LEU D 370 30.57 35.58 -19.33
C LEU D 370 31.54 34.79 -20.19
N PHE D 371 31.00 33.93 -21.05
CA PHE D 371 31.83 33.06 -21.86
C PHE D 371 32.73 33.88 -22.76
N ALA D 372 32.18 34.92 -23.36
CA ALA D 372 33.02 35.77 -24.19
C ALA D 372 34.11 36.41 -23.35
N ALA D 373 33.75 36.86 -22.15
CA ALA D 373 34.72 37.55 -21.31
C ALA D 373 35.88 36.64 -20.93
N ARG D 374 35.63 35.34 -20.80
CA ARG D 374 36.68 34.44 -20.35
C ARG D 374 37.87 34.45 -21.28
N GLY D 375 37.63 34.39 -22.59
CA GLY D 375 38.75 34.45 -23.49
C GLY D 375 39.19 35.85 -23.82
N ASN D 376 38.51 36.85 -23.25
CA ASN D 376 38.81 38.25 -23.50
C ASN D 376 38.58 38.61 -24.96
N LYS D 377 37.47 38.13 -25.52
CA LYS D 377 37.05 38.60 -26.82
C LYS D 377 36.28 39.91 -26.69
N ARG D 378 36.59 40.87 -27.55
CA ARG D 378 36.10 42.23 -27.33
C ARG D 378 34.59 42.30 -27.49
N VAL D 379 34.04 41.64 -28.52
CA VAL D 379 32.61 41.65 -28.78
C VAL D 379 32.14 40.21 -28.98
N VAL D 380 30.86 39.98 -28.73
CA VAL D 380 30.31 38.63 -28.64
C VAL D 380 29.63 38.32 -29.96
N SER D 381 30.03 37.23 -30.58
CA SER D 381 29.35 36.77 -31.77
C SER D 381 28.34 35.69 -31.43
N MET D 382 27.85 35.02 -32.47
CA MET D 382 27.03 33.83 -32.33
C MET D 382 27.85 32.58 -32.05
N VAL D 383 29.14 32.60 -32.37
CA VAL D 383 29.92 31.37 -32.30
C VAL D 383 29.92 30.83 -30.89
N GLU D 384 30.12 31.69 -29.91
CA GLU D 384 30.04 31.25 -28.53
C GLU D 384 28.60 31.22 -28.07
N PHE D 385 27.72 31.94 -28.73
CA PHE D 385 26.31 31.86 -28.36
C PHE D 385 25.88 30.40 -28.40
N GLU D 386 26.22 29.72 -29.49
CA GLU D 386 25.93 28.29 -29.57
C GLU D 386 26.63 27.54 -28.45
N LYS D 387 27.81 28.00 -28.05
CA LYS D 387 28.49 27.33 -26.97
C LYS D 387 27.68 27.42 -25.70
N ALA D 388 27.10 28.57 -25.45
CA ALA D 388 26.31 28.74 -24.25
C ALA D 388 25.10 27.83 -24.28
N LYS D 389 24.44 27.78 -25.43
CA LYS D 389 23.30 26.90 -25.56
C LYS D 389 23.69 25.47 -25.23
N ASP D 390 24.73 24.98 -25.90
CA ASP D 390 25.13 23.59 -25.71
C ASP D 390 25.57 23.33 -24.29
N LYS D 391 26.29 24.27 -23.70
CA LYS D 391 26.77 24.09 -22.34
C LYS D 391 25.63 23.90 -21.38
N ILE D 392 24.61 24.76 -21.47
CA ILE D 392 23.56 24.67 -20.47
C ILE D 392 22.66 23.49 -20.75
N MET D 393 22.25 23.32 -22.01
CA MET D 393 21.22 22.34 -22.33
C MET D 393 21.74 20.92 -22.24
N MET D 394 22.93 20.66 -22.76
CA MET D 394 23.42 19.30 -22.97
C MET D 394 24.76 19.12 -22.29
N GLY D 395 24.88 19.61 -21.07
CA GLY D 395 26.13 19.42 -20.37
C GLY D 395 27.28 20.28 -20.91
N ALA D 396 28.42 20.13 -20.27
CA ALA D 396 29.59 20.95 -20.58
C ALA D 396 30.60 20.10 -21.32
N GLU D 397 31.55 20.76 -21.95
CA GLU D 397 32.51 20.08 -22.82
C GLU D 397 33.60 19.50 -21.95
N ARG D 398 33.46 18.25 -21.57
CA ARG D 398 34.42 17.59 -20.72
C ARG D 398 35.45 16.88 -21.59
N ARG D 399 36.55 17.57 -21.89
CA ARG D 399 37.62 17.00 -22.68
C ARG D 399 38.71 16.38 -21.82
N SER D 400 38.57 16.47 -20.50
CA SER D 400 39.60 15.94 -19.64
C SER D 400 39.75 14.43 -19.83
N MET D 401 38.70 13.78 -20.33
CA MET D 401 38.79 12.35 -20.59
C MET D 401 39.81 12.09 -21.68
N VAL D 402 40.45 10.94 -21.61
CA VAL D 402 41.35 10.48 -22.66
C VAL D 402 40.82 9.14 -23.13
N MET D 403 40.58 9.02 -24.42
CA MET D 403 40.11 7.80 -25.03
C MET D 403 41.07 7.42 -26.15
N THR D 404 41.35 6.14 -26.28
CA THR D 404 42.35 5.71 -27.24
C THR D 404 41.91 6.08 -28.65
N GLU D 405 42.88 6.10 -29.57
CA GLU D 405 42.57 6.43 -30.94
C GLU D 405 41.60 5.44 -31.55
N ALA D 406 41.84 4.16 -31.33
CA ALA D 406 40.98 3.14 -31.92
C ALA D 406 39.59 3.21 -31.33
N GLN D 407 39.41 3.91 -30.22
CA GLN D 407 38.11 3.96 -29.58
C GLN D 407 37.23 5.05 -30.17
N LYS D 408 37.73 6.27 -30.28
CA LYS D 408 36.91 7.36 -30.80
C LYS D 408 36.54 7.11 -32.24
N GLU D 409 37.27 6.25 -32.92
CA GLU D 409 36.90 5.88 -34.28
C GLU D 409 35.59 5.11 -34.28
N SER D 410 35.35 4.34 -33.22
CA SER D 410 34.09 3.62 -33.11
C SER D 410 32.94 4.58 -32.94
N THR D 411 33.11 5.60 -32.10
CA THR D 411 32.04 6.58 -31.94
C THR D 411 32.02 7.58 -33.06
N ALA D 412 33.03 7.55 -33.93
CA ALA D 412 32.98 8.40 -35.11
C ALA D 412 32.06 7.83 -36.16
N TYR D 413 31.96 6.50 -36.21
CA TYR D 413 31.10 5.86 -37.21
C TYR D 413 29.65 5.83 -36.76
N HIS D 414 29.40 6.07 -35.48
CA HIS D 414 28.05 6.06 -34.96
C HIS D 414 27.35 7.37 -35.22
N GLN D 415 27.98 8.47 -34.82
CA GLN D 415 27.33 9.76 -34.94
C GLN D 415 27.02 10.07 -36.38
N ALA D 416 27.99 9.92 -37.26
CA ALA D 416 27.67 9.91 -38.67
C ALA D 416 27.03 8.58 -38.99
N GLY D 417 25.78 8.62 -39.37
CA GLY D 417 24.94 7.47 -39.36
C GLY D 417 23.61 7.67 -38.69
N HIS D 418 23.54 8.43 -37.61
CA HIS D 418 22.32 9.19 -37.39
C HIS D 418 22.23 10.30 -38.41
N ALA D 419 23.37 10.71 -38.96
CA ALA D 419 23.39 11.92 -39.76
C ALA D 419 23.01 11.65 -41.20
N ILE D 420 23.71 10.74 -41.87
CA ILE D 420 23.45 10.52 -43.28
C ILE D 420 22.08 9.88 -43.46
N ILE D 421 21.55 9.28 -42.41
CA ILE D 421 20.21 8.72 -42.46
C ILE D 421 19.17 9.78 -42.14
N GLY D 422 19.59 10.89 -41.55
CA GLY D 422 18.66 11.97 -41.25
C GLY D 422 18.27 12.75 -42.47
N ARG D 423 19.08 12.65 -43.52
CA ARG D 423 18.86 13.49 -44.69
C ARG D 423 18.12 12.74 -45.79
N LEU D 424 18.37 11.45 -45.93
CA LEU D 424 17.83 10.71 -47.06
C LEU D 424 16.41 10.22 -46.78
N VAL D 425 15.98 10.25 -45.52
CA VAL D 425 14.61 9.93 -45.16
C VAL D 425 13.74 11.18 -45.32
N PRO D 426 12.44 11.09 -45.54
CA PRO D 426 11.65 12.29 -45.84
C PRO D 426 10.96 12.87 -44.62
N GLU D 427 10.91 14.20 -44.63
CA GLU D 427 10.20 14.99 -43.61
C GLU D 427 10.78 14.81 -42.23
N HIS D 428 12.02 15.25 -42.05
CA HIS D 428 12.68 15.22 -40.76
C HIS D 428 13.25 16.60 -40.50
N ASP D 429 13.56 16.88 -39.25
CA ASP D 429 14.22 18.13 -38.92
C ASP D 429 15.63 18.12 -39.50
N PRO D 430 16.13 19.23 -40.00
CA PRO D 430 17.46 19.24 -40.59
C PRO D 430 18.52 19.07 -39.53
N VAL D 431 19.67 18.53 -39.94
CA VAL D 431 20.79 18.42 -39.01
C VAL D 431 21.44 19.77 -38.84
N HIS D 432 21.96 20.02 -37.64
CA HIS D 432 22.65 21.26 -37.35
C HIS D 432 24.13 21.05 -37.01
N LYS D 433 24.46 19.98 -36.29
CA LYS D 433 25.82 19.83 -35.78
C LYS D 433 26.06 18.41 -35.30
N VAL D 434 27.25 17.89 -35.56
CA VAL D 434 27.64 16.56 -35.09
C VAL D 434 28.97 16.64 -34.37
N THR D 435 29.07 16.01 -33.21
CA THR D 435 30.25 16.22 -32.37
C THR D 435 30.82 14.91 -31.86
N ILE D 436 32.13 14.93 -31.59
CA ILE D 436 32.83 13.77 -31.04
C ILE D 436 33.30 14.01 -29.61
N ILE D 437 33.44 15.27 -29.19
CA ILE D 437 33.86 15.54 -27.83
C ILE D 437 32.75 15.15 -26.87
N PRO D 438 33.06 14.67 -25.67
CA PRO D 438 32.02 14.18 -24.78
C PRO D 438 31.47 15.28 -23.91
N ARG D 439 30.19 15.21 -23.62
CA ARG D 439 29.52 16.12 -22.68
C ARG D 439 28.60 15.27 -21.81
N GLY D 440 28.90 15.19 -20.54
CA GLY D 440 28.04 14.40 -19.69
C GLY D 440 28.20 12.93 -20.00
N ARG D 441 27.08 12.24 -20.19
CA ARG D 441 27.14 10.81 -20.40
C ARG D 441 27.60 10.47 -21.81
N ALA D 442 27.12 11.21 -22.80
CA ALA D 442 27.22 10.77 -24.19
C ALA D 442 28.61 10.97 -24.74
N LEU D 443 29.04 10.06 -25.58
CA LEU D 443 30.30 10.28 -26.29
C LEU D 443 30.11 11.26 -27.44
N GLY D 444 29.00 11.21 -28.13
CA GLY D 444 28.78 12.07 -29.27
C GLY D 444 27.32 12.45 -29.36
N VAL D 445 27.06 13.56 -30.04
CA VAL D 445 25.70 14.03 -30.17
C VAL D 445 25.46 14.55 -31.58
N THR D 446 24.25 14.34 -32.07
CA THR D 446 23.81 14.93 -33.32
C THR D 446 22.61 15.81 -33.03
N PHE D 447 22.67 17.07 -33.44
CA PHE D 447 21.64 18.04 -33.10
C PHE D 447 20.71 18.25 -34.28
N PHE D 448 19.43 18.42 -33.99
CA PHE D 448 18.41 18.68 -34.99
C PHE D 448 17.70 19.99 -34.67
N LEU D 449 17.47 20.80 -35.67
CA LEU D 449 16.79 22.06 -35.40
C LEU D 449 15.30 21.92 -35.68
N PRO D 450 14.45 22.13 -34.68
CA PRO D 450 13.02 21.81 -34.85
C PRO D 450 12.36 22.53 -36.00
N GLU D 451 12.89 23.65 -36.46
CA GLU D 451 12.47 24.31 -37.69
C GLU D 451 11.05 24.84 -37.65
N GLY D 452 10.51 25.08 -36.46
CA GLY D 452 9.13 25.51 -36.33
C GLY D 452 8.64 25.23 -34.92
N ASP D 453 7.34 25.30 -34.75
CA ASP D 453 6.71 24.92 -33.49
C ASP D 453 5.93 23.64 -33.70
N ALA D 454 6.06 22.71 -32.75
CA ALA D 454 5.46 21.37 -32.87
C ALA D 454 3.96 21.45 -32.63
N ILE D 455 3.22 21.65 -33.72
CA ILE D 455 1.77 21.61 -33.62
C ILE D 455 1.29 20.17 -33.54
N SER D 456 1.50 19.40 -34.58
CA SER D 456 1.12 17.99 -34.63
C SER D 456 2.04 17.28 -35.59
N ALA D 457 2.11 15.97 -35.46
CA ALA D 457 3.07 15.16 -36.18
C ALA D 457 2.31 14.20 -37.07
N SER D 458 2.75 14.07 -38.30
CA SER D 458 2.08 13.18 -39.24
C SER D 458 2.78 11.84 -39.26
N ARG D 459 2.12 10.87 -39.89
CA ARG D 459 2.59 9.48 -39.81
C ARG D 459 3.97 9.34 -40.42
N GLN D 460 4.19 9.99 -41.55
CA GLN D 460 5.46 9.87 -42.24
C GLN D 460 6.60 10.29 -41.34
N LYS D 461 6.45 11.42 -40.66
CA LYS D 461 7.53 11.93 -39.84
C LYS D 461 7.82 10.99 -38.68
N LEU D 462 6.77 10.40 -38.10
CA LEU D 462 6.96 9.47 -37.00
C LEU D 462 7.70 8.23 -37.44
N GLU D 463 7.38 7.69 -38.60
CA GLU D 463 8.13 6.55 -39.09
C GLU D 463 9.57 6.93 -39.42
N SER D 464 9.77 8.13 -39.93
CA SER D 464 11.11 8.54 -40.31
C SER D 464 12.01 8.69 -39.09
N GLN D 465 11.46 9.20 -37.99
CA GLN D 465 12.24 9.25 -36.77
C GLN D 465 12.71 7.86 -36.36
N ILE D 466 11.82 6.88 -36.43
CA ILE D 466 12.19 5.51 -36.11
C ILE D 466 13.35 5.06 -36.98
N SER D 467 13.31 5.40 -38.26
CA SER D 467 14.43 5.02 -39.13
C SER D 467 15.72 5.70 -38.71
N THR D 468 15.64 6.96 -38.31
CA THR D 468 16.86 7.66 -37.93
C THR D 468 17.51 7.04 -36.71
N LEU D 469 16.72 6.68 -35.71
CA LEU D 469 17.32 6.25 -34.46
C LEU D 469 18.08 4.95 -34.61
N TYR D 470 17.46 3.94 -35.19
CA TYR D 470 18.15 2.67 -35.40
C TYR D 470 19.23 2.77 -36.42
N GLY D 471 19.30 3.87 -37.16
CA GLY D 471 20.32 3.99 -38.18
C GLY D 471 21.70 4.11 -37.59
N GLY D 472 21.78 4.31 -36.28
CA GLY D 472 23.07 4.49 -35.66
C GLY D 472 23.90 3.23 -35.63
N ARG D 473 23.37 2.18 -35.00
CA ARG D 473 24.18 1.00 -34.76
C ARG D 473 24.25 0.11 -35.99
N LEU D 474 23.47 0.41 -37.02
CA LEU D 474 23.67 -0.26 -38.29
C LEU D 474 25.05 0.04 -38.86
N ALA D 475 25.53 1.26 -38.69
CA ALA D 475 26.88 1.58 -39.16
C ALA D 475 27.92 0.73 -38.46
N GLU D 476 27.77 0.58 -37.15
CA GLU D 476 28.69 -0.27 -36.40
C GLU D 476 28.64 -1.69 -36.91
N GLU D 477 27.45 -2.21 -37.16
CA GLU D 477 27.34 -3.59 -37.61
C GLU D 477 27.99 -3.80 -38.97
N ILE D 478 27.85 -2.85 -39.88
CA ILE D 478 28.45 -3.03 -41.19
C ILE D 478 29.97 -2.94 -41.12
N ILE D 479 30.50 -1.99 -40.35
CA ILE D 479 31.93 -1.74 -40.42
C ILE D 479 32.73 -2.85 -39.72
N TYR D 480 32.27 -3.34 -38.58
CA TYR D 480 33.03 -4.31 -37.82
C TYR D 480 32.45 -5.72 -37.81
N GLY D 481 31.16 -5.90 -38.07
CA GLY D 481 30.57 -7.20 -38.01
C GLY D 481 29.85 -7.43 -36.70
N PRO D 482 28.87 -8.32 -36.69
CA PRO D 482 27.96 -8.39 -35.55
C PRO D 482 28.60 -8.88 -34.27
N GLU D 483 29.83 -9.36 -34.32
CA GLU D 483 30.48 -9.81 -33.10
C GLU D 483 30.97 -8.65 -32.26
N HIS D 484 31.16 -7.49 -32.87
CA HIS D 484 31.80 -6.37 -32.20
C HIS D 484 30.86 -5.21 -31.93
N VAL D 485 29.55 -5.43 -31.93
CA VAL D 485 28.66 -4.30 -31.77
C VAL D 485 28.45 -4.01 -30.30
N SER D 486 28.75 -2.78 -29.91
CA SER D 486 28.74 -2.36 -28.52
C SER D 486 27.32 -2.14 -28.02
N THR D 487 27.22 -1.71 -26.76
CA THR D 487 25.94 -1.34 -26.17
C THR D 487 25.74 0.18 -26.21
N GLY D 488 25.51 0.69 -27.41
CA GLY D 488 24.95 2.00 -27.66
C GLY D 488 23.45 1.93 -27.79
N ALA D 489 22.77 1.75 -26.65
CA ALA D 489 21.33 1.56 -26.56
C ALA D 489 20.71 2.29 -25.40
N SER D 490 21.03 3.56 -25.22
CA SER D 490 20.44 4.32 -24.13
C SER D 490 19.19 5.02 -24.58
N ASN D 491 19.33 6.03 -25.42
CA ASN D 491 18.18 6.71 -25.96
C ASN D 491 17.91 6.27 -27.38
N ASP D 492 18.37 5.09 -27.77
CA ASP D 492 18.34 4.67 -29.16
C ASP D 492 17.39 3.49 -29.34
N ILE D 493 17.40 2.51 -28.45
CA ILE D 493 16.42 1.45 -28.51
C ILE D 493 15.17 1.84 -27.70
N LYS D 494 15.38 2.44 -26.55
CA LYS D 494 14.28 2.75 -25.66
C LYS D 494 13.36 3.81 -26.27
N VAL D 495 13.94 4.88 -26.80
CA VAL D 495 13.15 5.93 -27.42
C VAL D 495 12.32 5.36 -28.55
N ALA D 496 12.93 4.50 -29.36
CA ALA D 496 12.21 3.95 -30.50
C ALA D 496 11.10 3.02 -30.06
N THR D 497 11.32 2.21 -29.03
CA THR D 497 10.29 1.25 -28.70
C THR D 497 9.12 1.91 -28.02
N ASN D 498 9.36 3.00 -27.28
CA ASN D 498 8.21 3.76 -26.80
C ASN D 498 7.49 4.47 -27.93
N LEU D 499 8.23 5.04 -28.88
CA LEU D 499 7.56 5.79 -29.92
C LEU D 499 6.76 4.87 -30.83
N ALA D 500 7.26 3.66 -31.05
CA ALA D 500 6.54 2.71 -31.89
C ALA D 500 5.36 2.12 -31.14
N ARG D 501 5.47 1.98 -29.84
CA ARG D 501 4.37 1.43 -29.07
C ARG D 501 3.22 2.40 -29.02
N ASN D 502 3.52 3.69 -28.93
CA ASN D 502 2.50 4.71 -28.83
C ASN D 502 1.69 4.81 -30.11
N MET D 503 2.30 4.48 -31.24
CA MET D 503 1.56 4.58 -32.48
C MET D 503 0.41 3.59 -32.52
N VAL D 504 0.67 2.31 -32.28
CA VAL D 504 -0.36 1.32 -32.51
C VAL D 504 -1.30 1.22 -31.31
N THR D 505 -0.93 1.81 -30.18
CA THR D 505 -1.76 1.74 -28.99
C THR D 505 -2.69 2.93 -28.86
N GLN D 506 -2.19 4.17 -28.99
CA GLN D 506 -3.03 5.32 -28.71
C GLN D 506 -3.54 5.98 -29.99
N TRP D 507 -2.66 6.32 -30.90
CA TRP D 507 -3.03 7.23 -31.98
C TRP D 507 -3.65 6.54 -33.19
N GLY D 508 -3.88 5.25 -33.13
CA GLY D 508 -4.46 4.60 -34.29
C GLY D 508 -3.36 3.89 -35.05
N PHE D 509 -3.24 4.18 -36.33
CA PHE D 509 -2.07 3.88 -37.16
C PHE D 509 -1.76 2.41 -37.32
N SER D 510 -2.71 1.51 -37.10
CA SER D 510 -2.49 0.10 -37.40
C SER D 510 -3.75 -0.47 -38.01
N GLU D 511 -3.66 -0.99 -39.21
CA GLU D 511 -4.85 -1.41 -39.93
C GLU D 511 -5.50 -2.64 -39.29
N LYS D 512 -4.69 -3.56 -38.79
CA LYS D 512 -5.26 -4.77 -38.19
C LYS D 512 -6.05 -4.44 -36.95
N LEU D 513 -5.45 -3.70 -36.02
CA LEU D 513 -6.10 -3.45 -34.75
C LEU D 513 -7.26 -2.48 -34.87
N GLY D 514 -7.10 -1.41 -35.63
CA GLY D 514 -8.14 -0.43 -35.80
C GLY D 514 -7.92 0.82 -34.98
N PRO D 515 -8.75 1.83 -35.19
CA PRO D 515 -8.68 3.05 -34.41
C PRO D 515 -9.22 2.93 -33.00
N LEU D 516 -8.43 2.47 -32.03
CA LEU D 516 -8.94 2.30 -30.69
C LEU D 516 -7.85 2.66 -29.69
N LEU D 517 -8.24 2.70 -28.42
CA LEU D 517 -7.32 2.97 -27.34
C LEU D 517 -7.19 1.75 -26.46
N TYR D 518 -6.09 1.02 -26.61
CA TYR D 518 -5.75 -0.06 -25.71
C TYR D 518 -4.84 0.40 -24.59
N ALA D 519 -4.45 1.66 -24.59
CA ALA D 519 -3.71 2.26 -23.50
C ALA D 519 -2.42 1.51 -23.22
N HIS D 536 -8.55 -6.22 -17.85
CA HIS D 536 -8.06 -5.25 -18.82
C HIS D 536 -8.27 -5.74 -20.24
N MET D 537 -7.28 -6.43 -20.80
CA MET D 537 -7.41 -6.95 -22.14
C MET D 537 -7.11 -8.43 -22.16
N SER D 538 -7.63 -9.11 -23.16
CA SER D 538 -7.42 -10.54 -23.27
C SER D 538 -5.97 -10.88 -23.55
N ASP D 539 -5.69 -12.17 -23.57
CA ASP D 539 -4.36 -12.61 -23.93
C ASP D 539 -4.18 -12.67 -25.44
N GLU D 540 -5.26 -12.84 -26.19
CA GLU D 540 -5.12 -12.84 -27.64
C GLU D 540 -4.80 -11.46 -28.15
N THR D 541 -5.51 -10.44 -27.69
CA THR D 541 -5.24 -9.10 -28.19
C THR D 541 -3.90 -8.58 -27.72
N ALA D 542 -3.31 -9.23 -26.72
CA ALA D 542 -1.97 -8.82 -26.33
C ALA D 542 -0.93 -9.32 -27.30
N ARG D 543 -1.10 -10.54 -27.81
CA ARG D 543 -0.15 -11.08 -28.76
C ARG D 543 -0.16 -10.27 -30.06
N ILE D 544 -1.33 -9.79 -30.48
CA ILE D 544 -1.39 -9.02 -31.70
C ILE D 544 -0.61 -7.72 -31.57
N ILE D 545 -0.62 -7.10 -30.40
CA ILE D 545 0.06 -5.83 -30.26
C ILE D 545 1.56 -6.02 -30.48
N ASP D 546 2.11 -7.10 -29.93
CA ASP D 546 3.52 -7.37 -30.12
C ASP D 546 3.82 -7.67 -31.57
N GLN D 547 2.94 -8.40 -32.24
CA GLN D 547 3.19 -8.65 -33.64
C GLN D 547 3.20 -7.36 -34.44
N GLU D 548 2.27 -6.46 -34.16
CA GLU D 548 2.20 -5.21 -34.92
C GLU D 548 3.37 -4.30 -34.63
N VAL D 549 3.76 -4.18 -33.36
CA VAL D 549 4.91 -3.37 -33.02
C VAL D 549 6.14 -3.90 -33.72
N LYS D 550 6.32 -5.21 -33.71
CA LYS D 550 7.49 -5.78 -34.35
C LYS D 550 7.47 -5.54 -35.85
N ALA D 551 6.31 -5.61 -36.48
CA ALA D 551 6.27 -5.39 -37.91
C ALA D 551 6.69 -3.98 -38.26
N LEU D 552 6.20 -3.01 -37.50
CA LEU D 552 6.64 -1.63 -37.72
C LEU D 552 8.15 -1.49 -37.63
N ILE D 553 8.71 -1.97 -36.53
CA ILE D 553 10.14 -1.77 -36.30
C ILE D 553 10.96 -2.50 -37.36
N GLU D 554 10.49 -3.66 -37.82
CA GLU D 554 11.24 -4.37 -38.84
C GLU D 554 11.23 -3.65 -40.17
N ARG D 555 10.06 -3.15 -40.59
CA ARG D 555 10.04 -2.42 -41.85
C ARG D 555 11.04 -1.29 -41.83
N ASN D 556 11.04 -0.51 -40.75
CA ASN D 556 11.91 0.66 -40.76
C ASN D 556 13.37 0.29 -40.55
N TYR D 557 13.64 -0.78 -39.81
CA TYR D 557 15.01 -1.24 -39.65
C TYR D 557 15.60 -1.63 -40.99
N ASN D 558 14.88 -2.46 -41.75
CA ASN D 558 15.39 -2.90 -43.03
C ASN D 558 15.59 -1.72 -43.96
N ARG D 559 14.66 -0.77 -43.95
CA ARG D 559 14.83 0.39 -44.82
C ARG D 559 16.06 1.19 -44.43
N ALA D 560 16.27 1.39 -43.13
CA ALA D 560 17.43 2.17 -42.71
C ALA D 560 18.73 1.47 -43.07
N ARG D 561 18.70 0.15 -43.16
CA ARG D 561 19.88 -0.54 -43.63
C ARG D 561 20.09 -0.36 -45.13
N GLN D 562 19.02 -0.44 -45.91
CA GLN D 562 19.17 -0.40 -47.35
C GLN D 562 19.68 0.95 -47.82
N LEU D 563 19.72 1.94 -46.93
CA LEU D 563 20.23 3.25 -47.30
C LEU D 563 21.73 3.35 -47.14
N LEU D 564 22.28 2.78 -46.06
CA LEU D 564 23.71 2.91 -45.82
C LEU D 564 24.53 2.10 -46.81
N THR D 565 24.04 0.93 -47.19
CA THR D 565 24.80 0.11 -48.12
C THR D 565 24.99 0.81 -49.45
N ASP D 566 23.95 1.46 -49.96
CA ASP D 566 24.08 2.15 -51.23
C ASP D 566 25.00 3.36 -51.09
N ASN D 567 24.86 4.13 -50.02
CA ASN D 567 25.65 5.34 -49.84
C ASN D 567 26.82 5.13 -48.88
N MET D 568 27.69 4.17 -49.21
CA MET D 568 28.79 3.89 -48.29
C MET D 568 29.98 4.78 -48.55
N ASP D 569 30.01 5.48 -49.67
CA ASP D 569 31.09 6.44 -49.87
C ASP D 569 30.97 7.60 -48.90
N ILE D 570 29.76 7.95 -48.50
CA ILE D 570 29.60 9.08 -47.61
C ILE D 570 30.05 8.73 -46.21
N LEU D 571 29.76 7.52 -45.75
CA LEU D 571 30.08 7.15 -44.39
C LEU D 571 31.56 7.21 -44.13
N HIS D 572 32.37 6.69 -45.05
CA HIS D 572 33.82 6.77 -44.88
C HIS D 572 34.29 8.21 -44.97
N ALA D 573 33.74 8.97 -45.92
CA ALA D 573 34.17 10.35 -46.05
C ALA D 573 33.83 11.14 -44.80
N MET D 574 32.64 10.95 -44.25
CA MET D 574 32.23 11.73 -43.10
C MET D 574 32.95 11.27 -41.85
N LYS D 575 33.37 10.00 -41.81
CA LYS D 575 34.15 9.54 -40.67
C LYS D 575 35.49 10.25 -40.59
N ASP D 576 36.13 10.44 -41.75
CA ASP D 576 37.42 11.11 -41.75
C ASP D 576 37.29 12.55 -41.28
N ALA D 577 36.29 13.26 -41.74
CA ALA D 577 36.17 14.66 -41.36
C ALA D 577 35.96 14.81 -39.87
N LEU D 578 35.19 13.92 -39.27
CA LEU D 578 34.92 14.02 -37.85
C LEU D 578 36.19 13.86 -37.04
N MET D 579 37.18 13.14 -37.57
CA MET D 579 38.41 12.94 -36.84
C MET D 579 39.35 14.12 -37.01
N LYS D 580 39.33 14.75 -38.18
CA LYS D 580 40.14 15.94 -38.37
C LYS D 580 39.61 17.08 -37.52
N TYR D 581 38.43 17.57 -37.85
CA TYR D 581 37.81 18.65 -37.10
C TYR D 581 36.73 18.00 -36.26
N GLU D 582 36.77 18.22 -34.96
CA GLU D 582 35.91 17.46 -34.06
C GLU D 582 34.44 17.82 -34.27
N THR D 583 34.17 18.99 -34.80
CA THR D 583 32.81 19.46 -34.99
C THR D 583 32.58 19.85 -36.43
N ILE D 584 31.42 19.48 -36.96
CA ILE D 584 31.06 19.77 -38.34
C ILE D 584 29.86 20.70 -38.32
N ASP D 585 29.95 21.79 -39.07
CA ASP D 585 28.84 22.71 -39.18
C ASP D 585 27.89 22.25 -40.26
N ALA D 586 26.76 22.94 -40.36
CA ALA D 586 25.78 22.59 -41.37
C ALA D 586 26.31 22.67 -42.80
N PRO D 587 27.02 23.72 -43.22
CA PRO D 587 27.44 23.77 -44.62
C PRO D 587 28.39 22.65 -45.01
N GLN D 588 29.14 22.10 -44.07
CA GLN D 588 29.99 20.98 -44.38
C GLN D 588 29.16 19.74 -44.67
N ILE D 589 28.12 19.50 -43.88
CA ILE D 589 27.28 18.33 -44.10
C ILE D 589 26.70 18.36 -45.51
N ASP D 590 26.24 19.52 -45.95
CA ASP D 590 25.71 19.61 -47.30
C ASP D 590 26.78 19.34 -48.32
N ASP D 591 28.00 19.81 -48.06
CA ASP D 591 29.11 19.53 -48.93
C ASP D 591 29.34 18.04 -49.07
N LEU D 592 29.41 17.32 -47.94
CA LEU D 592 29.62 15.89 -47.99
C LEU D 592 28.49 15.20 -48.71
N MET D 593 27.26 15.58 -48.41
CA MET D 593 26.13 14.89 -49.02
C MET D 593 26.13 15.08 -50.53
N ALA D 594 26.68 16.20 -51.00
CA ALA D 594 26.70 16.42 -52.43
C ALA D 594 27.85 15.69 -53.12
N ARG D 595 28.81 15.21 -52.34
CA ARG D 595 30.03 14.56 -52.83
C ARG D 595 31.05 15.54 -53.43
N ARG D 596 31.15 16.75 -52.91
CA ARG D 596 32.08 17.71 -53.51
C ARG D 596 33.42 17.78 -52.77
N ASP D 597 33.44 18.27 -51.53
CA ASP D 597 34.70 18.57 -50.86
C ASP D 597 34.45 18.91 -49.39
N VAL D 598 35.54 19.28 -48.70
CA VAL D 598 35.46 19.50 -47.27
C VAL D 598 34.97 20.91 -46.94
N ARG D 599 35.70 21.93 -47.34
CA ARG D 599 35.49 23.30 -46.89
C ARG D 599 35.55 23.48 -45.37
N PRO D 600 36.74 23.70 -44.82
CA PRO D 600 36.91 23.79 -43.36
C PRO D 600 35.91 24.74 -42.72
N PRO D 601 35.63 24.57 -41.43
CA PRO D 601 34.50 25.26 -40.83
C PRO D 601 34.83 26.67 -40.42
N ALA D 602 33.81 27.34 -39.89
CA ALA D 602 34.01 28.69 -39.35
C ALA D 602 34.98 28.66 -38.18
N GLY D 603 36.03 29.46 -38.28
CA GLY D 603 37.09 29.40 -37.31
C GLY D 603 38.29 28.62 -37.81
N TRP D 604 38.93 27.92 -36.87
CA TRP D 604 40.08 27.10 -37.14
C TRP D 604 41.25 27.93 -37.67
N MET E 141 26.82 30.29 12.12
CA MET E 141 28.05 29.51 12.11
C MET E 141 29.03 30.09 11.11
N LEU E 142 29.72 31.13 11.52
CA LEU E 142 30.75 31.76 10.71
C LEU E 142 32.05 31.73 11.49
N THR E 143 33.18 31.67 10.77
CA THR E 143 34.47 31.63 11.42
C THR E 143 35.43 32.59 10.76
N GLU E 144 36.28 33.18 11.58
CA GLU E 144 37.32 34.07 11.10
C GLU E 144 38.57 33.24 10.84
N ASP E 145 39.20 33.47 9.70
CA ASP E 145 40.23 32.59 9.19
C ASP E 145 41.54 33.33 9.03
N GLN E 146 42.65 32.61 9.21
CA GLN E 146 43.96 33.06 8.80
C GLN E 146 44.55 32.12 7.75
N ILE E 147 44.54 30.81 7.99
CA ILE E 147 45.04 29.81 7.05
C ILE E 147 43.97 28.73 6.87
N LYS E 148 43.59 28.47 5.63
CA LYS E 148 42.60 27.44 5.31
C LYS E 148 43.02 26.74 4.03
N THR E 149 42.25 25.72 3.66
CA THR E 149 42.59 24.88 2.51
C THR E 149 42.49 25.67 1.20
N THR E 150 43.54 25.57 0.39
CA THR E 150 43.60 26.23 -0.90
C THR E 150 42.88 25.39 -1.95
N PHE E 151 43.21 25.59 -3.22
CA PHE E 151 42.66 24.70 -4.23
C PHE E 151 43.72 23.95 -5.03
N ALA E 152 45.00 24.27 -4.89
CA ALA E 152 46.05 23.52 -5.58
C ALA E 152 46.40 22.25 -4.83
N ASP E 153 45.55 21.87 -3.90
CA ASP E 153 45.71 20.66 -3.12
C ASP E 153 44.61 19.64 -3.39
N VAL E 154 43.71 19.92 -4.31
CA VAL E 154 42.67 18.95 -4.62
C VAL E 154 42.80 18.55 -6.07
N ALA E 155 43.48 17.44 -6.31
CA ALA E 155 43.70 16.96 -7.66
C ALA E 155 42.41 16.40 -8.24
N GLY E 156 42.42 16.21 -9.55
CA GLY E 156 41.28 15.69 -10.26
C GLY E 156 40.28 16.79 -10.50
N CYS E 157 39.22 16.42 -11.20
CA CYS E 157 38.09 17.30 -11.45
C CYS E 157 38.53 18.58 -12.16
N ASP E 158 39.21 18.42 -13.28
CA ASP E 158 39.75 19.57 -13.99
C ASP E 158 38.64 20.50 -14.45
N GLU E 159 37.56 19.96 -15.01
CA GLU E 159 36.47 20.79 -15.49
C GLU E 159 35.82 21.53 -14.33
N ALA E 160 35.57 20.83 -13.24
CA ALA E 160 35.04 21.47 -12.05
C ALA E 160 36.03 22.48 -11.51
N LYS E 161 37.32 22.20 -11.62
CA LYS E 161 38.30 23.19 -11.24
C LYS E 161 38.14 24.48 -12.02
N GLU E 162 37.89 24.38 -13.33
CA GLU E 162 37.78 25.58 -14.12
C GLU E 162 36.50 26.34 -13.80
N GLU E 163 35.39 25.61 -13.72
CA GLU E 163 34.14 26.24 -13.36
C GLU E 163 34.11 26.65 -11.89
N VAL E 164 35.20 26.42 -11.15
CA VAL E 164 35.35 27.07 -9.85
C VAL E 164 36.31 28.26 -9.91
N ALA E 165 37.34 28.20 -10.76
CA ALA E 165 38.28 29.32 -10.87
C ALA E 165 37.64 30.51 -11.55
N GLU E 166 36.62 30.26 -12.36
CA GLU E 166 35.79 31.37 -12.83
C GLU E 166 35.21 32.13 -11.66
N LEU E 167 34.56 31.42 -10.74
CA LEU E 167 33.97 32.12 -9.61
C LEU E 167 35.05 32.75 -8.76
N VAL E 168 36.22 32.11 -8.69
CA VAL E 168 37.32 32.67 -7.91
C VAL E 168 37.74 34.02 -8.48
N GLU E 169 37.86 34.11 -9.82
CA GLU E 169 38.14 35.39 -10.44
C GLU E 169 37.06 36.41 -10.13
N TYR E 170 35.81 35.98 -10.23
CA TYR E 170 34.69 36.87 -10.01
C TYR E 170 34.61 37.40 -8.59
N LEU E 171 35.18 36.67 -7.62
CA LEU E 171 34.89 36.98 -6.22
C LEU E 171 35.08 38.45 -5.93
N ARG E 172 36.19 39.01 -6.41
CA ARG E 172 36.42 40.45 -6.42
C ARG E 172 36.66 40.83 -7.88
N GLU E 173 37.04 42.08 -8.09
CA GLU E 173 37.33 42.60 -9.42
C GLU E 173 36.14 42.43 -10.36
N PRO E 174 34.94 42.90 -10.02
CA PRO E 174 33.84 42.87 -10.98
C PRO E 174 34.07 43.79 -12.16
N SER E 175 35.05 44.67 -12.06
CA SER E 175 35.30 45.60 -13.14
C SER E 175 35.72 44.89 -14.42
N ARG E 176 36.16 43.65 -14.34
CA ARG E 176 36.48 42.94 -15.57
C ARG E 176 35.27 42.78 -16.46
N PHE E 177 34.07 42.90 -15.89
CA PHE E 177 32.86 42.64 -16.65
C PHE E 177 32.25 43.98 -17.10
N GLN E 178 32.92 44.53 -18.10
CA GLN E 178 32.40 45.53 -19.00
C GLN E 178 31.47 44.94 -20.04
N LYS E 179 31.37 43.60 -20.10
CA LYS E 179 30.40 42.96 -20.96
C LYS E 179 29.09 42.73 -20.23
N LEU E 180 28.94 43.33 -19.05
CA LEU E 180 27.67 43.38 -18.34
C LEU E 180 27.15 42.00 -17.96
N GLY E 181 28.01 41.01 -18.05
CA GLY E 181 27.61 39.72 -17.54
C GLY E 181 27.65 39.65 -16.04
N GLY E 182 28.16 40.70 -15.41
CA GLY E 182 28.27 40.70 -13.97
C GLY E 182 26.95 40.44 -13.27
N LYS E 183 25.86 40.30 -14.03
CA LYS E 183 24.65 39.79 -13.46
C LYS E 183 24.99 38.54 -12.68
N ILE E 184 24.67 38.57 -11.39
CA ILE E 184 25.35 37.72 -10.40
C ILE E 184 25.23 36.27 -10.80
N PRO E 185 26.31 35.53 -10.86
CA PRO E 185 26.22 34.08 -11.02
C PRO E 185 25.31 33.45 -9.98
N LYS E 186 24.66 32.39 -10.40
CA LYS E 186 23.48 31.88 -9.72
C LYS E 186 23.85 30.95 -8.58
N GLY E 187 22.83 30.49 -7.87
CA GLY E 187 23.00 29.33 -7.04
C GLY E 187 23.59 28.19 -7.85
N VAL E 188 24.78 27.72 -7.46
CA VAL E 188 25.48 26.63 -8.15
C VAL E 188 25.32 25.36 -7.34
N LEU E 189 25.00 24.26 -8.01
CA LEU E 189 24.69 23.00 -7.35
C LEU E 189 25.73 21.97 -7.75
N MET E 190 26.29 21.27 -6.77
CA MET E 190 27.25 20.21 -7.02
C MET E 190 26.51 18.89 -6.95
N VAL E 191 26.26 18.29 -8.12
CA VAL E 191 25.37 17.15 -8.23
C VAL E 191 26.14 15.86 -8.48
N GLY E 192 27.42 15.82 -8.09
CA GLY E 192 28.20 14.61 -8.22
C GLY E 192 27.74 13.53 -7.25
N PRO E 193 28.20 12.30 -7.47
CA PRO E 193 27.88 11.24 -6.53
C PRO E 193 28.51 11.53 -5.18
N PRO E 194 27.84 11.12 -4.10
CA PRO E 194 28.42 11.32 -2.77
C PRO E 194 29.70 10.51 -2.62
N GLY E 195 30.76 11.17 -2.14
CA GLY E 195 32.00 10.46 -1.91
C GLY E 195 33.25 11.10 -2.50
N THR E 196 33.15 11.70 -3.68
CA THR E 196 34.31 12.26 -4.36
C THR E 196 34.35 13.75 -4.10
N GLY E 197 34.65 14.12 -2.87
CA GLY E 197 34.92 15.50 -2.55
C GLY E 197 33.84 16.51 -2.91
N LYS E 198 32.56 16.13 -2.76
CA LYS E 198 31.49 17.09 -2.99
C LYS E 198 31.71 18.33 -2.15
N THR E 199 32.24 18.15 -0.95
CA THR E 199 32.53 19.26 -0.07
C THR E 199 33.97 19.74 -0.17
N LEU E 200 34.81 19.10 -0.96
CA LEU E 200 36.18 19.58 -1.02
C LEU E 200 36.28 20.78 -1.94
N LEU E 201 35.51 20.77 -3.02
CA LEU E 201 35.47 21.94 -3.90
C LEU E 201 34.88 23.14 -3.18
N ALA E 202 33.87 22.91 -2.35
CA ALA E 202 33.39 23.97 -1.46
C ALA E 202 34.44 24.30 -0.39
N LYS E 203 35.22 23.30 0.03
CA LYS E 203 36.27 23.57 1.01
C LYS E 203 37.38 24.41 0.40
N ALA E 204 37.60 24.27 -0.89
CA ALA E 204 38.68 25.03 -1.52
C ALA E 204 38.29 26.50 -1.69
N ILE E 205 37.00 26.80 -1.75
CA ILE E 205 36.54 28.13 -2.16
C ILE E 205 36.93 29.17 -1.13
N ALA E 206 36.87 28.80 0.15
CA ALA E 206 37.21 29.75 1.21
C ALA E 206 38.66 30.12 1.08
N GLY E 207 39.53 29.12 1.03
CA GLY E 207 40.95 29.39 1.00
C GLY E 207 41.36 30.16 -0.24
N GLU E 208 40.70 29.90 -1.36
CA GLU E 208 41.07 30.61 -2.58
C GLU E 208 40.82 32.11 -2.42
N ALA E 209 41.75 32.92 -2.94
CA ALA E 209 41.58 34.37 -3.08
C ALA E 209 41.49 35.11 -1.75
N LYS E 210 42.07 34.56 -0.69
CA LYS E 210 42.11 35.21 0.62
C LYS E 210 40.71 35.56 1.10
N VAL E 211 39.80 34.61 0.88
CA VAL E 211 38.39 34.78 1.23
C VAL E 211 38.22 34.39 2.70
N PRO E 212 38.05 35.34 3.60
CA PRO E 212 38.11 35.04 5.04
C PRO E 212 36.74 34.73 5.66
N PHE E 213 36.09 33.68 5.18
CA PHE E 213 34.87 33.14 5.76
C PHE E 213 34.52 31.88 4.99
N PHE E 214 33.94 30.92 5.68
CA PHE E 214 33.65 29.61 5.11
C PHE E 214 32.18 29.52 4.69
N THR E 215 31.73 28.31 4.45
CA THR E 215 30.31 28.01 4.46
C THR E 215 29.64 28.51 5.72
N ILE E 216 28.32 28.54 5.68
CA ILE E 216 27.49 28.71 6.86
C ILE E 216 26.72 27.45 7.19
N SER E 217 27.07 26.34 6.57
CA SER E 217 26.23 25.15 6.65
C SER E 217 26.07 24.71 8.08
N GLY E 218 24.82 24.42 8.45
CA GLY E 218 24.48 24.02 9.81
C GLY E 218 23.00 24.10 10.15
N ALA E 230 11.97 24.17 9.01
CA ALA E 230 11.22 25.36 8.63
C ALA E 230 12.16 26.49 8.26
N SER E 231 11.76 27.72 8.55
CA SER E 231 12.58 28.89 8.23
C SER E 231 12.73 29.76 9.46
N ARG E 232 13.98 29.95 9.88
CA ARG E 232 14.38 31.03 10.78
C ARG E 232 15.63 31.70 10.24
N VAL E 233 15.80 31.71 8.91
CA VAL E 233 17.10 31.96 8.32
C VAL E 233 17.36 33.41 7.97
N ARG E 234 16.33 34.19 7.65
CA ARG E 234 16.57 35.47 6.99
C ARG E 234 17.48 36.34 7.83
N ASP E 235 17.52 36.10 9.14
CA ASP E 235 18.57 36.69 9.95
C ASP E 235 19.92 36.33 9.38
N MET E 236 20.12 35.06 9.06
CA MET E 236 21.38 34.64 8.48
C MET E 236 21.49 35.15 7.05
N PHE E 237 20.35 35.34 6.39
CA PHE E 237 20.39 35.85 5.03
C PHE E 237 20.95 37.26 4.98
N GLU E 238 20.38 38.15 5.76
CA GLU E 238 20.87 39.52 5.80
C GLU E 238 22.23 39.62 6.45
N GLN E 239 22.53 38.78 7.44
CA GLN E 239 23.77 38.93 8.18
C GLN E 239 24.98 38.83 7.26
N ALA E 240 24.83 38.17 6.11
CA ALA E 240 25.93 37.95 5.18
C ALA E 240 25.98 39.00 4.08
N LYS E 241 26.33 40.23 4.47
CA LYS E 241 26.65 41.31 3.53
C LYS E 241 27.83 42.17 3.96
N LYS E 242 28.43 41.91 5.12
CA LYS E 242 29.37 42.86 5.73
C LYS E 242 30.82 42.44 5.42
N ALA E 243 31.19 42.65 4.15
CA ALA E 243 32.58 42.45 3.68
C ALA E 243 33.03 40.99 3.79
N ALA E 244 32.18 40.05 3.36
CA ALA E 244 32.58 38.67 3.18
C ALA E 244 32.52 38.31 1.71
N PRO E 245 33.65 37.94 1.07
CA PRO E 245 33.64 37.82 -0.41
C PRO E 245 32.94 36.59 -0.96
N CYS E 246 31.74 36.79 -1.51
CA CYS E 246 31.04 35.81 -2.36
C CYS E 246 30.85 34.45 -1.69
N ILE E 247 30.47 34.44 -0.42
CA ILE E 247 30.50 33.22 0.37
C ILE E 247 29.16 32.92 1.03
N ILE E 248 28.53 31.84 0.60
CA ILE E 248 27.75 31.00 1.50
C ILE E 248 27.66 29.61 0.90
N PHE E 249 28.06 28.58 1.66
CA PHE E 249 27.76 27.20 1.30
C PHE E 249 26.79 26.62 2.33
N ILE E 250 25.56 26.41 1.93
CA ILE E 250 24.50 26.04 2.86
C ILE E 250 23.89 24.75 2.37
N ASP E 251 24.43 23.62 2.80
CA ASP E 251 23.75 22.34 2.59
C ASP E 251 23.51 21.71 3.95
N GLN E 252 22.26 21.39 4.20
CA GLN E 252 21.90 20.33 5.11
C GLN E 252 21.05 19.31 4.38
N ILE E 253 21.00 19.40 3.05
CA ILE E 253 20.38 18.41 2.17
C ILE E 253 21.49 17.59 1.55
N ARG E 271 9.30 26.74 0.59
CA ARG E 271 10.17 25.62 0.24
C ARG E 271 11.17 26.04 -0.85
N GLU E 272 10.68 26.79 -1.84
CA GLU E 272 11.47 27.19 -2.99
C GLU E 272 11.82 28.68 -2.99
N GLN E 273 11.22 29.47 -2.12
CA GLN E 273 11.47 30.90 -2.11
C GLN E 273 12.88 31.24 -1.70
N THR E 274 13.62 30.30 -1.11
CA THR E 274 14.92 30.61 -0.56
C THR E 274 15.91 31.01 -1.64
N LEU E 275 15.89 30.33 -2.79
CA LEU E 275 16.87 30.58 -3.83
C LEU E 275 16.72 31.97 -4.42
N ASN E 276 15.51 32.33 -4.82
CA ASN E 276 15.30 33.67 -5.37
C ASN E 276 15.54 34.72 -4.31
N GLN E 277 15.12 34.43 -3.06
CA GLN E 277 15.31 35.42 -2.00
C GLN E 277 16.78 35.69 -1.78
N MET E 278 17.61 34.64 -1.77
CA MET E 278 19.05 34.84 -1.60
C MET E 278 19.64 35.57 -2.80
N LEU E 279 19.23 35.19 -4.02
CA LEU E 279 19.78 35.88 -5.19
C LEU E 279 19.53 37.39 -5.10
N VAL E 280 18.27 37.77 -4.90
CA VAL E 280 17.92 39.18 -4.86
C VAL E 280 18.58 39.85 -3.65
N GLU E 281 18.40 39.25 -2.47
CA GLU E 281 18.87 39.85 -1.23
C GLU E 281 20.37 40.11 -1.27
N MET E 282 21.15 39.08 -1.60
CA MET E 282 22.59 39.26 -1.74
C MET E 282 22.89 40.33 -2.77
N ASP E 283 22.62 40.07 -4.05
CA ASP E 283 23.17 40.92 -5.09
C ASP E 283 22.75 42.38 -4.92
N GLY E 284 21.48 42.62 -4.59
CA GLY E 284 21.04 43.99 -4.44
C GLY E 284 21.54 44.64 -3.17
N PHE E 285 21.51 43.89 -2.06
CA PHE E 285 21.77 44.47 -0.76
C PHE E 285 23.25 44.46 -0.40
N GLU E 286 24.11 43.94 -1.26
CA GLU E 286 25.53 44.00 -1.00
C GLU E 286 26.08 45.38 -1.38
N GLY E 287 27.38 45.52 -1.21
CA GLY E 287 28.12 46.61 -1.79
C GLY E 287 28.79 46.05 -3.03
N ASN E 288 28.03 45.26 -3.79
CA ASN E 288 28.57 44.47 -4.90
C ASN E 288 29.54 43.43 -4.36
N GLU E 289 29.25 42.90 -3.18
CA GLU E 289 30.09 41.85 -2.61
C GLU E 289 29.98 40.56 -3.43
N GLY E 290 28.87 40.37 -4.14
CA GLY E 290 28.74 39.27 -5.07
C GLY E 290 28.52 37.91 -4.43
N ILE E 291 27.85 37.87 -3.28
CA ILE E 291 27.68 36.60 -2.56
C ILE E 291 26.59 35.77 -3.22
N ILE E 292 26.88 34.47 -3.41
CA ILE E 292 25.94 33.53 -4.01
C ILE E 292 25.84 32.30 -3.13
N VAL E 293 24.80 31.52 -3.34
CA VAL E 293 24.59 30.28 -2.61
C VAL E 293 25.17 29.16 -3.44
N ILE E 294 26.03 28.34 -2.84
CA ILE E 294 26.57 27.17 -3.49
C ILE E 294 26.23 25.97 -2.62
N ALA E 295 25.63 24.94 -3.21
CA ALA E 295 25.06 23.86 -2.43
C ALA E 295 25.37 22.52 -3.08
N ALA E 296 25.41 21.48 -2.25
CA ALA E 296 25.72 20.12 -2.68
C ALA E 296 24.86 19.11 -1.95
N THR E 297 24.19 18.25 -2.70
CA THR E 297 23.38 17.20 -2.13
C THR E 297 23.25 16.06 -3.13
N ASN E 298 22.76 14.94 -2.64
CA ASN E 298 22.54 13.78 -3.48
C ASN E 298 21.33 13.00 -2.99
N ARG E 309 15.54 25.47 -12.55
CA ARG E 309 15.20 26.65 -13.34
C ARG E 309 16.17 27.79 -13.08
N PRO E 310 16.33 28.68 -14.06
CA PRO E 310 17.26 29.81 -13.88
C PRO E 310 16.86 30.70 -12.72
N GLY E 311 17.87 31.24 -12.04
CA GLY E 311 17.66 32.06 -10.86
C GLY E 311 17.50 31.27 -9.59
N ARG E 312 17.18 29.98 -9.70
CA ARG E 312 17.05 29.10 -8.55
C ARG E 312 18.27 28.21 -8.42
N PHE E 313 18.61 27.45 -9.47
CA PHE E 313 19.86 26.69 -9.54
C PHE E 313 20.17 26.45 -11.01
N ASP E 314 21.08 27.25 -11.56
CA ASP E 314 21.42 27.15 -12.98
C ASP E 314 22.81 26.57 -13.24
N ARG E 315 23.71 26.63 -12.28
CA ARG E 315 25.05 26.08 -12.43
C ARG E 315 25.14 24.75 -11.70
N GLN E 316 25.05 23.66 -12.44
CA GLN E 316 25.16 22.32 -11.88
C GLN E 316 26.48 21.71 -12.33
N VAL E 317 27.40 21.53 -11.38
CA VAL E 317 28.74 21.08 -11.65
C VAL E 317 28.88 19.63 -11.21
N VAL E 318 29.31 18.77 -12.14
CA VAL E 318 29.40 17.35 -11.89
C VAL E 318 30.77 17.08 -11.28
N VAL E 319 30.79 16.75 -9.98
CA VAL E 319 32.01 16.37 -9.30
C VAL E 319 32.04 14.85 -9.21
N GLY E 320 32.67 14.21 -10.20
CA GLY E 320 32.50 12.79 -10.42
C GLY E 320 33.67 11.93 -10.01
N LEU E 321 33.50 10.63 -10.27
CA LEU E 321 34.52 9.65 -9.93
C LEU E 321 35.78 9.88 -10.76
N PRO E 322 36.96 9.73 -10.18
CA PRO E 322 38.18 10.03 -10.92
C PRO E 322 38.41 9.02 -12.02
N ASP E 323 39.00 9.49 -13.12
CA ASP E 323 39.47 8.53 -14.09
C ASP E 323 40.78 7.93 -13.61
N VAL E 324 41.22 6.89 -14.30
CA VAL E 324 42.45 6.22 -13.90
C VAL E 324 43.61 7.20 -13.89
N ARG E 325 43.65 8.09 -14.88
CA ARG E 325 44.63 9.16 -14.83
C ARG E 325 44.49 9.98 -13.56
N GLY E 326 43.25 10.27 -13.15
CA GLY E 326 43.06 11.01 -11.91
C GLY E 326 43.51 10.23 -10.70
N ARG E 327 43.31 8.92 -10.75
CA ARG E 327 43.78 8.08 -9.67
C ARG E 327 45.28 8.26 -9.50
N GLU E 328 46.00 8.35 -10.61
CA GLU E 328 47.43 8.56 -10.51
C GLU E 328 47.75 9.82 -9.71
N GLN E 329 47.10 10.93 -10.05
CA GLN E 329 47.44 12.19 -9.39
C GLN E 329 47.14 12.14 -7.92
N ILE E 330 45.96 11.64 -7.54
CA ILE E 330 45.60 11.66 -6.13
C ILE E 330 46.55 10.76 -5.33
N LEU E 331 46.86 9.59 -5.89
CA LEU E 331 47.78 8.69 -5.21
C LEU E 331 49.13 9.35 -5.05
N LYS E 332 49.56 10.12 -6.03
CA LYS E 332 50.82 10.82 -5.88
C LYS E 332 50.73 11.89 -4.79
N VAL E 333 49.59 12.57 -4.71
CA VAL E 333 49.47 13.68 -3.76
C VAL E 333 49.58 13.19 -2.33
N HIS E 334 48.76 12.20 -1.96
CA HIS E 334 48.87 11.73 -0.59
C HIS E 334 50.14 10.95 -0.35
N MET E 335 50.89 10.63 -1.41
CA MET E 335 52.09 9.85 -1.25
C MET E 335 53.24 10.68 -0.73
N ARG E 336 53.01 11.96 -0.47
CA ARG E 336 54.09 12.85 -0.08
C ARG E 336 54.73 12.42 1.24
N ARG E 337 53.97 11.75 2.10
CA ARG E 337 54.35 11.69 3.51
C ARG E 337 55.19 10.49 3.90
N VAL E 338 55.66 9.68 2.98
CA VAL E 338 56.26 8.41 3.38
C VAL E 338 57.53 8.17 2.56
N PRO E 339 58.34 7.19 2.96
CA PRO E 339 59.36 6.66 2.05
C PRO E 339 58.73 5.75 1.02
N LEU E 340 59.53 5.35 0.04
CA LEU E 340 59.08 4.42 -0.99
C LEU E 340 60.15 3.38 -1.23
N ALA E 341 59.72 2.14 -1.40
CA ALA E 341 60.57 1.12 -1.95
C ALA E 341 60.52 1.18 -3.46
N PRO E 342 61.57 0.72 -4.15
CA PRO E 342 61.64 0.97 -5.60
C PRO E 342 60.49 0.39 -6.40
N ASP E 343 59.94 -0.75 -5.98
CA ASP E 343 59.03 -1.52 -6.83
C ASP E 343 57.64 -0.91 -6.94
N ILE E 344 57.35 0.17 -6.22
CA ILE E 344 56.02 0.76 -6.25
C ILE E 344 55.69 1.22 -7.65
N ASP E 345 54.56 0.74 -8.19
CA ASP E 345 53.99 1.23 -9.43
C ASP E 345 52.60 1.76 -9.15
N ALA E 346 52.43 3.06 -9.21
CA ALA E 346 51.18 3.66 -8.80
C ALA E 346 50.08 3.33 -9.80
N ALA E 347 50.44 3.14 -11.06
CA ALA E 347 49.42 2.95 -12.07
C ALA E 347 48.61 1.69 -11.81
N ILE E 348 49.25 0.61 -11.37
CA ILE E 348 48.54 -0.64 -11.18
C ILE E 348 47.59 -0.55 -10.00
N ILE E 349 48.06 0.04 -8.90
CA ILE E 349 47.17 0.26 -7.77
C ILE E 349 46.01 1.15 -8.18
N ALA E 350 46.27 2.12 -9.05
CA ALA E 350 45.19 2.91 -9.60
C ALA E 350 44.24 2.03 -10.39
N ARG E 351 44.79 1.10 -11.15
CA ARG E 351 43.97 0.28 -12.03
C ARG E 351 42.93 -0.46 -11.23
N GLY E 352 43.35 -1.14 -10.17
CA GLY E 352 42.41 -1.74 -9.25
C GLY E 352 41.76 -0.66 -8.41
N THR E 353 40.93 -1.03 -7.46
CA THR E 353 40.09 -0.06 -6.78
C THR E 353 39.33 0.77 -7.79
N PRO E 354 38.58 0.16 -8.71
CA PRO E 354 37.93 0.95 -9.75
C PRO E 354 36.69 1.62 -9.18
N GLY E 355 36.73 2.95 -9.14
CA GLY E 355 35.62 3.69 -8.59
C GLY E 355 35.77 4.11 -7.16
N PHE E 356 36.91 3.83 -6.55
CA PHE E 356 37.16 4.38 -5.23
C PHE E 356 37.34 5.89 -5.36
N SER E 357 36.73 6.63 -4.44
CA SER E 357 36.79 8.08 -4.46
C SER E 357 38.16 8.55 -4.03
N GLY E 358 38.26 9.83 -3.70
CA GLY E 358 39.48 10.32 -3.10
C GLY E 358 39.69 9.76 -1.71
N ALA E 359 38.61 9.64 -0.94
CA ALA E 359 38.77 9.21 0.43
C ALA E 359 39.36 7.81 0.49
N ASP E 360 38.88 6.94 -0.39
CA ASP E 360 39.30 5.55 -0.37
C ASP E 360 40.78 5.42 -0.64
N LEU E 361 41.29 6.17 -1.61
CA LEU E 361 42.72 6.15 -1.84
C LEU E 361 43.46 6.69 -0.64
N ALA E 362 42.93 7.73 -0.02
CA ALA E 362 43.66 8.31 1.10
C ALA E 362 43.88 7.28 2.18
N ASN E 363 42.82 6.59 2.56
CA ASN E 363 43.00 5.65 3.63
C ASN E 363 43.66 4.37 3.13
N LEU E 364 43.67 4.16 1.81
CA LEU E 364 44.47 3.07 1.30
C LEU E 364 45.92 3.28 1.66
N VAL E 365 46.43 4.48 1.41
CA VAL E 365 47.80 4.76 1.80
C VAL E 365 47.95 4.68 3.30
N ASN E 366 46.99 5.22 4.04
CA ASN E 366 47.07 5.14 5.49
C ASN E 366 47.24 3.71 5.95
N GLU E 367 46.44 2.80 5.40
CA GLU E 367 46.50 1.41 5.81
C GLU E 367 47.79 0.77 5.37
N ALA E 368 48.36 1.22 4.26
CA ALA E 368 49.67 0.73 3.92
C ALA E 368 50.65 1.05 5.01
N ALA E 369 50.57 2.28 5.53
CA ALA E 369 51.47 2.67 6.61
C ALA E 369 51.28 1.78 7.82
N LEU E 370 50.04 1.64 8.26
CA LEU E 370 49.78 0.81 9.42
C LEU E 370 50.30 -0.61 9.21
N PHE E 371 50.02 -1.19 8.04
CA PHE E 371 50.39 -2.58 7.81
C PHE E 371 51.89 -2.74 7.89
N ALA E 372 52.63 -1.81 7.30
CA ALA E 372 54.08 -1.90 7.40
C ALA E 372 54.51 -1.85 8.85
N ALA E 373 53.91 -0.94 9.63
CA ALA E 373 54.32 -0.80 11.02
C ALA E 373 54.05 -2.08 11.81
N ARG E 374 53.01 -2.81 11.43
CA ARG E 374 52.62 -3.99 12.20
C ARG E 374 53.76 -4.99 12.31
N GLY E 375 54.38 -5.34 11.19
CA GLY E 375 55.48 -6.27 11.25
C GLY E 375 56.82 -5.62 11.44
N ASN E 376 56.84 -4.31 11.69
CA ASN E 376 58.09 -3.57 11.83
C ASN E 376 58.92 -3.66 10.57
N LYS E 377 58.33 -3.21 9.47
CA LYS E 377 59.02 -3.17 8.19
C LYS E 377 59.38 -1.73 7.85
N ARG E 378 60.66 -1.50 7.57
CA ARG E 378 61.18 -0.14 7.50
C ARG E 378 60.59 0.64 6.33
N VAL E 379 60.49 0.01 5.16
CA VAL E 379 60.11 0.70 3.92
C VAL E 379 58.89 0.01 3.32
N VAL E 380 57.87 0.80 2.99
CA VAL E 380 56.65 0.26 2.43
C VAL E 380 56.89 -0.15 0.98
N SER E 381 56.22 -1.21 0.55
CA SER E 381 56.34 -1.69 -0.81
C SER E 381 54.98 -2.09 -1.37
N MET E 382 55.01 -2.49 -2.64
CA MET E 382 53.78 -2.80 -3.35
C MET E 382 53.09 -4.04 -2.80
N VAL E 383 53.85 -4.94 -2.17
CA VAL E 383 53.27 -6.19 -1.73
C VAL E 383 52.22 -5.93 -0.66
N GLU E 384 52.59 -5.19 0.38
CA GLU E 384 51.59 -4.88 1.37
C GLU E 384 50.57 -3.91 0.81
N PHE E 385 50.94 -3.15 -0.22
CA PHE E 385 49.93 -2.29 -0.83
C PHE E 385 48.79 -3.13 -1.37
N GLU E 386 49.12 -4.22 -2.07
CA GLU E 386 48.09 -5.15 -2.50
C GLU E 386 47.39 -5.74 -1.28
N LYS E 387 48.14 -5.97 -0.21
CA LYS E 387 47.50 -6.51 0.98
C LYS E 387 46.42 -5.56 1.49
N ALA E 388 46.72 -4.28 1.51
CA ALA E 388 45.78 -3.30 2.02
C ALA E 388 44.59 -3.15 1.08
N LYS E 389 44.86 -3.12 -0.21
CA LYS E 389 43.77 -3.08 -1.16
C LYS E 389 42.80 -4.22 -0.90
N ASP E 390 43.33 -5.45 -0.84
CA ASP E 390 42.46 -6.60 -0.66
C ASP E 390 41.73 -6.52 0.66
N LYS E 391 42.42 -6.13 1.72
CA LYS E 391 41.81 -6.09 3.04
C LYS E 391 40.64 -5.12 3.06
N ILE E 392 40.82 -3.95 2.46
CA ILE E 392 39.75 -2.96 2.46
C ILE E 392 38.61 -3.43 1.59
N MET E 393 38.94 -3.90 0.39
CA MET E 393 37.91 -4.15 -0.61
C MET E 393 37.07 -5.37 -0.26
N MET E 394 37.70 -6.45 0.21
CA MET E 394 37.03 -7.73 0.31
C MET E 394 36.77 -8.12 1.76
N GLY E 395 37.83 -8.19 2.53
CA GLY E 395 37.72 -8.54 3.94
C GLY E 395 39.07 -8.95 4.46
N ALA E 396 39.25 -8.78 5.75
CA ALA E 396 40.52 -9.16 6.34
C ALA E 396 40.74 -10.63 6.12
N GLU E 397 41.97 -11.00 5.80
CA GLU E 397 42.31 -12.40 5.68
C GLU E 397 42.02 -13.09 7.00
N ARG E 398 41.15 -14.08 6.95
CA ARG E 398 40.68 -14.74 8.15
C ARG E 398 41.18 -16.18 8.16
N ARG E 399 42.40 -16.35 8.66
CA ARG E 399 43.02 -17.67 8.68
C ARG E 399 42.63 -18.49 9.87
N SER E 400 41.97 -17.90 10.85
CA SER E 400 41.69 -18.64 12.08
C SER E 400 40.80 -19.84 11.83
N MET E 401 40.11 -19.88 10.69
CA MET E 401 39.26 -21.01 10.38
C MET E 401 40.10 -22.24 10.12
N VAL E 402 39.45 -23.39 10.15
CA VAL E 402 40.07 -24.65 9.75
C VAL E 402 39.16 -25.31 8.73
N MET E 403 39.77 -25.88 7.70
CA MET E 403 39.10 -26.85 6.84
C MET E 403 40.03 -28.02 6.67
N THR E 404 39.48 -29.21 6.54
CA THR E 404 40.31 -30.38 6.31
C THR E 404 41.01 -30.28 4.96
N GLU E 405 41.89 -31.23 4.69
CA GLU E 405 42.53 -31.26 3.38
C GLU E 405 41.53 -31.58 2.29
N ALA E 406 40.44 -32.27 2.63
CA ALA E 406 39.42 -32.56 1.65
C ALA E 406 38.76 -31.29 1.14
N GLN E 407 38.48 -30.34 2.02
CA GLN E 407 37.93 -29.08 1.58
C GLN E 407 39.00 -28.20 0.94
N LYS E 408 40.20 -28.20 1.52
CA LYS E 408 41.28 -27.44 0.90
C LYS E 408 41.53 -27.91 -0.52
N GLU E 409 41.14 -29.15 -0.83
CA GLU E 409 41.29 -29.63 -2.20
C GLU E 409 40.16 -29.15 -3.08
N SER E 410 38.92 -29.28 -2.60
CA SER E 410 37.79 -28.96 -3.44
C SER E 410 37.79 -27.51 -3.85
N THR E 411 38.09 -26.63 -2.90
CA THR E 411 38.12 -25.20 -3.21
C THR E 411 39.21 -24.89 -4.21
N ALA E 412 40.27 -25.69 -4.23
CA ALA E 412 41.39 -25.38 -5.12
C ALA E 412 41.02 -25.63 -6.57
N TYR E 413 40.32 -26.73 -6.83
CA TYR E 413 39.90 -27.02 -8.19
C TYR E 413 38.97 -25.94 -8.72
N HIS E 414 38.14 -25.39 -7.85
CA HIS E 414 37.21 -24.36 -8.25
C HIS E 414 37.92 -23.11 -8.75
N GLN E 415 39.12 -22.81 -8.24
CA GLN E 415 39.78 -21.58 -8.67
C GLN E 415 40.68 -21.78 -9.85
N ALA E 416 41.09 -23.00 -10.14
CA ALA E 416 41.40 -23.28 -11.52
C ALA E 416 40.06 -23.33 -12.23
N GLY E 417 40.04 -23.47 -13.53
CA GLY E 417 38.74 -23.39 -14.15
C GLY E 417 38.24 -21.96 -14.18
N HIS E 418 38.08 -21.32 -13.02
CA HIS E 418 37.82 -19.89 -13.04
C HIS E 418 38.99 -19.19 -13.71
N ALA E 419 40.19 -19.73 -13.56
CA ALA E 419 41.38 -19.05 -14.06
C ALA E 419 41.81 -19.60 -15.40
N ILE E 420 41.76 -20.92 -15.57
CA ILE E 420 42.13 -21.51 -16.85
C ILE E 420 41.24 -20.98 -17.96
N ILE E 421 39.94 -20.83 -17.70
CA ILE E 421 39.03 -20.36 -18.73
C ILE E 421 39.15 -18.86 -18.91
N GLY E 422 39.53 -18.13 -17.88
CA GLY E 422 39.72 -16.70 -18.03
C GLY E 422 40.72 -16.35 -19.10
N ARG E 423 41.65 -17.28 -19.38
CA ARG E 423 42.71 -17.00 -20.33
C ARG E 423 42.31 -17.43 -21.72
N LEU E 424 41.64 -18.56 -21.85
CA LEU E 424 41.48 -19.16 -23.17
C LEU E 424 40.29 -18.56 -23.92
N VAL E 425 39.37 -17.94 -23.21
CA VAL E 425 38.22 -17.26 -23.82
C VAL E 425 38.70 -15.90 -24.36
N PRO E 426 38.07 -15.35 -25.40
CA PRO E 426 38.60 -14.12 -25.99
C PRO E 426 38.13 -12.85 -25.34
N GLU E 427 39.01 -11.86 -25.35
CA GLU E 427 38.73 -10.49 -24.95
C GLU E 427 38.22 -10.41 -23.52
N HIS E 428 39.09 -10.75 -22.59
CA HIS E 428 38.75 -10.78 -21.18
C HIS E 428 39.80 -9.98 -20.42
N ASP E 429 39.46 -9.56 -19.22
CA ASP E 429 40.43 -8.93 -18.35
C ASP E 429 41.45 -9.98 -17.89
N PRO E 430 42.71 -9.61 -17.75
CA PRO E 430 43.72 -10.58 -17.37
C PRO E 430 43.54 -11.01 -15.92
N VAL E 431 44.09 -12.17 -15.61
CA VAL E 431 44.01 -12.71 -14.27
C VAL E 431 45.16 -12.17 -13.44
N HIS E 432 44.85 -11.50 -12.35
CA HIS E 432 45.86 -10.90 -11.49
C HIS E 432 46.25 -11.82 -10.35
N LYS E 433 45.29 -12.50 -9.72
CA LYS E 433 45.57 -13.30 -8.54
C LYS E 433 44.64 -14.50 -8.46
N VAL E 434 45.06 -15.50 -7.73
CA VAL E 434 44.24 -16.66 -7.40
C VAL E 434 44.60 -17.06 -5.97
N THR E 435 43.61 -17.23 -5.12
CA THR E 435 43.90 -17.41 -3.71
C THR E 435 42.93 -18.37 -3.08
N ILE E 436 43.25 -18.79 -1.87
CA ILE E 436 42.47 -19.81 -1.18
C ILE E 436 42.08 -19.41 0.25
N ILE E 437 42.87 -18.60 0.94
CA ILE E 437 42.60 -18.40 2.36
C ILE E 437 41.40 -17.51 2.54
N PRO E 438 40.43 -17.89 3.35
CA PRO E 438 39.11 -17.29 3.26
C PRO E 438 39.12 -15.86 3.73
N ARG E 439 38.34 -15.02 3.07
CA ARG E 439 38.17 -13.62 3.44
C ARG E 439 36.69 -13.31 3.43
N GLY E 440 36.16 -12.98 4.59
CA GLY E 440 34.73 -12.73 4.64
C GLY E 440 34.00 -14.02 4.44
N ARG E 441 32.96 -13.98 3.61
CA ARG E 441 32.12 -15.14 3.39
C ARG E 441 32.52 -15.92 2.17
N ALA E 442 33.67 -15.61 1.57
CA ALA E 442 34.11 -16.25 0.34
C ALA E 442 35.22 -17.22 0.66
N LEU E 443 35.09 -18.45 0.19
CA LEU E 443 36.12 -19.44 0.47
C LEU E 443 37.36 -19.20 -0.38
N GLY E 444 37.19 -18.74 -1.61
CA GLY E 444 38.33 -18.43 -2.45
C GLY E 444 37.98 -17.26 -3.35
N VAL E 445 39.02 -16.62 -3.88
CA VAL E 445 38.85 -15.45 -4.72
C VAL E 445 39.72 -15.59 -5.96
N THR E 446 39.23 -15.10 -7.09
CA THR E 446 40.02 -14.90 -8.29
C THR E 446 39.86 -13.47 -8.74
N PHE E 447 40.95 -12.72 -8.76
CA PHE E 447 40.88 -11.29 -9.03
C PHE E 447 41.09 -11.02 -10.50
N PHE E 448 40.47 -9.95 -10.98
CA PHE E 448 40.60 -9.51 -12.36
C PHE E 448 40.93 -8.03 -12.41
N LEU E 449 41.80 -7.65 -13.34
CA LEU E 449 42.26 -6.28 -13.41
C LEU E 449 41.63 -5.59 -14.61
N PRO E 450 40.80 -4.57 -14.39
CA PRO E 450 40.05 -3.98 -15.50
C PRO E 450 40.93 -3.52 -16.64
N GLU E 451 42.20 -3.23 -16.40
CA GLU E 451 43.17 -3.00 -17.47
C GLU E 451 42.79 -1.82 -18.34
N GLY E 452 42.19 -0.81 -17.75
CA GLY E 452 41.67 0.32 -18.49
C GLY E 452 40.38 0.79 -17.86
N ASP E 453 39.75 1.76 -18.50
CA ASP E 453 38.45 2.24 -18.06
C ASP E 453 37.37 1.70 -18.98
N ALA E 454 36.26 1.30 -18.37
CA ALA E 454 35.16 0.64 -19.08
C ALA E 454 34.32 1.71 -19.77
N ILE E 455 34.59 1.90 -21.06
CA ILE E 455 33.78 2.84 -21.83
C ILE E 455 32.47 2.19 -22.23
N SER E 456 32.54 1.01 -22.81
CA SER E 456 31.37 0.22 -23.21
C SER E 456 31.86 -1.19 -23.44
N ALA E 457 30.93 -2.09 -23.75
CA ALA E 457 31.27 -3.49 -23.86
C ALA E 457 30.89 -4.02 -25.22
N SER E 458 31.70 -4.92 -25.73
CA SER E 458 31.40 -5.63 -26.96
C SER E 458 30.56 -6.85 -26.66
N ARG E 459 29.84 -7.31 -27.67
CA ARG E 459 29.09 -8.54 -27.53
C ARG E 459 30.01 -9.70 -27.22
N GLN E 460 31.17 -9.73 -27.85
CA GLN E 460 32.09 -10.84 -27.67
C GLN E 460 32.51 -10.98 -26.22
N LYS E 461 32.92 -9.88 -25.61
CA LYS E 461 33.44 -9.97 -24.24
C LYS E 461 32.32 -10.24 -23.26
N LEU E 462 31.15 -9.68 -23.54
CA LEU E 462 29.96 -9.97 -22.75
C LEU E 462 29.63 -11.44 -22.81
N GLU E 463 29.75 -12.04 -23.98
CA GLU E 463 29.46 -13.46 -24.13
C GLU E 463 30.55 -14.29 -23.48
N SER E 464 31.76 -13.76 -23.37
CA SER E 464 32.87 -14.54 -22.82
C SER E 464 32.83 -14.58 -21.29
N GLN E 465 32.37 -13.51 -20.66
CA GLN E 465 32.30 -13.52 -19.21
C GLN E 465 31.46 -14.68 -18.70
N ILE E 466 30.34 -14.98 -19.34
CA ILE E 466 29.51 -16.09 -18.92
C ILE E 466 30.31 -17.38 -18.88
N SER E 467 31.09 -17.63 -19.92
CA SER E 467 31.86 -18.86 -19.97
C SER E 467 32.89 -18.89 -18.85
N THR E 468 33.47 -17.75 -18.53
CA THR E 468 34.42 -17.75 -17.41
C THR E 468 33.71 -18.02 -16.10
N LEU E 469 32.45 -17.60 -15.98
CA LEU E 469 31.78 -17.67 -14.68
C LEU E 469 31.48 -19.10 -14.27
N TYR E 470 31.12 -19.95 -15.21
CA TYR E 470 30.80 -21.32 -14.89
C TYR E 470 32.01 -22.21 -14.81
N GLY E 471 33.17 -21.66 -14.50
CA GLY E 471 34.36 -22.48 -14.38
C GLY E 471 34.28 -23.43 -13.21
N GLY E 472 33.57 -23.04 -12.17
CA GLY E 472 33.59 -23.82 -10.95
C GLY E 472 32.86 -25.14 -11.07
N ARG E 473 31.57 -25.08 -11.37
CA ARG E 473 30.79 -26.30 -11.38
C ARG E 473 31.36 -27.31 -12.34
N LEU E 474 32.00 -26.84 -13.40
CA LEU E 474 32.57 -27.76 -14.37
C LEU E 474 33.81 -28.45 -13.83
N ALA E 475 34.69 -27.72 -13.14
CA ALA E 475 35.81 -28.40 -12.51
C ALA E 475 35.31 -29.43 -11.50
N GLU E 476 34.33 -29.05 -10.69
CA GLU E 476 33.83 -29.98 -9.68
C GLU E 476 33.20 -31.20 -10.32
N GLU E 477 32.44 -31.03 -11.38
CA GLU E 477 31.74 -32.15 -11.97
C GLU E 477 32.69 -33.08 -12.71
N ILE E 478 33.62 -32.51 -13.49
CA ILE E 478 34.53 -33.36 -14.25
C ILE E 478 35.43 -34.15 -13.33
N ILE E 479 35.95 -33.52 -12.28
CA ILE E 479 36.90 -34.21 -11.42
C ILE E 479 36.19 -35.05 -10.37
N TYR E 480 35.18 -34.53 -9.71
CA TYR E 480 34.64 -35.19 -8.53
C TYR E 480 33.45 -36.10 -8.79
N GLY E 481 32.78 -35.97 -9.93
CA GLY E 481 31.59 -36.74 -10.20
C GLY E 481 30.33 -35.91 -10.08
N PRO E 482 29.31 -36.24 -10.87
CA PRO E 482 28.10 -35.44 -10.91
C PRO E 482 27.14 -35.61 -9.75
N GLU E 483 27.50 -36.39 -8.74
CA GLU E 483 26.68 -36.49 -7.55
C GLU E 483 27.36 -35.88 -6.35
N HIS E 484 28.55 -35.30 -6.51
CA HIS E 484 29.21 -34.57 -5.45
C HIS E 484 29.34 -33.08 -5.74
N VAL E 485 28.73 -32.58 -6.81
CA VAL E 485 28.81 -31.15 -7.11
C VAL E 485 28.01 -30.37 -6.07
N SER E 486 28.63 -29.37 -5.49
CA SER E 486 28.18 -28.77 -4.25
C SER E 486 27.39 -27.51 -4.51
N THR E 487 26.70 -27.04 -3.48
CA THR E 487 25.99 -25.79 -3.55
C THR E 487 26.87 -24.59 -3.32
N GLY E 488 28.18 -24.76 -3.42
CA GLY E 488 29.07 -23.63 -3.24
C GLY E 488 29.11 -22.69 -4.42
N ALA E 489 28.36 -23.00 -5.47
CA ALA E 489 28.41 -22.24 -6.71
C ALA E 489 27.12 -21.49 -7.00
N SER E 490 26.57 -20.78 -6.02
CA SER E 490 25.28 -20.15 -6.22
C SER E 490 25.43 -18.75 -6.80
N ASN E 491 26.24 -17.90 -6.18
CA ASN E 491 26.34 -16.54 -6.69
C ASN E 491 27.04 -16.49 -8.05
N ASP E 492 27.83 -17.51 -8.38
CA ASP E 492 28.31 -17.60 -9.75
C ASP E 492 27.14 -17.76 -10.71
N ILE E 493 26.15 -18.55 -10.33
CA ILE E 493 24.98 -18.79 -11.18
C ILE E 493 24.13 -17.54 -11.30
N LYS E 494 23.94 -16.83 -10.21
CA LYS E 494 23.02 -15.71 -10.23
C LYS E 494 23.47 -14.63 -11.18
N VAL E 495 24.73 -14.23 -11.08
CA VAL E 495 25.25 -13.19 -11.93
C VAL E 495 25.14 -13.60 -13.39
N ALA E 496 25.48 -14.83 -13.69
CA ALA E 496 25.37 -15.29 -15.07
C ALA E 496 23.95 -15.17 -15.58
N THR E 497 22.97 -15.65 -14.81
CA THR E 497 21.61 -15.61 -15.32
C THR E 497 21.10 -14.19 -15.41
N ASN E 498 21.61 -13.31 -14.56
CA ASN E 498 21.17 -11.93 -14.63
C ASN E 498 21.84 -11.19 -15.77
N LEU E 499 23.01 -11.63 -16.20
CA LEU E 499 23.63 -11.01 -17.36
C LEU E 499 22.94 -11.45 -18.63
N ALA E 500 22.60 -12.74 -18.72
CA ALA E 500 21.99 -13.23 -19.95
C ALA E 500 20.65 -12.55 -20.21
N ARG E 501 19.94 -12.17 -19.16
CA ARG E 501 18.62 -11.60 -19.34
C ARG E 501 18.71 -10.23 -19.98
N ASN E 502 19.69 -9.44 -19.57
CA ASN E 502 19.85 -8.10 -20.13
C ASN E 502 20.19 -8.14 -21.61
N MET E 503 21.06 -9.05 -22.01
CA MET E 503 21.51 -9.06 -23.40
C MET E 503 20.33 -9.22 -24.34
N VAL E 504 19.37 -10.08 -23.99
CA VAL E 504 18.24 -10.32 -24.90
C VAL E 504 17.15 -9.30 -24.70
N THR E 505 17.08 -8.67 -23.54
CA THR E 505 15.97 -7.76 -23.23
C THR E 505 16.32 -6.32 -23.57
N GLN E 506 17.41 -5.81 -23.02
CA GLN E 506 17.67 -4.38 -23.10
C GLN E 506 18.51 -4.01 -24.32
N TRP E 507 19.63 -4.67 -24.56
CA TRP E 507 20.55 -4.25 -25.62
C TRP E 507 20.57 -5.28 -26.74
N GLY E 508 19.65 -5.17 -27.68
CA GLY E 508 19.67 -5.97 -28.90
C GLY E 508 19.98 -7.42 -28.69
N PHE E 509 20.92 -7.93 -29.46
CA PHE E 509 21.65 -9.18 -29.23
C PHE E 509 20.85 -10.45 -29.32
N SER E 510 19.69 -10.46 -29.97
CA SER E 510 18.97 -11.71 -30.21
C SER E 510 18.24 -11.60 -31.53
N GLU E 511 18.59 -12.46 -32.48
CA GLU E 511 18.05 -12.31 -33.83
C GLU E 511 16.56 -12.61 -33.89
N LYS E 512 16.12 -13.59 -33.11
CA LYS E 512 14.72 -13.99 -33.14
C LYS E 512 13.80 -12.86 -32.69
N LEU E 513 14.19 -12.14 -31.65
CA LEU E 513 13.29 -11.15 -31.10
C LEU E 513 13.48 -9.78 -31.74
N GLY E 514 14.72 -9.42 -32.02
CA GLY E 514 15.00 -8.14 -32.63
C GLY E 514 15.24 -7.07 -31.60
N PRO E 515 15.78 -5.95 -32.02
CA PRO E 515 16.09 -4.86 -31.09
C PRO E 515 14.86 -4.14 -30.56
N LEU E 516 14.52 -4.38 -29.30
CA LEU E 516 13.35 -3.79 -28.67
C LEU E 516 13.56 -3.82 -27.17
N LEU E 517 12.79 -3.01 -26.45
CA LEU E 517 12.91 -2.92 -25.00
C LEU E 517 11.76 -3.68 -24.33
N TYR E 518 11.88 -5.00 -24.31
CA TYR E 518 10.86 -5.81 -23.67
C TYR E 518 10.84 -5.61 -22.17
N ALA E 519 11.99 -5.57 -21.55
CA ALA E 519 12.07 -5.51 -20.10
C ALA E 519 11.51 -4.21 -19.57
N HIS E 536 0.97 -5.77 -20.17
CA HIS E 536 2.41 -5.75 -20.34
C HIS E 536 2.83 -6.48 -21.60
N MET E 537 3.05 -7.79 -21.49
CA MET E 537 3.37 -8.62 -22.62
C MET E 537 2.55 -9.90 -22.55
N SER E 538 2.51 -10.61 -23.66
CA SER E 538 1.70 -11.79 -23.80
C SER E 538 2.39 -12.97 -23.15
N ASP E 539 1.69 -14.11 -23.16
CA ASP E 539 2.32 -15.32 -22.67
C ASP E 539 3.15 -15.98 -23.76
N GLU E 540 2.86 -15.67 -25.02
CA GLU E 540 3.69 -16.18 -26.09
C GLU E 540 5.05 -15.52 -26.10
N THR E 541 5.09 -14.19 -25.96
CA THR E 541 6.37 -13.50 -25.92
C THR E 541 7.16 -13.87 -24.69
N ALA E 542 6.48 -14.06 -23.58
CA ALA E 542 7.18 -14.42 -22.35
C ALA E 542 7.86 -15.76 -22.47
N ARG E 543 7.50 -16.55 -23.46
CA ARG E 543 8.12 -17.86 -23.63
C ARG E 543 9.31 -17.81 -24.57
N ILE E 544 9.23 -17.01 -25.63
CA ILE E 544 10.36 -16.88 -26.52
C ILE E 544 11.55 -16.27 -25.80
N ILE E 545 11.31 -15.35 -24.87
CA ILE E 545 12.40 -14.75 -24.14
C ILE E 545 13.13 -15.81 -23.34
N ASP E 546 12.38 -16.71 -22.71
CA ASP E 546 12.99 -17.77 -21.92
C ASP E 546 13.79 -18.71 -22.78
N GLN E 547 13.24 -19.09 -23.93
CA GLN E 547 13.98 -20.01 -24.76
C GLN E 547 15.25 -19.36 -25.26
N GLU E 548 15.24 -18.05 -25.51
CA GLU E 548 16.47 -17.39 -25.91
C GLU E 548 17.50 -17.38 -24.80
N VAL E 549 17.10 -17.06 -23.57
CA VAL E 549 18.06 -17.07 -22.48
C VAL E 549 18.67 -18.45 -22.33
N LYS E 550 17.85 -19.48 -22.40
CA LYS E 550 18.39 -20.82 -22.28
C LYS E 550 19.36 -21.14 -23.40
N ALA E 551 19.07 -20.70 -24.62
CA ALA E 551 19.97 -21.00 -25.72
C ALA E 551 21.34 -20.38 -25.49
N LEU E 552 21.37 -19.12 -25.06
CA LEU E 552 22.65 -18.46 -24.83
C LEU E 552 23.46 -19.20 -23.78
N ILE E 553 22.86 -19.47 -22.62
CA ILE E 553 23.64 -20.09 -21.55
C ILE E 553 24.07 -21.49 -21.93
N GLU E 554 23.24 -22.24 -22.65
CA GLU E 554 23.64 -23.57 -23.06
C GLU E 554 24.85 -23.53 -23.98
N ARG E 555 24.85 -22.61 -24.94
CA ARG E 555 25.98 -22.56 -25.87
C ARG E 555 27.28 -22.29 -25.13
N ASN E 556 27.28 -21.30 -24.25
CA ASN E 556 28.54 -20.99 -23.59
C ASN E 556 28.93 -22.05 -22.58
N TYR E 557 27.97 -22.71 -21.93
CA TYR E 557 28.30 -23.78 -21.00
C TYR E 557 28.98 -24.92 -21.71
N ASN E 558 28.47 -25.30 -22.89
CA ASN E 558 29.14 -26.35 -23.63
C ASN E 558 30.54 -25.94 -24.01
N ARG E 559 30.72 -24.70 -24.44
CA ARG E 559 32.08 -24.27 -24.78
C ARG E 559 32.98 -24.32 -23.57
N ALA E 560 32.46 -23.98 -22.39
CA ALA E 560 33.28 -24.02 -21.19
C ALA E 560 33.68 -25.43 -20.84
N ARG E 561 32.77 -26.38 -21.00
CA ARG E 561 33.13 -27.77 -20.73
C ARG E 561 34.20 -28.23 -21.69
N GLN E 562 34.06 -27.86 -22.95
CA GLN E 562 34.94 -28.38 -23.98
C GLN E 562 36.40 -28.00 -23.73
N LEU E 563 36.64 -26.76 -23.33
CA LEU E 563 38.01 -26.29 -23.14
C LEU E 563 38.68 -26.97 -21.97
N LEU E 564 37.96 -27.14 -20.87
CA LEU E 564 38.56 -27.72 -19.67
C LEU E 564 38.87 -29.18 -19.88
N THR E 565 38.06 -29.88 -20.66
CA THR E 565 38.34 -31.28 -20.92
C THR E 565 39.65 -31.46 -21.64
N ASP E 566 39.93 -30.61 -22.62
CA ASP E 566 41.18 -30.75 -23.35
C ASP E 566 42.39 -30.49 -22.45
N ASN E 567 42.32 -29.47 -21.62
CA ASN E 567 43.46 -29.05 -20.81
C ASN E 567 43.39 -29.63 -19.40
N MET E 568 43.29 -30.96 -19.32
CA MET E 568 43.35 -31.59 -18.02
C MET E 568 44.73 -31.51 -17.43
N ASP E 569 45.75 -31.43 -18.28
CA ASP E 569 47.11 -31.37 -17.80
C ASP E 569 47.33 -30.15 -16.92
N ILE E 570 46.79 -29.00 -17.32
CA ILE E 570 47.01 -27.77 -16.58
C ILE E 570 46.29 -27.80 -15.25
N LEU E 571 45.04 -28.26 -15.24
CA LEU E 571 44.22 -28.13 -14.05
C LEU E 571 44.83 -28.87 -12.87
N HIS E 572 45.36 -30.06 -13.10
CA HIS E 572 46.05 -30.78 -12.03
C HIS E 572 47.32 -30.05 -11.62
N ALA E 573 48.07 -29.54 -12.58
CA ALA E 573 49.26 -28.80 -12.23
C ALA E 573 48.92 -27.58 -11.39
N MET E 574 47.85 -26.89 -11.74
CA MET E 574 47.52 -25.67 -11.02
C MET E 574 46.87 -25.99 -9.68
N LYS E 575 46.28 -27.18 -9.55
CA LYS E 575 45.74 -27.56 -8.25
C LYS E 575 46.86 -27.75 -7.24
N ASP E 576 48.01 -28.24 -7.68
CA ASP E 576 49.13 -28.43 -6.77
C ASP E 576 49.72 -27.11 -6.33
N ALA E 577 50.00 -26.22 -7.27
CA ALA E 577 50.58 -24.94 -6.89
C ALA E 577 49.68 -24.19 -5.94
N LEU E 578 48.37 -24.33 -6.11
CA LEU E 578 47.44 -23.64 -5.22
C LEU E 578 47.58 -24.15 -3.79
N MET E 579 48.06 -25.38 -3.63
CA MET E 579 48.21 -25.95 -2.30
C MET E 579 49.59 -25.68 -1.72
N LYS E 580 50.63 -26.03 -2.46
CA LYS E 580 51.99 -25.92 -1.93
C LYS E 580 52.29 -24.51 -1.49
N TYR E 581 51.99 -23.55 -2.34
CA TYR E 581 51.99 -22.13 -1.97
C TYR E 581 50.54 -21.71 -1.95
N GLU E 582 50.14 -20.90 -0.98
CA GLU E 582 48.71 -20.67 -0.84
C GLU E 582 48.18 -19.64 -1.82
N THR E 583 49.05 -18.98 -2.57
CA THR E 583 48.61 -17.90 -3.44
C THR E 583 49.52 -17.81 -4.66
N ILE E 584 48.96 -17.37 -5.77
CA ILE E 584 49.66 -17.37 -7.04
C ILE E 584 49.68 -15.97 -7.61
N ASP E 585 50.85 -15.51 -8.01
CA ASP E 585 51.01 -14.22 -8.65
C ASP E 585 50.91 -14.36 -10.15
N ALA E 586 50.92 -13.22 -10.84
CA ALA E 586 50.69 -13.23 -12.27
C ALA E 586 51.74 -13.98 -13.08
N PRO E 587 53.05 -13.76 -12.90
CA PRO E 587 54.00 -14.52 -13.72
C PRO E 587 53.92 -16.01 -13.53
N GLN E 588 53.52 -16.46 -12.35
CA GLN E 588 53.35 -17.89 -12.12
C GLN E 588 52.28 -18.46 -13.03
N ILE E 589 51.18 -17.74 -13.21
CA ILE E 589 50.11 -18.22 -14.06
C ILE E 589 50.60 -18.42 -15.48
N ASP E 590 51.36 -17.47 -16.01
CA ASP E 590 51.83 -17.61 -17.39
C ASP E 590 52.76 -18.80 -17.50
N ASP E 591 53.51 -19.08 -16.45
CA ASP E 591 54.38 -20.24 -16.45
C ASP E 591 53.56 -21.52 -16.52
N LEU E 592 52.45 -21.57 -15.79
CA LEU E 592 51.56 -22.73 -15.89
C LEU E 592 50.98 -22.84 -17.28
N MET E 593 50.49 -21.75 -17.82
CA MET E 593 49.79 -21.82 -19.10
C MET E 593 50.73 -22.12 -20.24
N ALA E 594 52.03 -21.92 -20.06
CA ALA E 594 52.99 -22.22 -21.11
C ALA E 594 53.56 -23.63 -20.99
N ARG E 595 53.14 -24.38 -19.98
CA ARG E 595 53.62 -25.73 -19.75
C ARG E 595 55.12 -25.77 -19.49
N ARG E 596 55.55 -25.15 -18.39
CA ARG E 596 56.90 -25.26 -17.89
C ARG E 596 56.88 -25.28 -16.36
N ASP E 597 58.06 -25.17 -15.76
CA ASP E 597 58.20 -25.33 -14.32
C ASP E 597 57.79 -24.06 -13.58
N VAL E 598 56.92 -24.21 -12.59
CA VAL E 598 56.47 -23.07 -11.80
C VAL E 598 57.61 -22.56 -10.95
N ARG E 599 57.89 -21.27 -11.05
CA ARG E 599 58.90 -20.67 -10.19
C ARG E 599 58.27 -20.20 -8.89
N PRO E 600 59.03 -20.19 -7.80
CA PRO E 600 58.47 -19.82 -6.51
C PRO E 600 57.98 -18.40 -6.52
N PRO E 601 57.00 -18.06 -5.69
CA PRO E 601 56.38 -16.74 -5.77
C PRO E 601 57.34 -15.64 -5.34
N ALA E 602 57.02 -14.42 -5.72
CA ALA E 602 57.76 -13.27 -5.22
C ALA E 602 57.59 -13.17 -3.71
N GLY E 603 58.69 -13.36 -2.98
CA GLY E 603 58.62 -13.48 -1.54
C GLY E 603 58.99 -14.86 -1.04
N TRP E 604 58.27 -15.33 -0.01
CA TRP E 604 58.46 -16.67 0.54
C TRP E 604 59.86 -16.86 1.12
N MET F 141 26.97 8.46 31.10
CA MET F 141 27.71 9.47 30.37
C MET F 141 29.00 9.78 31.07
N LEU F 142 29.00 9.76 32.40
CA LEU F 142 30.17 10.10 33.20
C LEU F 142 30.36 9.09 34.31
N THR F 143 31.45 8.32 34.25
CA THR F 143 31.80 7.36 35.28
C THR F 143 33.26 6.93 35.10
N GLU F 144 34.02 7.04 36.18
CA GLU F 144 35.45 6.75 36.15
C GLU F 144 35.79 5.64 37.10
N ASP F 145 36.48 4.63 36.59
CA ASP F 145 37.06 3.56 37.40
C ASP F 145 38.51 3.41 37.00
N GLN F 146 39.40 3.41 37.99
CA GLN F 146 40.83 3.28 37.69
C GLN F 146 41.14 1.92 37.06
N ILE F 147 40.52 0.86 37.57
CA ILE F 147 40.81 -0.51 37.14
C ILE F 147 39.50 -1.19 36.76
N LYS F 148 39.50 -1.90 35.62
CA LYS F 148 38.34 -2.64 35.15
C LYS F 148 38.77 -3.94 34.50
N THR F 149 37.78 -4.72 34.05
CA THR F 149 38.02 -6.05 33.50
C THR F 149 38.89 -5.99 32.25
N THR F 150 39.77 -6.98 32.13
CA THR F 150 40.77 -7.01 31.07
C THR F 150 40.12 -7.42 29.76
N PHE F 151 40.92 -7.93 28.83
CA PHE F 151 40.42 -8.53 27.60
C PHE F 151 40.79 -10.00 27.45
N ALA F 152 41.47 -10.61 28.43
CA ALA F 152 41.82 -12.03 28.32
C ALA F 152 40.60 -12.91 28.51
N ASP F 153 39.48 -12.32 28.94
CA ASP F 153 38.23 -13.05 29.07
C ASP F 153 37.45 -13.05 27.77
N VAL F 154 38.02 -12.49 26.71
CA VAL F 154 37.30 -12.35 25.44
C VAL F 154 37.27 -13.65 24.64
N ALA F 155 37.70 -14.76 25.23
CA ALA F 155 37.97 -15.99 24.50
C ALA F 155 37.03 -16.19 23.31
N GLY F 156 37.62 -16.43 22.15
CA GLY F 156 36.92 -16.45 20.89
C GLY F 156 37.27 -15.25 20.04
N CYS F 157 36.88 -15.34 18.78
CA CYS F 157 36.97 -14.23 17.83
C CYS F 157 38.40 -13.71 17.72
N ASP F 158 39.31 -14.59 17.35
CA ASP F 158 40.73 -14.22 17.36
C ASP F 158 41.04 -13.13 16.35
N GLU F 159 40.49 -13.25 15.14
CA GLU F 159 40.91 -12.36 14.06
C GLU F 159 40.54 -10.91 14.37
N ALA F 160 39.29 -10.67 14.73
CA ALA F 160 38.88 -9.32 15.08
C ALA F 160 39.59 -8.86 16.33
N LYS F 161 39.86 -9.78 17.24
CA LYS F 161 40.58 -9.43 18.46
C LYS F 161 41.94 -8.85 18.12
N GLU F 162 42.58 -9.36 17.08
CA GLU F 162 43.88 -8.81 16.70
C GLU F 162 43.76 -7.39 16.20
N GLU F 163 42.81 -7.13 15.31
CA GLU F 163 42.64 -5.79 14.79
C GLU F 163 42.28 -4.82 15.91
N VAL F 164 41.68 -5.33 16.98
CA VAL F 164 41.44 -4.47 18.14
C VAL F 164 42.70 -4.24 18.97
N ALA F 165 43.51 -5.28 19.18
CA ALA F 165 44.72 -5.13 20.00
C ALA F 165 45.74 -4.22 19.33
N GLU F 166 45.75 -4.20 18.00
CA GLU F 166 46.54 -3.18 17.32
C GLU F 166 46.15 -1.82 17.85
N LEU F 167 44.86 -1.51 17.86
CA LEU F 167 44.42 -0.21 18.32
C LEU F 167 44.78 -0.02 19.77
N VAL F 168 44.65 -1.07 20.58
CA VAL F 168 44.92 -0.95 22.01
C VAL F 168 46.35 -0.50 22.25
N GLU F 169 47.30 -1.14 21.54
CA GLU F 169 48.70 -0.73 21.67
C GLU F 169 48.90 0.70 21.15
N TYR F 170 48.20 1.05 20.07
CA TYR F 170 48.37 2.36 19.47
C TYR F 170 47.77 3.48 20.31
N LEU F 171 46.82 3.19 21.20
CA LEU F 171 46.11 4.27 21.89
C LEU F 171 47.09 5.22 22.54
N ARG F 172 48.17 4.66 23.09
CA ARG F 172 49.30 5.40 23.62
C ARG F 172 50.50 5.03 22.75
N GLU F 173 51.62 5.68 23.04
CA GLU F 173 52.83 5.57 22.23
C GLU F 173 52.58 5.92 20.76
N PRO F 174 52.00 7.08 20.47
CA PRO F 174 51.87 7.50 19.07
C PRO F 174 53.21 7.77 18.43
N SER F 175 54.24 7.93 19.23
CA SER F 175 55.56 8.26 18.71
C SER F 175 56.05 7.25 17.69
N ARG F 176 55.37 6.11 17.54
CA ARG F 176 55.78 5.18 16.51
C ARG F 176 55.38 5.67 15.13
N PHE F 177 55.01 6.94 15.01
CA PHE F 177 54.79 7.58 13.72
C PHE F 177 56.13 7.80 13.04
N GLN F 178 56.72 6.74 12.52
CA GLN F 178 57.79 6.90 11.54
C GLN F 178 57.37 6.36 10.20
N LYS F 179 56.11 6.00 10.06
CA LYS F 179 55.48 5.83 8.76
C LYS F 179 54.20 6.63 8.63
N LEU F 180 54.00 7.63 9.49
CA LEU F 180 52.85 8.53 9.41
C LEU F 180 51.54 7.76 9.57
N GLY F 181 51.45 6.95 10.62
CA GLY F 181 50.15 6.30 10.90
C GLY F 181 49.22 7.37 11.41
N GLY F 182 49.58 8.65 11.20
CA GLY F 182 48.78 9.80 11.67
C GLY F 182 47.41 9.86 11.03
N LYS F 183 46.48 9.09 11.59
CA LYS F 183 45.17 8.69 11.01
C LYS F 183 44.66 7.50 11.82
N ILE F 184 44.37 7.73 13.11
CA ILE F 184 43.77 6.66 13.96
C ILE F 184 42.50 6.20 13.22
N PRO F 185 42.10 4.89 13.14
CA PRO F 185 40.86 4.62 12.40
C PRO F 185 39.72 5.48 12.93
N LYS F 186 39.06 6.20 12.01
CA LYS F 186 38.03 7.16 12.41
C LYS F 186 36.80 6.47 12.99
N GLY F 187 36.40 5.36 12.40
CA GLY F 187 35.23 4.68 12.90
C GLY F 187 35.19 3.27 12.39
N VAL F 188 35.02 2.34 13.31
CA VAL F 188 34.80 0.94 13.02
C VAL F 188 33.56 0.49 13.76
N LEU F 189 32.60 -0.02 13.02
CA LEU F 189 31.39 -0.55 13.61
C LEU F 189 31.42 -2.07 13.52
N MET F 190 31.28 -2.72 14.66
CA MET F 190 31.22 -4.17 14.66
C MET F 190 29.92 -4.54 13.95
N VAL F 191 30.04 -5.12 12.77
CA VAL F 191 28.88 -5.41 11.93
C VAL F 191 28.39 -6.84 12.10
N GLY F 192 28.77 -7.50 13.19
CA GLY F 192 28.39 -8.87 13.41
C GLY F 192 26.90 -9.01 13.69
N PRO F 193 26.42 -10.24 13.71
CA PRO F 193 25.04 -10.46 14.10
C PRO F 193 24.84 -10.10 15.56
N PRO F 194 23.67 -9.58 15.91
CA PRO F 194 23.40 -9.29 17.33
C PRO F 194 23.42 -10.57 18.15
N GLY F 195 23.96 -10.46 19.36
CA GLY F 195 23.97 -11.58 20.26
C GLY F 195 25.32 -12.19 20.53
N THR F 196 26.36 -11.83 19.77
CA THR F 196 27.66 -12.47 19.90
C THR F 196 28.73 -11.43 20.17
N GLY F 197 28.77 -10.93 21.39
CA GLY F 197 29.90 -10.12 21.84
C GLY F 197 30.07 -8.79 21.14
N LYS F 198 29.07 -8.34 20.39
CA LYS F 198 29.19 -7.06 19.68
C LYS F 198 29.45 -5.92 20.65
N THR F 199 29.08 -6.11 21.91
CA THR F 199 29.46 -5.13 22.91
C THR F 199 30.51 -5.67 23.87
N LEU F 200 31.24 -6.71 23.48
CA LEU F 200 32.21 -7.22 24.44
C LEU F 200 33.61 -6.82 24.07
N LEU F 201 33.81 -6.46 22.81
CA LEU F 201 35.09 -5.91 22.37
C LEU F 201 35.24 -4.45 22.74
N ALA F 202 34.11 -3.75 22.88
CA ALA F 202 34.15 -2.40 23.46
C ALA F 202 34.50 -2.44 24.95
N LYS F 203 33.92 -3.40 25.68
CA LYS F 203 34.23 -3.52 27.10
C LYS F 203 35.68 -3.91 27.28
N ALA F 204 36.18 -4.79 26.43
CA ALA F 204 37.61 -5.04 26.39
C ALA F 204 38.39 -3.76 26.13
N ILE F 205 37.88 -2.90 25.25
CA ILE F 205 38.58 -1.65 24.92
C ILE F 205 38.69 -0.76 26.15
N ALA F 206 37.60 -0.61 26.89
CA ALA F 206 37.65 0.22 28.10
C ALA F 206 38.62 -0.37 29.12
N GLY F 207 38.58 -1.68 29.30
CA GLY F 207 39.48 -2.29 30.25
C GLY F 207 40.94 -2.11 29.88
N GLU F 208 41.26 -2.31 28.61
CA GLU F 208 42.65 -2.27 28.17
C GLU F 208 43.18 -0.84 28.22
N ALA F 209 44.51 -0.71 28.19
CA ALA F 209 45.30 0.53 28.22
C ALA F 209 45.41 1.14 29.62
N LYS F 210 44.81 0.51 30.63
CA LYS F 210 44.76 1.09 31.98
C LYS F 210 44.27 2.52 31.91
N VAL F 211 43.29 2.76 31.06
CA VAL F 211 42.84 4.10 30.70
C VAL F 211 41.55 4.37 31.45
N PRO F 212 41.49 5.38 32.26
CA PRO F 212 40.40 5.55 33.25
C PRO F 212 39.18 6.27 32.70
N PHE F 213 38.32 5.53 32.01
CA PHE F 213 37.09 6.10 31.46
C PHE F 213 36.14 5.00 31.05
N PHE F 214 34.86 5.20 31.30
CA PHE F 214 33.82 4.34 30.76
C PHE F 214 33.25 4.95 29.48
N THR F 215 32.83 4.10 28.54
CA THR F 215 32.45 4.57 27.22
C THR F 215 31.03 5.14 27.22
N ILE F 216 30.76 6.04 26.27
CA ILE F 216 29.66 7.00 26.39
C ILE F 216 28.30 6.31 26.41
N SER F 217 28.24 5.04 26.05
CA SER F 217 26.98 4.33 26.22
C SER F 217 26.63 4.23 27.70
N GLY F 218 25.51 4.83 28.08
CA GLY F 218 25.07 4.77 29.46
C GLY F 218 25.22 6.06 30.26
N ALA F 230 17.40 16.22 17.14
CA ALA F 230 18.04 15.22 17.99
C ALA F 230 19.54 15.25 17.81
N SER F 231 20.20 16.33 18.25
CA SER F 231 21.65 16.40 18.27
C SER F 231 22.13 17.19 19.47
N ARG F 232 22.48 16.49 20.54
CA ARG F 232 23.34 17.06 21.58
C ARG F 232 24.76 16.52 21.50
N VAL F 233 25.13 15.83 20.43
CA VAL F 233 26.44 15.18 20.37
C VAL F 233 27.55 16.20 20.50
N ARG F 234 27.28 17.44 20.08
CA ARG F 234 28.29 18.48 20.23
C ARG F 234 28.72 18.58 21.67
N ASP F 235 27.81 18.32 22.61
CA ASP F 235 28.23 18.15 23.99
C ASP F 235 29.34 17.13 24.06
N MET F 236 29.16 16.00 23.40
CA MET F 236 30.13 14.93 23.56
C MET F 236 31.47 15.36 23.04
N PHE F 237 31.55 15.82 21.81
CA PHE F 237 32.88 16.09 21.28
C PHE F 237 33.43 17.36 21.88
N GLU F 238 32.60 18.11 22.59
CA GLU F 238 33.15 19.11 23.50
C GLU F 238 33.89 18.44 24.66
N GLN F 239 33.22 17.53 25.37
CA GLN F 239 33.74 17.08 26.66
C GLN F 239 34.98 16.23 26.49
N ALA F 240 35.09 15.50 25.39
CA ALA F 240 36.14 14.48 25.22
C ALA F 240 37.48 15.12 24.86
N LYS F 241 38.08 15.80 25.85
CA LYS F 241 39.41 16.38 25.70
C LYS F 241 40.26 16.28 26.97
N LYS F 242 39.74 15.63 28.02
CA LYS F 242 40.35 15.75 29.35
C LYS F 242 41.37 14.63 29.56
N ALA F 243 42.36 14.58 28.66
CA ALA F 243 43.38 13.54 28.65
C ALA F 243 42.76 12.14 28.60
N ALA F 244 41.76 11.98 27.72
CA ALA F 244 41.01 10.73 27.62
C ALA F 244 41.15 10.13 26.23
N PRO F 245 42.01 9.11 26.05
CA PRO F 245 42.21 8.53 24.72
C PRO F 245 41.32 7.33 24.39
N CYS F 246 40.61 7.40 23.25
CA CYS F 246 40.05 6.23 22.56
C CYS F 246 39.22 5.33 23.48
N ILE F 247 38.33 5.95 24.26
CA ILE F 247 37.59 5.26 25.30
C ILE F 247 36.07 5.42 25.14
N ILE F 248 35.60 5.42 23.88
CA ILE F 248 34.28 5.90 23.48
C ILE F 248 33.46 4.75 22.90
N PHE F 249 32.13 4.81 23.05
CA PHE F 249 31.20 3.90 22.39
C PHE F 249 29.80 4.51 22.27
N ILE F 250 29.11 4.24 21.17
CA ILE F 250 27.84 4.88 20.86
C ILE F 250 26.84 3.86 20.32
N ASP F 251 25.96 3.37 21.19
CA ASP F 251 24.87 2.47 20.82
C ASP F 251 23.62 2.99 21.53
N GLN F 252 23.52 4.32 21.66
CA GLN F 252 22.43 4.90 22.43
C GLN F 252 21.10 4.70 21.75
N ILE F 253 21.00 5.05 20.47
CA ILE F 253 19.81 4.78 19.68
C ILE F 253 20.09 5.02 18.21
N ARG F 271 23.47 16.73 10.07
CA ARG F 271 22.92 15.73 10.97
C ARG F 271 23.47 14.35 10.63
N GLU F 272 24.28 14.28 9.57
CA GLU F 272 24.93 13.05 9.16
C GLU F 272 26.43 13.15 9.05
N GLN F 273 26.98 14.34 8.75
CA GLN F 273 28.42 14.51 8.71
C GLN F 273 28.98 14.81 10.09
N THR F 274 28.13 14.77 11.11
CA THR F 274 28.49 15.30 12.41
C THR F 274 29.70 14.59 13.00
N LEU F 275 29.75 13.28 12.85
CA LEU F 275 30.85 12.50 13.42
C LEU F 275 32.19 12.97 12.87
N ASN F 276 32.29 13.06 11.54
CA ASN F 276 33.55 13.45 10.93
C ASN F 276 33.91 14.88 11.29
N GLN F 277 32.93 15.80 11.27
CA GLN F 277 33.26 17.19 11.56
C GLN F 277 33.83 17.35 12.96
N MET F 278 33.09 16.88 13.98
CA MET F 278 33.57 17.05 15.35
C MET F 278 34.88 16.31 15.57
N LEU F 279 34.99 15.11 14.99
CA LEU F 279 36.19 14.31 15.16
C LEU F 279 37.42 15.05 14.63
N VAL F 280 37.31 15.58 13.42
CA VAL F 280 38.43 16.29 12.84
C VAL F 280 38.81 17.47 13.72
N GLU F 281 37.81 18.27 14.09
CA GLU F 281 38.11 19.48 14.86
C GLU F 281 38.79 19.13 16.18
N MET F 282 38.29 18.11 16.89
CA MET F 282 38.82 17.80 18.20
C MET F 282 40.20 17.15 18.11
N ASP F 283 40.35 16.13 17.27
CA ASP F 283 41.65 15.47 17.18
C ASP F 283 42.71 16.44 16.69
N GLY F 284 42.33 17.43 15.89
CA GLY F 284 43.24 18.53 15.63
C GLY F 284 43.49 19.36 16.88
N PHE F 285 42.46 19.53 17.71
CA PHE F 285 42.57 20.35 18.91
C PHE F 285 42.91 19.54 20.16
N GLU F 286 42.93 18.22 20.08
CA GLU F 286 43.26 17.40 21.24
C GLU F 286 44.76 17.18 21.34
N GLY F 287 45.21 16.85 22.54
CA GLY F 287 46.60 16.50 22.75
C GLY F 287 46.91 15.08 22.34
N ASN F 288 46.71 14.77 21.07
CA ASN F 288 47.05 13.47 20.49
C ASN F 288 46.34 12.33 21.18
N GLU F 289 45.16 12.58 21.74
CA GLU F 289 44.42 11.52 22.41
C GLU F 289 44.01 10.42 21.44
N GLY F 290 43.91 10.74 20.15
CA GLY F 290 43.52 9.76 19.15
C GLY F 290 42.10 9.26 19.32
N ILE F 291 41.17 10.18 19.58
CA ILE F 291 39.80 9.78 19.89
C ILE F 291 39.09 9.31 18.63
N ILE F 292 38.31 8.24 18.78
CA ILE F 292 37.57 7.62 17.69
C ILE F 292 36.21 7.18 18.21
N VAL F 293 35.21 7.20 17.34
CA VAL F 293 33.88 6.73 17.67
C VAL F 293 33.76 5.31 17.16
N ILE F 294 33.52 4.37 18.05
CA ILE F 294 33.26 2.98 17.67
C ILE F 294 31.82 2.67 18.03
N ALA F 295 31.10 2.06 17.10
CA ALA F 295 29.67 1.85 17.26
C ALA F 295 29.32 0.40 16.97
N ALA F 296 28.15 0.00 17.48
CA ALA F 296 27.62 -1.34 17.23
C ALA F 296 26.20 -1.21 16.69
N THR F 297 25.96 -1.85 15.56
CA THR F 297 24.64 -1.81 14.95
C THR F 297 24.34 -3.15 14.30
N ASN F 298 23.05 -3.39 14.09
CA ASN F 298 22.60 -4.52 13.32
C ASN F 298 21.76 -4.06 12.15
N ARG F 309 32.02 4.97 2.62
CA ARG F 309 33.06 5.97 2.44
C ARG F 309 33.84 6.20 3.73
N PRO F 310 35.14 5.89 3.70
CA PRO F 310 35.97 6.14 4.87
C PRO F 310 36.04 7.61 5.22
N GLY F 311 36.22 7.88 6.51
CA GLY F 311 36.17 9.21 7.05
C GLY F 311 35.02 9.44 8.00
N ARG F 312 33.91 8.73 7.82
CA ARG F 312 32.90 8.63 8.86
C ARG F 312 32.86 7.22 9.42
N PHE F 313 33.01 6.19 8.57
CA PHE F 313 33.22 4.82 9.01
C PHE F 313 34.31 4.21 8.14
N ASP F 314 35.56 4.34 8.59
CA ASP F 314 36.69 3.83 7.81
C ASP F 314 36.76 2.31 7.86
N ARG F 315 36.61 1.72 9.04
CA ARG F 315 36.72 0.29 9.23
C ARG F 315 35.36 -0.34 9.51
N GLN F 316 35.26 -1.64 9.21
CA GLN F 316 34.16 -2.49 9.67
C GLN F 316 34.74 -3.82 10.08
N VAL F 317 34.59 -4.17 11.35
CA VAL F 317 35.17 -5.38 11.92
C VAL F 317 34.05 -6.33 12.27
N VAL F 318 34.19 -7.59 11.86
CA VAL F 318 33.14 -8.59 11.99
C VAL F 318 33.32 -9.32 13.31
N VAL F 319 32.25 -9.43 14.08
CA VAL F 319 32.24 -10.17 15.34
C VAL F 319 31.27 -11.33 15.14
N GLY F 320 31.78 -12.47 14.70
CA GLY F 320 30.94 -13.54 14.22
C GLY F 320 30.65 -14.61 15.26
N LEU F 321 29.79 -15.54 14.87
CA LEU F 321 29.38 -16.63 15.74
C LEU F 321 30.54 -17.60 15.95
N PRO F 322 30.63 -18.21 17.14
CA PRO F 322 31.79 -19.03 17.43
C PRO F 322 31.81 -20.26 16.54
N ASP F 323 32.98 -20.53 15.99
CA ASP F 323 33.14 -21.76 15.23
C ASP F 323 33.36 -22.91 16.17
N VAL F 324 33.22 -24.11 15.63
CA VAL F 324 33.19 -25.31 16.46
C VAL F 324 34.48 -25.46 17.25
N ARG F 325 35.57 -24.90 16.75
CA ARG F 325 36.74 -24.83 17.60
C ARG F 325 36.54 -23.86 18.75
N GLY F 326 35.91 -22.71 18.49
CA GLY F 326 35.79 -21.70 19.52
C GLY F 326 34.78 -22.04 20.60
N ARG F 327 33.88 -22.94 20.28
CA ARG F 327 32.93 -23.38 21.29
C ARG F 327 33.67 -23.96 22.47
N GLU F 328 34.72 -24.71 22.20
CA GLU F 328 35.53 -25.26 23.28
C GLU F 328 36.12 -24.16 24.13
N GLN F 329 36.65 -23.11 23.51
CA GLN F 329 37.31 -22.11 24.31
C GLN F 329 36.33 -21.43 25.24
N ILE F 330 35.16 -21.03 24.73
CA ILE F 330 34.23 -20.32 25.61
C ILE F 330 33.75 -21.26 26.71
N LEU F 331 33.47 -22.51 26.36
CA LEU F 331 33.00 -23.45 27.35
C LEU F 331 34.03 -23.64 28.45
N LYS F 332 35.30 -23.79 28.08
CA LYS F 332 36.31 -23.99 29.11
C LYS F 332 36.48 -22.71 29.93
N VAL F 333 36.25 -21.54 29.34
CA VAL F 333 36.37 -20.34 30.14
C VAL F 333 35.34 -20.33 31.25
N HIS F 334 34.07 -20.48 30.90
CA HIS F 334 33.06 -20.39 31.95
C HIS F 334 33.01 -21.62 32.84
N MET F 335 33.77 -22.65 32.53
CA MET F 335 33.60 -23.91 33.22
C MET F 335 34.51 -24.04 34.42
N ARG F 336 35.15 -22.96 34.84
CA ARG F 336 36.02 -23.04 36.00
C ARG F 336 35.23 -23.28 37.29
N ARG F 337 34.06 -22.66 37.42
CA ARG F 337 33.45 -22.52 38.75
C ARG F 337 33.00 -23.85 39.30
N VAL F 338 32.41 -24.70 38.49
CA VAL F 338 31.78 -25.91 39.00
C VAL F 338 32.82 -26.96 39.36
N PRO F 339 32.44 -28.08 40.00
CA PRO F 339 33.25 -29.29 39.92
C PRO F 339 33.05 -29.95 38.57
N LEU F 340 33.89 -30.94 38.28
CA LEU F 340 33.78 -31.71 37.05
C LEU F 340 33.61 -33.18 37.37
N ALA F 341 32.65 -33.80 36.73
CA ALA F 341 32.54 -35.24 36.71
C ALA F 341 33.57 -35.81 35.75
N PRO F 342 33.90 -37.10 35.87
CA PRO F 342 35.09 -37.59 35.17
C PRO F 342 34.97 -37.56 33.66
N ASP F 343 33.83 -37.96 33.11
CA ASP F 343 33.74 -38.30 31.69
C ASP F 343 33.09 -37.20 30.85
N ILE F 344 33.15 -35.95 31.30
CA ILE F 344 32.58 -34.86 30.52
C ILE F 344 33.45 -34.57 29.32
N ASP F 345 32.85 -34.51 28.15
CA ASP F 345 33.54 -34.17 26.91
C ASP F 345 32.97 -32.87 26.36
N ALA F 346 33.84 -31.90 26.15
CA ALA F 346 33.38 -30.57 25.79
C ALA F 346 32.87 -30.54 24.37
N ALA F 347 33.59 -31.18 23.45
CA ALA F 347 33.28 -30.99 22.04
C ALA F 347 31.89 -31.52 21.70
N ILE F 348 31.45 -32.58 22.38
CA ILE F 348 30.14 -33.12 22.06
C ILE F 348 29.07 -32.10 22.39
N ILE F 349 29.22 -31.42 23.51
CA ILE F 349 28.30 -30.32 23.82
C ILE F 349 28.48 -29.20 22.82
N ALA F 350 29.70 -29.02 22.33
CA ALA F 350 29.96 -27.95 21.39
C ALA F 350 29.16 -28.14 20.12
N ARG F 351 29.23 -29.33 19.54
CA ARG F 351 28.55 -29.57 18.29
C ARG F 351 27.05 -29.48 18.46
N GLY F 352 26.57 -29.70 19.67
CA GLY F 352 25.14 -29.68 19.93
C GLY F 352 24.51 -28.31 19.79
N THR F 353 25.32 -27.26 19.85
CA THR F 353 24.79 -25.91 19.81
C THR F 353 25.22 -25.16 18.55
N PRO F 354 24.64 -25.46 17.40
CA PRO F 354 25.14 -24.90 16.16
C PRO F 354 24.66 -23.48 15.96
N GLY F 355 25.38 -22.53 16.53
CA GLY F 355 25.07 -21.14 16.35
C GLY F 355 24.69 -20.42 17.61
N PHE F 356 24.72 -21.11 18.74
CA PHE F 356 24.54 -20.43 20.00
C PHE F 356 25.71 -19.48 20.22
N SER F 357 25.41 -18.23 20.52
CA SER F 357 26.46 -17.26 20.75
C SER F 357 26.88 -17.35 22.21
N GLY F 358 27.89 -16.58 22.59
CA GLY F 358 28.56 -16.81 23.86
C GLY F 358 27.61 -16.80 25.04
N ALA F 359 26.58 -15.99 24.97
CA ALA F 359 25.61 -15.96 26.05
C ALA F 359 24.95 -17.31 26.20
N ASP F 360 24.60 -17.93 25.08
CA ASP F 360 23.93 -19.22 25.12
C ASP F 360 24.79 -20.29 25.76
N LEU F 361 26.07 -20.35 25.40
CA LEU F 361 26.92 -21.32 26.06
C LEU F 361 27.04 -21.00 27.54
N ALA F 362 27.17 -19.73 27.88
CA ALA F 362 27.43 -19.38 29.26
C ALA F 362 26.28 -19.83 30.14
N ASN F 363 25.07 -19.52 29.75
CA ASN F 363 23.99 -19.91 30.64
C ASN F 363 23.63 -21.38 30.45
N LEU F 364 24.09 -22.01 29.38
CA LEU F 364 23.99 -23.46 29.35
C LEU F 364 24.75 -24.05 30.51
N VAL F 365 25.96 -23.56 30.74
CA VAL F 365 26.68 -24.01 31.93
C VAL F 365 25.93 -23.64 33.19
N ASN F 366 25.42 -22.42 33.23
CA ASN F 366 24.69 -21.99 34.43
C ASN F 366 23.58 -22.95 34.75
N GLU F 367 22.74 -23.24 33.76
CA GLU F 367 21.59 -24.08 34.02
C GLU F 367 22.01 -25.50 34.28
N ALA F 368 23.18 -25.90 33.79
CA ALA F 368 23.70 -27.18 34.23
C ALA F 368 23.86 -27.18 35.74
N ALA F 369 24.43 -26.11 36.27
CA ALA F 369 24.63 -26.06 37.71
C ALA F 369 23.29 -26.10 38.45
N LEU F 370 22.38 -25.24 38.03
CA LEU F 370 21.08 -25.22 38.67
C LEU F 370 20.42 -26.58 38.60
N PHE F 371 20.43 -27.19 37.43
CA PHE F 371 19.73 -28.44 37.24
C PHE F 371 20.29 -29.51 38.16
N ALA F 372 21.61 -29.52 38.34
CA ALA F 372 22.15 -30.47 39.30
C ALA F 372 21.64 -30.17 40.68
N ALA F 373 21.54 -28.88 41.03
CA ALA F 373 21.19 -28.52 42.41
C ALA F 373 19.82 -29.05 42.82
N ARG F 374 18.89 -29.12 41.88
CA ARG F 374 17.51 -29.46 42.25
C ARG F 374 17.44 -30.87 42.80
N GLY F 375 18.06 -31.84 42.12
CA GLY F 375 18.13 -33.18 42.69
C GLY F 375 19.15 -33.24 43.81
N ASN F 376 20.04 -32.25 43.88
CA ASN F 376 21.09 -32.19 44.88
C ASN F 376 22.07 -33.34 44.73
N LYS F 377 22.75 -33.38 43.60
CA LYS F 377 23.82 -34.33 43.39
C LYS F 377 25.18 -33.70 43.70
N ARG F 378 26.17 -34.54 43.95
CA ARG F 378 27.45 -34.05 44.40
C ARG F 378 28.19 -33.30 43.29
N VAL F 379 28.29 -33.89 42.11
CA VAL F 379 29.00 -33.31 40.97
C VAL F 379 28.16 -33.46 39.72
N VAL F 380 28.41 -32.57 38.76
CA VAL F 380 27.57 -32.46 37.57
C VAL F 380 28.23 -33.24 36.45
N SER F 381 27.61 -34.35 36.06
CA SER F 381 28.06 -35.03 34.87
C SER F 381 27.44 -34.38 33.64
N MET F 382 27.69 -34.99 32.48
CA MET F 382 27.05 -34.50 31.26
C MET F 382 25.63 -35.02 31.12
N VAL F 383 25.23 -35.99 31.95
CA VAL F 383 23.90 -36.55 31.81
C VAL F 383 22.86 -35.46 31.95
N GLU F 384 23.01 -34.59 32.93
CA GLU F 384 22.14 -33.45 33.03
C GLU F 384 22.48 -32.39 32.01
N PHE F 385 23.70 -32.37 31.51
CA PHE F 385 24.05 -31.38 30.51
C PHE F 385 23.18 -31.54 29.30
N GLU F 386 22.93 -32.79 28.89
CA GLU F 386 21.98 -33.03 27.82
C GLU F 386 20.62 -32.47 28.19
N LYS F 387 20.25 -32.59 29.46
CA LYS F 387 18.95 -32.07 29.86
C LYS F 387 18.90 -30.58 29.71
N ALA F 388 19.97 -29.90 30.06
CA ALA F 388 19.99 -28.46 29.95
C ALA F 388 19.91 -28.04 28.50
N LYS F 389 20.68 -28.70 27.64
CA LYS F 389 20.62 -28.41 26.22
C LYS F 389 19.21 -28.61 25.70
N ASP F 390 18.57 -29.70 26.08
CA ASP F 390 17.24 -29.97 25.60
C ASP F 390 16.22 -28.98 26.11
N LYS F 391 16.34 -28.57 27.36
CA LYS F 391 15.42 -27.57 27.89
C LYS F 391 15.58 -26.24 27.16
N ILE F 392 16.79 -25.93 26.73
CA ILE F 392 17.02 -24.67 26.05
C ILE F 392 16.54 -24.73 24.61
N MET F 393 17.08 -25.68 23.84
CA MET F 393 16.82 -25.74 22.41
C MET F 393 15.34 -25.89 22.12
N MET F 394 14.67 -26.80 22.82
CA MET F 394 13.24 -27.00 22.70
C MET F 394 12.64 -26.87 24.08
N GLY F 395 11.31 -26.88 24.14
CA GLY F 395 10.64 -26.71 25.40
C GLY F 395 11.08 -27.75 26.42
N ALA F 396 10.95 -27.40 27.68
CA ALA F 396 11.29 -28.34 28.73
C ALA F 396 10.33 -29.51 28.69
N GLU F 397 10.77 -30.62 29.26
CA GLU F 397 9.93 -31.82 29.27
C GLU F 397 8.62 -31.52 29.96
N ARG F 398 7.54 -31.90 29.31
CA ARG F 398 6.20 -31.72 29.84
C ARG F 398 5.61 -33.09 30.02
N ARG F 399 5.91 -33.71 31.15
CA ARG F 399 5.47 -35.07 31.40
C ARG F 399 4.10 -35.11 32.03
N SER F 400 3.58 -33.96 32.44
CA SER F 400 2.30 -33.93 33.10
C SER F 400 1.19 -34.41 32.18
N MET F 401 1.39 -34.28 30.87
CA MET F 401 0.38 -34.70 29.92
C MET F 401 0.13 -36.18 30.05
N VAL F 402 -1.12 -36.56 29.88
CA VAL F 402 -1.51 -37.96 29.86
C VAL F 402 -1.94 -38.25 28.43
N MET F 403 -1.33 -39.26 27.83
CA MET F 403 -1.73 -39.73 26.52
C MET F 403 -2.14 -41.18 26.63
N THR F 404 -3.17 -41.56 25.88
CA THR F 404 -3.69 -42.92 25.99
C THR F 404 -2.61 -43.93 25.64
N GLU F 405 -2.90 -45.20 25.87
CA GLU F 405 -1.95 -46.22 25.49
C GLU F 405 -1.77 -46.29 23.98
N ALA F 406 -2.88 -46.25 23.23
CA ALA F 406 -2.79 -46.41 21.78
C ALA F 406 -2.16 -45.21 21.12
N GLN F 407 -2.04 -44.11 21.83
CA GLN F 407 -1.38 -42.95 21.25
C GLN F 407 0.13 -43.01 21.44
N LYS F 408 0.58 -43.62 22.52
CA LYS F 408 2.02 -43.80 22.71
C LYS F 408 2.59 -44.73 21.68
N GLU F 409 1.82 -45.71 21.22
CA GLU F 409 2.32 -46.62 20.20
C GLU F 409 2.45 -45.93 18.86
N SER F 410 1.54 -45.00 18.56
CA SER F 410 1.58 -44.33 17.27
C SER F 410 2.84 -43.50 17.11
N THR F 411 3.16 -42.68 18.11
CA THR F 411 4.38 -41.87 18.02
C THR F 411 5.61 -42.75 18.01
N ALA F 412 5.55 -43.88 18.69
CA ALA F 412 6.73 -44.72 18.81
C ALA F 412 7.20 -45.20 17.46
N TYR F 413 6.27 -45.46 16.55
CA TYR F 413 6.66 -45.86 15.20
C TYR F 413 7.21 -44.69 14.39
N HIS F 414 6.53 -43.54 14.43
CA HIS F 414 6.94 -42.40 13.61
C HIS F 414 8.36 -41.96 13.94
N GLN F 415 8.70 -41.91 15.22
CA GLN F 415 10.05 -41.50 15.57
C GLN F 415 11.06 -42.56 15.17
N ALA F 416 10.71 -43.83 15.29
CA ALA F 416 11.47 -44.81 14.55
C ALA F 416 11.16 -44.63 13.08
N GLY F 417 11.79 -45.37 12.21
CA GLY F 417 11.50 -44.94 10.85
C GLY F 417 12.22 -43.67 10.48
N HIS F 418 12.06 -42.60 11.26
CA HIS F 418 13.00 -41.48 11.17
C HIS F 418 14.40 -41.96 11.48
N ALA F 419 14.54 -42.89 12.42
CA ALA F 419 15.86 -43.34 12.83
C ALA F 419 16.39 -44.43 11.92
N ILE F 420 15.52 -45.28 11.40
CA ILE F 420 15.98 -46.36 10.56
C ILE F 420 16.51 -45.83 9.23
N ILE F 421 15.76 -44.92 8.61
CA ILE F 421 16.17 -44.39 7.32
C ILE F 421 17.31 -43.41 7.48
N GLY F 422 17.45 -42.82 8.65
CA GLY F 422 18.57 -41.92 8.88
C GLY F 422 19.91 -42.61 8.75
N ARG F 423 19.96 -43.91 9.02
CA ARG F 423 21.24 -44.61 9.01
C ARG F 423 21.52 -45.28 7.68
N LEU F 424 20.54 -45.97 7.11
CA LEU F 424 20.81 -46.77 5.93
C LEU F 424 21.05 -45.92 4.69
N VAL F 425 20.71 -44.64 4.73
CA VAL F 425 20.88 -43.71 3.63
C VAL F 425 22.25 -43.04 3.68
N PRO F 426 22.91 -42.76 2.54
CA PRO F 426 24.31 -42.32 2.57
C PRO F 426 24.51 -40.88 2.97
N GLU F 427 25.63 -40.63 3.65
CA GLU F 427 26.13 -39.30 3.96
C GLU F 427 25.11 -38.45 4.70
N HIS F 428 24.84 -38.84 5.93
CA HIS F 428 23.90 -38.14 6.77
C HIS F 428 24.57 -37.75 8.08
N ASP F 429 24.06 -36.71 8.71
CA ASP F 429 24.41 -36.44 10.09
C ASP F 429 23.93 -37.61 10.96
N PRO F 430 24.77 -38.15 11.83
CA PRO F 430 24.39 -39.34 12.56
C PRO F 430 23.36 -39.06 13.64
N VAL F 431 22.68 -40.12 14.07
CA VAL F 431 21.61 -40.00 15.06
C VAL F 431 22.20 -39.94 16.45
N HIS F 432 21.65 -39.06 17.28
CA HIS F 432 22.11 -38.94 18.66
C HIS F 432 21.13 -39.55 19.65
N LYS F 433 19.87 -39.11 19.66
CA LYS F 433 18.93 -39.56 20.68
C LYS F 433 17.53 -39.55 20.09
N VAL F 434 16.70 -40.52 20.46
CA VAL F 434 15.35 -40.64 19.96
C VAL F 434 14.40 -40.81 21.14
N THR F 435 13.34 -40.01 21.19
CA THR F 435 12.56 -39.87 22.42
C THR F 435 11.08 -39.70 22.16
N ILE F 436 10.29 -39.91 23.21
CA ILE F 436 8.83 -39.92 23.12
C ILE F 436 8.16 -38.91 24.04
N ILE F 437 8.74 -38.60 25.19
CA ILE F 437 8.07 -37.71 26.14
C ILE F 437 7.94 -36.32 25.53
N PRO F 438 6.76 -35.72 25.54
CA PRO F 438 6.52 -34.49 24.78
C PRO F 438 7.24 -33.30 25.38
N ARG F 439 7.75 -32.43 24.53
CA ARG F 439 8.47 -31.22 24.93
C ARG F 439 8.12 -30.13 23.95
N GLY F 440 7.16 -29.29 24.31
CA GLY F 440 6.74 -28.22 23.44
C GLY F 440 5.45 -28.58 22.73
N ARG F 441 5.48 -28.57 21.41
CA ARG F 441 4.30 -28.92 20.63
C ARG F 441 4.48 -30.22 19.89
N ALA F 442 5.58 -30.92 20.10
CA ALA F 442 5.92 -32.11 19.32
C ALA F 442 5.94 -33.31 20.25
N LEU F 443 5.32 -34.40 19.81
CA LEU F 443 5.31 -35.58 20.63
C LEU F 443 6.68 -36.22 20.69
N GLY F 444 7.38 -36.29 19.57
CA GLY F 444 8.68 -36.92 19.54
C GLY F 444 9.66 -36.07 18.77
N VAL F 445 10.92 -36.17 19.16
CA VAL F 445 11.99 -35.47 18.48
C VAL F 445 13.14 -36.43 18.24
N THR F 446 13.72 -36.38 17.06
CA THR F 446 14.92 -37.13 16.75
C THR F 446 16.05 -36.16 16.47
N PHE F 447 17.17 -36.35 17.16
CA PHE F 447 18.29 -35.43 17.14
C PHE F 447 19.39 -35.95 16.23
N PHE F 448 20.13 -35.04 15.63
CA PHE F 448 21.31 -35.38 14.86
C PHE F 448 22.46 -34.50 15.32
N LEU F 449 23.68 -34.94 15.05
CA LEU F 449 24.87 -34.16 15.36
C LEU F 449 25.59 -33.76 14.09
N PRO F 450 25.82 -32.47 13.85
CA PRO F 450 26.44 -32.08 12.58
C PRO F 450 27.80 -32.71 12.30
N GLU F 451 28.55 -33.11 13.32
CA GLU F 451 29.83 -33.82 13.11
C GLU F 451 30.83 -32.97 12.35
N GLY F 452 30.78 -31.67 12.57
CA GLY F 452 31.65 -30.73 11.89
C GLY F 452 30.85 -29.51 11.50
N ASP F 453 31.57 -28.44 11.18
CA ASP F 453 30.89 -27.20 10.82
C ASP F 453 30.28 -27.32 9.43
N ALA F 454 29.15 -26.66 9.24
CA ALA F 454 28.40 -26.74 7.98
C ALA F 454 28.99 -25.73 7.00
N ILE F 455 29.99 -26.18 6.24
CA ILE F 455 30.60 -25.31 5.24
C ILE F 455 29.68 -25.18 4.03
N SER F 456 29.50 -26.27 3.30
CA SER F 456 28.57 -26.31 2.18
C SER F 456 28.23 -27.78 1.97
N ALA F 457 27.10 -28.00 1.32
CA ALA F 457 26.55 -29.34 1.21
C ALA F 457 26.55 -29.78 -0.23
N SER F 458 26.31 -31.06 -0.44
CA SER F 458 26.39 -31.63 -1.76
C SER F 458 25.09 -32.35 -2.09
N ARG F 459 24.98 -32.76 -3.34
CA ARG F 459 23.72 -33.31 -3.82
C ARG F 459 23.35 -34.58 -3.09
N GLN F 460 24.31 -35.48 -2.89
CA GLN F 460 24.01 -36.74 -2.25
C GLN F 460 23.43 -36.51 -0.85
N LYS F 461 24.01 -35.56 -0.12
CA LYS F 461 23.55 -35.29 1.23
C LYS F 461 22.14 -34.70 1.24
N LEU F 462 21.86 -33.76 0.33
CA LEU F 462 20.53 -33.17 0.29
C LEU F 462 19.47 -34.19 -0.07
N GLU F 463 19.79 -35.09 -0.99
CA GLU F 463 18.82 -36.14 -1.32
C GLU F 463 18.61 -37.07 -0.12
N SER F 464 19.66 -37.34 0.62
CA SER F 464 19.49 -38.12 1.84
C SER F 464 18.52 -37.45 2.79
N GLN F 465 18.61 -36.14 2.94
CA GLN F 465 17.68 -35.47 3.84
C GLN F 465 16.25 -35.59 3.36
N ILE F 466 16.02 -35.27 2.08
CA ILE F 466 14.66 -35.37 1.54
C ILE F 466 14.09 -36.75 1.81
N SER F 467 14.93 -37.78 1.70
CA SER F 467 14.41 -39.11 1.96
C SER F 467 14.09 -39.33 3.42
N THR F 468 15.01 -38.97 4.32
CA THR F 468 14.84 -39.31 5.72
C THR F 468 13.63 -38.62 6.33
N LEU F 469 13.27 -37.46 5.81
CA LEU F 469 12.15 -36.75 6.42
C LEU F 469 10.86 -37.53 6.29
N TYR F 470 10.61 -38.13 5.15
CA TYR F 470 9.39 -38.88 4.93
C TYR F 470 9.42 -40.26 5.55
N GLY F 471 10.30 -40.50 6.51
CA GLY F 471 10.32 -41.81 7.13
C GLY F 471 9.07 -42.08 7.94
N GLY F 472 8.60 -41.09 8.68
CA GLY F 472 7.56 -41.34 9.64
C GLY F 472 6.22 -41.69 9.02
N ARG F 473 5.81 -40.90 8.02
CA ARG F 473 4.53 -41.14 7.39
C ARG F 473 4.47 -42.53 6.79
N LEU F 474 5.57 -43.00 6.22
CA LEU F 474 5.60 -44.34 5.67
C LEU F 474 5.54 -45.39 6.75
N ALA F 475 6.17 -45.15 7.89
CA ALA F 475 6.07 -46.11 8.98
C ALA F 475 4.63 -46.25 9.44
N GLU F 476 3.94 -45.13 9.61
CA GLU F 476 2.54 -45.17 9.96
C GLU F 476 1.74 -45.92 8.92
N GLU F 477 1.96 -45.61 7.65
CA GLU F 477 1.12 -46.17 6.61
C GLU F 477 1.29 -47.67 6.49
N ILE F 478 2.52 -48.17 6.53
CA ILE F 478 2.70 -49.61 6.47
C ILE F 478 2.10 -50.28 7.70
N ILE F 479 2.35 -49.73 8.88
CA ILE F 479 2.00 -50.47 10.09
C ILE F 479 0.50 -50.48 10.32
N TYR F 480 -0.15 -49.32 10.29
CA TYR F 480 -1.56 -49.27 10.66
C TYR F 480 -2.48 -49.46 9.47
N GLY F 481 -2.21 -48.77 8.37
CA GLY F 481 -3.04 -48.85 7.19
C GLY F 481 -3.00 -47.56 6.41
N PRO F 482 -3.51 -47.58 5.18
CA PRO F 482 -3.45 -46.39 4.32
C PRO F 482 -4.49 -45.35 4.64
N GLU F 483 -5.38 -45.61 5.60
CA GLU F 483 -6.40 -44.65 6.00
C GLU F 483 -6.42 -44.39 7.49
N HIS F 484 -5.40 -44.78 8.23
CA HIS F 484 -5.25 -44.34 9.61
C HIS F 484 -4.07 -43.40 9.77
N VAL F 485 -3.56 -42.85 8.67
CA VAL F 485 -2.52 -41.84 8.76
C VAL F 485 -3.12 -40.55 9.29
N SER F 486 -2.27 -39.58 9.60
CA SER F 486 -2.70 -38.42 10.35
C SER F 486 -2.02 -37.17 9.84
N THR F 487 -2.41 -36.04 10.41
CA THR F 487 -1.80 -34.76 10.09
C THR F 487 -0.56 -34.50 10.90
N GLY F 488 0.11 -35.55 11.39
CA GLY F 488 1.36 -35.35 12.09
C GLY F 488 2.53 -35.05 11.17
N ALA F 489 2.47 -35.52 9.94
CA ALA F 489 3.52 -35.22 8.98
C ALA F 489 3.35 -33.85 8.36
N SER F 490 2.57 -32.97 8.97
CA SER F 490 2.32 -31.67 8.38
C SER F 490 3.59 -30.84 8.33
N ASN F 491 4.37 -30.87 9.40
CA ASN F 491 5.57 -30.06 9.43
C ASN F 491 6.75 -30.78 8.79
N ASP F 492 6.68 -32.10 8.66
CA ASP F 492 7.69 -32.80 7.91
C ASP F 492 7.54 -32.55 6.42
N ILE F 493 6.32 -32.44 5.93
CA ILE F 493 6.10 -32.19 4.51
C ILE F 493 6.66 -30.84 4.10
N LYS F 494 6.39 -29.81 4.89
CA LYS F 494 6.70 -28.46 4.47
C LYS F 494 8.18 -28.26 4.22
N VAL F 495 9.01 -28.66 5.19
CA VAL F 495 10.45 -28.49 5.02
C VAL F 495 10.94 -29.28 3.83
N ALA F 496 10.29 -30.40 3.55
CA ALA F 496 10.70 -31.20 2.41
C ALA F 496 10.43 -30.46 1.12
N THR F 497 9.27 -29.84 0.99
CA THR F 497 8.92 -29.18 -0.26
C THR F 497 9.71 -27.90 -0.41
N ASN F 498 10.18 -27.33 0.69
CA ASN F 498 11.08 -26.19 0.56
C ASN F 498 12.44 -26.62 0.09
N LEU F 499 12.98 -27.68 0.67
CA LEU F 499 14.31 -28.10 0.30
C LEU F 499 14.35 -28.58 -1.14
N ALA F 500 13.28 -29.23 -1.58
CA ALA F 500 13.23 -29.72 -2.95
C ALA F 500 12.97 -28.60 -3.94
N ARG F 501 12.34 -27.53 -3.51
CA ARG F 501 12.03 -26.43 -4.42
C ARG F 501 13.24 -25.58 -4.67
N ASN F 502 14.10 -25.45 -3.67
CA ASN F 502 15.32 -24.66 -3.80
C ASN F 502 16.28 -25.30 -4.77
N MET F 503 16.39 -26.62 -4.75
CA MET F 503 17.37 -27.29 -5.58
C MET F 503 17.10 -27.07 -7.05
N VAL F 504 15.85 -27.21 -7.47
CA VAL F 504 15.52 -27.01 -8.88
C VAL F 504 15.58 -25.52 -9.24
N THR F 505 15.23 -24.64 -8.33
CA THR F 505 15.06 -23.25 -8.71
C THR F 505 16.34 -22.44 -8.54
N GLN F 506 17.12 -22.67 -7.49
CA GLN F 506 18.23 -21.78 -7.19
C GLN F 506 19.60 -22.36 -7.40
N TRP F 507 19.79 -23.64 -7.17
CA TRP F 507 21.11 -24.24 -6.99
C TRP F 507 21.53 -25.12 -8.15
N GLY F 508 21.07 -24.85 -9.36
CA GLY F 508 21.36 -25.79 -10.42
C GLY F 508 20.60 -27.09 -10.19
N PHE F 509 21.34 -28.19 -10.16
CA PHE F 509 20.90 -29.51 -9.70
C PHE F 509 19.70 -30.07 -10.43
N SER F 510 19.44 -29.67 -11.67
CA SER F 510 18.44 -30.33 -12.48
C SER F 510 18.91 -30.38 -13.91
N GLU F 511 18.71 -31.51 -14.57
CA GLU F 511 19.24 -31.68 -15.91
C GLU F 511 18.43 -30.92 -16.95
N LYS F 512 17.11 -30.99 -16.86
CA LYS F 512 16.26 -30.46 -17.92
C LYS F 512 16.31 -28.94 -17.98
N LEU F 513 16.12 -28.27 -16.87
CA LEU F 513 16.08 -26.81 -16.90
C LEU F 513 17.46 -26.22 -17.04
N GLY F 514 18.44 -26.75 -16.33
CA GLY F 514 19.80 -26.29 -16.47
C GLY F 514 20.24 -25.35 -15.38
N PRO F 515 21.48 -24.89 -15.47
CA PRO F 515 22.03 -23.98 -14.45
C PRO F 515 21.54 -22.56 -14.57
N LEU F 516 20.38 -22.25 -13.99
CA LEU F 516 19.87 -20.90 -14.07
C LEU F 516 19.12 -20.58 -12.79
N LEU F 517 18.98 -19.30 -12.52
CA LEU F 517 18.20 -18.82 -11.38
C LEU F 517 16.80 -18.49 -11.84
N TYR F 518 15.82 -19.22 -11.34
CA TYR F 518 14.42 -18.99 -11.65
C TYR F 518 13.67 -18.30 -10.54
N ALA F 519 14.23 -18.21 -9.35
CA ALA F 519 13.52 -17.59 -8.25
C ALA F 519 13.22 -16.14 -8.57
N HIS F 536 7.18 -11.97 -15.15
CA HIS F 536 8.15 -12.83 -14.52
C HIS F 536 8.58 -13.92 -15.47
N MET F 537 7.79 -14.98 -15.56
CA MET F 537 8.09 -16.05 -16.49
C MET F 537 6.82 -16.60 -17.09
N SER F 538 6.99 -17.30 -18.19
CA SER F 538 5.86 -17.81 -18.96
C SER F 538 5.17 -18.91 -18.20
N ASP F 539 3.98 -19.28 -18.68
CA ASP F 539 3.22 -20.33 -18.02
C ASP F 539 3.78 -21.71 -18.34
N GLU F 540 4.34 -21.89 -19.53
CA GLU F 540 4.96 -23.17 -19.82
C GLU F 540 6.12 -23.44 -18.88
N THR F 541 6.94 -22.43 -18.62
CA THR F 541 8.04 -22.62 -17.69
C THR F 541 7.53 -22.98 -16.30
N ALA F 542 6.43 -22.40 -15.88
CA ALA F 542 5.90 -22.72 -14.57
C ALA F 542 5.50 -24.19 -14.48
N ARG F 543 5.03 -24.76 -15.58
CA ARG F 543 4.67 -26.18 -15.58
C ARG F 543 5.90 -27.07 -15.45
N ILE F 544 6.99 -26.74 -16.14
CA ILE F 544 8.16 -27.61 -16.09
C ILE F 544 8.69 -27.72 -14.67
N ILE F 545 8.70 -26.63 -13.94
CA ILE F 545 9.31 -26.67 -12.61
C ILE F 545 8.52 -27.59 -11.70
N ASP F 546 7.18 -27.57 -11.80
CA ASP F 546 6.39 -28.45 -10.96
C ASP F 546 6.56 -29.90 -11.35
N GLN F 547 6.58 -30.18 -12.65
CA GLN F 547 6.93 -31.54 -13.05
C GLN F 547 8.24 -31.96 -12.40
N GLU F 548 9.23 -31.08 -12.39
CA GLU F 548 10.54 -31.47 -11.89
C GLU F 548 10.53 -31.70 -10.38
N VAL F 549 9.96 -30.78 -9.62
CA VAL F 549 9.87 -30.95 -8.18
C VAL F 549 9.12 -32.22 -7.84
N LYS F 550 8.04 -32.49 -8.56
CA LYS F 550 7.27 -33.68 -8.26
C LYS F 550 8.07 -34.93 -8.52
N ALA F 551 8.79 -34.98 -9.63
CA ALA F 551 9.57 -36.17 -9.94
C ALA F 551 10.61 -36.41 -8.87
N LEU F 552 11.26 -35.35 -8.40
CA LEU F 552 12.28 -35.49 -7.37
C LEU F 552 11.72 -36.07 -6.09
N ILE F 553 10.64 -35.47 -5.58
CA ILE F 553 10.04 -35.99 -4.36
C ILE F 553 9.62 -37.44 -4.54
N GLU F 554 9.10 -37.78 -5.72
CA GLU F 554 8.62 -39.14 -5.96
C GLU F 554 9.75 -40.15 -5.90
N ARG F 555 10.88 -39.82 -6.52
CA ARG F 555 11.99 -40.76 -6.54
C ARG F 555 12.50 -41.05 -5.15
N ASN F 556 12.70 -40.01 -4.35
CA ASN F 556 13.23 -40.29 -3.02
C ASN F 556 12.20 -40.97 -2.11
N TYR F 557 10.92 -40.66 -2.30
CA TYR F 557 9.86 -41.32 -1.53
C TYR F 557 9.85 -42.81 -1.79
N ASN F 558 9.96 -43.18 -3.06
CA ASN F 558 9.96 -44.59 -3.37
C ASN F 558 11.17 -45.28 -2.77
N ARG F 559 12.33 -44.62 -2.81
CA ARG F 559 13.47 -45.23 -2.13
C ARG F 559 13.20 -45.42 -0.66
N ALA F 560 12.56 -44.43 -0.02
CA ALA F 560 12.34 -44.53 1.41
C ALA F 560 11.44 -45.70 1.74
N ARG F 561 10.42 -45.92 0.93
CA ARG F 561 9.54 -47.06 1.15
C ARG F 561 10.30 -48.35 0.99
N GLN F 562 11.03 -48.51 -0.10
CA GLN F 562 11.66 -49.80 -0.35
C GLN F 562 12.68 -50.15 0.72
N LEU F 563 13.29 -49.14 1.33
CA LEU F 563 14.28 -49.39 2.38
C LEU F 563 13.62 -49.95 3.62
N LEU F 564 12.47 -49.40 3.99
CA LEU F 564 11.86 -49.72 5.26
C LEU F 564 11.23 -51.10 5.24
N THR F 565 10.54 -51.44 4.15
CA THR F 565 9.86 -52.71 4.08
C THR F 565 10.84 -53.87 4.24
N ASP F 566 12.02 -53.75 3.64
CA ASP F 566 12.97 -54.85 3.74
C ASP F 566 13.45 -55.05 5.18
N ASN F 567 13.60 -53.97 5.93
CA ASN F 567 14.00 -54.06 7.33
C ASN F 567 12.81 -53.89 8.26
N MET F 568 11.89 -54.85 8.19
CA MET F 568 10.67 -54.74 9.00
C MET F 568 10.94 -55.09 10.45
N ASP F 569 11.82 -56.06 10.70
CA ASP F 569 12.03 -56.49 12.07
C ASP F 569 12.65 -55.40 12.92
N ILE F 570 13.58 -54.65 12.35
CA ILE F 570 14.21 -53.58 13.11
C ILE F 570 13.16 -52.61 13.61
N LEU F 571 12.16 -52.32 12.79
CA LEU F 571 11.16 -51.33 13.19
C LEU F 571 10.37 -51.80 14.40
N HIS F 572 9.97 -53.06 14.41
CA HIS F 572 9.29 -53.60 15.58
C HIS F 572 10.22 -53.64 16.77
N ALA F 573 11.39 -54.21 16.61
CA ALA F 573 12.31 -54.33 17.74
C ALA F 573 12.61 -52.98 18.32
N MET F 574 12.68 -51.95 17.50
CA MET F 574 12.96 -50.63 18.04
C MET F 574 11.70 -50.00 18.61
N LYS F 575 10.53 -50.44 18.15
CA LYS F 575 9.31 -49.95 18.77
C LYS F 575 9.22 -50.41 20.22
N ASP F 576 9.63 -51.64 20.50
CA ASP F 576 9.56 -52.15 21.86
C ASP F 576 10.42 -51.35 22.80
N ALA F 577 11.65 -51.04 22.38
CA ALA F 577 12.56 -50.36 23.29
C ALA F 577 12.04 -49.00 23.68
N LEU F 578 11.53 -48.23 22.71
CA LEU F 578 11.01 -46.91 23.02
C LEU F 578 9.92 -46.99 24.05
N MET F 579 9.09 -48.02 23.98
CA MET F 579 7.99 -48.14 24.92
C MET F 579 8.50 -48.57 26.29
N LYS F 580 9.45 -49.47 26.34
CA LYS F 580 9.99 -49.90 27.62
C LYS F 580 10.71 -48.77 28.31
N TYR F 581 11.85 -48.36 27.79
CA TYR F 581 12.55 -47.19 28.27
C TYR F 581 12.21 -46.02 27.35
N GLU F 582 11.80 -44.90 27.94
CA GLU F 582 11.23 -43.83 27.15
C GLU F 582 12.23 -43.19 26.21
N THR F 583 13.51 -43.47 26.38
CA THR F 583 14.54 -42.80 25.60
C THR F 583 15.69 -43.73 25.28
N ILE F 584 16.22 -43.62 24.07
CA ILE F 584 17.29 -44.46 23.58
C ILE F 584 18.49 -43.58 23.27
N ASP F 585 19.68 -44.04 23.60
CA ASP F 585 20.88 -43.28 23.29
C ASP F 585 21.61 -43.85 22.09
N ALA F 586 22.79 -43.32 21.83
CA ALA F 586 23.57 -43.73 20.68
C ALA F 586 24.03 -45.19 20.71
N PRO F 587 24.58 -45.73 21.80
CA PRO F 587 25.03 -47.11 21.73
C PRO F 587 23.94 -48.10 21.44
N GLN F 588 22.72 -47.85 21.91
CA GLN F 588 21.65 -48.81 21.72
C GLN F 588 21.26 -48.92 20.25
N ILE F 589 21.27 -47.80 19.53
CA ILE F 589 20.90 -47.85 18.12
C ILE F 589 21.81 -48.78 17.36
N ASP F 590 23.11 -48.77 17.68
CA ASP F 590 24.01 -49.73 17.06
C ASP F 590 23.62 -51.15 17.41
N ASP F 591 23.23 -51.37 18.67
CA ASP F 591 22.81 -52.70 19.09
C ASP F 591 21.62 -53.18 18.28
N LEU F 592 20.62 -52.33 18.11
CA LEU F 592 19.47 -52.70 17.31
C LEU F 592 19.86 -52.96 15.87
N MET F 593 20.69 -52.10 15.31
CA MET F 593 20.93 -52.16 13.88
C MET F 593 21.76 -53.36 13.51
N ALA F 594 22.56 -53.87 14.45
CA ALA F 594 23.29 -55.09 14.21
C ALA F 594 22.45 -56.33 14.43
N ARG F 595 21.22 -56.18 14.90
CA ARG F 595 20.34 -57.29 15.28
C ARG F 595 20.96 -58.10 16.42
N ARG F 596 21.11 -57.44 17.56
CA ARG F 596 21.58 -58.09 18.79
C ARG F 596 20.59 -57.73 19.90
N ASP F 597 20.98 -58.01 21.15
CA ASP F 597 20.15 -57.62 22.28
C ASP F 597 20.49 -56.21 22.73
N VAL F 598 19.48 -55.49 23.19
CA VAL F 598 19.65 -54.11 23.60
C VAL F 598 20.14 -54.08 25.05
N ARG F 599 21.10 -53.20 25.33
CA ARG F 599 21.51 -52.87 26.69
C ARG F 599 20.72 -51.65 27.16
N PRO F 600 20.55 -51.46 28.46
CA PRO F 600 19.80 -50.31 28.96
C PRO F 600 20.63 -49.03 28.88
N PRO F 601 20.00 -47.87 28.93
CA PRO F 601 20.75 -46.62 28.83
C PRO F 601 21.59 -46.38 30.07
N ALA F 602 22.55 -45.46 29.94
CA ALA F 602 23.29 -45.02 31.11
C ALA F 602 22.33 -44.47 32.16
N GLY F 603 22.50 -44.91 33.39
CA GLY F 603 21.50 -44.62 34.41
C GLY F 603 20.49 -45.75 34.50
N TRP F 604 19.24 -45.37 34.73
CA TRP F 604 18.16 -46.32 34.88
C TRP F 604 18.44 -47.31 36.02
PG ANP G . -4.37 -12.69 30.27
O1G ANP G . -3.88 -14.04 29.89
O2G ANP G . -3.24 -11.60 30.30
O3G ANP G . -5.38 -12.29 29.14
PB ANP G . -5.06 -14.38 32.36
O1B ANP G . -6.46 -14.89 32.48
O2B ANP G . -4.20 -15.32 31.49
N3B ANP G . -5.09 -12.81 31.79
PA ANP G . -5.27 -13.16 34.47
O1A ANP G . -4.44 -11.96 34.39
O2A ANP G . -6.55 -13.10 33.64
O3A ANP G . -4.56 -14.32 33.80
O5' ANP G . -5.58 -13.57 35.95
C5' ANP G . -6.17 -14.86 36.28
C4' ANP G . -7.68 -14.83 36.28
O4' ANP G . -8.19 -16.04 35.71
C3' ANP G . -8.33 -14.78 37.65
O3' ANP G . -9.67 -14.29 37.53
C2' ANP G . -8.32 -16.25 38.06
O2' ANP G . -9.39 -16.57 38.95
C1' ANP G . -8.50 -16.98 36.72
N9 ANP G . -7.62 -18.12 36.56
C8 ANP G . -6.70 -18.29 35.56
N7 ANP G . -6.02 -19.40 35.64
C5 ANP G . -6.51 -20.01 36.77
C6 ANP G . -6.21 -21.23 37.40
N6 ANP G . -5.29 -22.08 36.95
N1 ANP G . -6.89 -21.55 38.52
C2 ANP G . -7.82 -20.69 38.97
N3 ANP G . -8.20 -19.52 38.46
C4 ANP G . -7.49 -19.22 37.36
ZN ZN H . -26.80 -27.33 8.72
MG MG I . -3.23 -10.53 31.98
PG ANP J . -27.23 4.15 18.36
O1G ANP J . -27.52 2.69 18.36
O2G ANP J . -26.01 4.53 19.29
O3G ANP J . -26.83 4.49 16.89
PB ANP J . -29.72 3.94 19.59
O1B ANP J . -31.07 4.17 19.04
O2B ANP J . -29.29 2.46 19.43
N3B ANP J . -28.62 4.97 18.84
PA ANP J . -30.29 5.79 21.20
O1A ANP J . -29.33 6.54 22.02
O2A ANP J . -30.41 6.18 19.73
O3A ANP J . -29.81 4.33 21.07
O5' ANP J . -31.70 5.78 21.89
C5' ANP J . -32.48 6.98 22.00
C4' ANP J . -33.66 6.93 21.04
O4' ANP J . -33.81 5.59 20.56
C3' ANP J . -34.99 7.27 21.67
O3' ANP J . -35.24 8.67 21.63
C2' ANP J . -35.99 6.53 20.78
O2' ANP J . -36.44 7.37 19.73
C1' ANP J . -35.17 5.37 20.21
N9 ANP J . -35.53 4.04 20.66
C8 ANP J . -34.70 2.96 20.64
N7 ANP J . -35.24 1.85 21.08
C5 ANP J . -36.54 2.23 21.39
C6 ANP J . -37.63 1.50 21.90
N6 ANP J . -37.59 0.21 22.20
N1 ANP J . -38.77 2.17 22.10
C2 ANP J . -38.83 3.47 21.80
N3 ANP J . -37.87 4.26 21.31
C4 ANP J . -36.73 3.56 21.14
ZN ZN K . -37.03 -0.95 -14.03
MG MG L . -28.24 5.32 20.69
PG ANP M . -20.73 26.02 -1.94
O1G ANP M . -21.03 24.93 -2.90
O2G ANP M . -20.20 25.43 -0.59
O3G ANP M . -19.62 26.93 -2.58
PB ANP M . -22.75 27.35 -3.15
O1B ANP M . -21.63 27.48 -4.11
O2B ANP M . -23.73 26.22 -3.56
N3B ANP M . -22.11 26.95 -1.66
PA ANP M . -23.10 29.64 -1.98
O1A ANP M . -24.11 29.73 -0.92
O2A ANP M . -21.76 29.07 -1.54
O3A ANP M . -23.52 28.67 -3.10
O5' ANP M . -22.96 31.05 -2.67
C5' ANP M . -24.08 31.76 -3.21
C4' ANP M . -23.62 32.54 -4.41
O4' ANP M . -24.06 31.89 -5.61
C3' ANP M . -24.12 33.97 -4.51
O3' ANP M . -23.20 34.78 -5.23
C2' ANP M . -25.45 33.80 -5.27
O2' ANP M . -25.73 34.94 -6.07
C1' ANP M . -25.17 32.58 -6.15
N9 ANP M . -26.28 31.64 -6.22
C8 ANP M . -26.22 30.30 -5.92
N7 ANP M . -27.35 29.67 -6.05
C5 ANP M . -28.24 30.67 -6.44
C6 ANP M . -29.61 30.65 -6.73
N6 ANP M . -30.36 29.55 -6.67
N1 ANP M . -30.19 31.80 -7.09
C2 ANP M . -29.44 32.91 -7.14
N3 ANP M . -28.13 33.04 -6.90
C4 ANP M . -27.59 31.89 -6.54
ZN ZN N . -12.36 15.99 -33.94
MG MG O . -20.15 24.51 0.97
PG ANP P . 7.95 30.07 -11.82
O1G ANP P . 7.11 29.53 -12.91
O2G ANP P . 7.69 29.33 -10.47
O3G ANP P . 9.47 29.94 -12.19
PB ANP P . 8.29 32.37 -13.09
O1B ANP P . 9.69 31.97 -13.28
O2B ANP P . 7.43 31.93 -14.29
N3B ANP P . 7.66 31.72 -11.69
PA ANP P . 9.48 34.27 -12.04
O1A ANP P . 9.12 35.34 -11.10
O2A ANP P . 9.84 32.94 -11.40
O3A ANP P . 8.31 33.89 -12.93
O5' ANP P . 10.61 34.78 -13.03
C5' ANP P . 11.36 35.99 -12.77
C4' ANP P . 12.32 36.24 -13.90
O4' ANP P . 11.89 35.50 -15.06
C3' ANP P . 12.40 37.68 -14.35
O3' ANP P . 13.39 38.39 -13.61
C2' ANP P . 12.80 37.57 -15.83
O2' ANP P . 14.20 37.64 -15.99
C1' ANP P . 12.25 36.20 -16.24
N9 ANP P . 11.08 36.22 -17.10
C8 ANP P . 10.01 35.37 -17.01
N7 ANP P . 9.08 35.60 -17.90
C5 ANP P . 9.57 36.67 -18.62
C6 ANP P . 9.04 37.39 -19.71
N6 ANP P . 7.87 37.12 -20.27
N1 ANP P . 9.76 38.40 -20.20
C2 ANP P . 10.94 38.69 -19.63
N3 ANP P . 11.55 38.08 -18.61
C4 ANP P . 10.79 37.08 -18.14
ZN ZN Q . 22.95 6.50 -31.21
MG MG R . 6.40 30.35 -9.00
PG ANP S . 30.17 13.03 0.85
O1G ANP S . 29.02 13.97 1.02
O2G ANP S . 29.91 11.73 1.70
O3G ANP S . 30.30 12.60 -0.65
PB ANP S . 32.47 14.19 -0.06
O1B ANP S . 31.97 13.45 -1.24
O2B ANP S . 32.29 15.71 -0.24
N3B ANP S . 31.62 13.76 1.31
PA ANP S . 34.43 15.05 1.17
O1A ANP S . 34.92 16.28 0.54
O2A ANP S . 33.17 15.31 1.99
O3A ANP S . 33.97 13.99 0.14
O5' ANP S . 35.62 14.40 1.99
C5' ANP S . 36.94 15.02 2.04
C4' ANP S . 37.97 13.93 2.02
O4' ANP S . 38.05 13.37 0.68
C3' ANP S . 39.40 14.36 2.38
O3' ANP S . 40.07 13.34 3.11
C2' ANP S . 40.06 14.57 1.02
O2' ANP S . 41.44 14.27 1.10
C1' ANP S . 39.35 13.52 0.16
N9 ANP S . 39.21 13.91 -1.23
C8 ANP S . 38.04 13.96 -1.94
N7 ANP S . 38.19 14.36 -3.19
C5 ANP S . 39.55 14.59 -3.30
C6 ANP S . 40.35 15.04 -4.36
N6 ANP S . 39.87 15.33 -5.57
N1 ANP S . 41.67 15.16 -4.14
C2 ANP S . 42.14 14.87 -2.93
N3 ANP S . 41.50 14.43 -1.85
C4 ANP S . 40.19 14.33 -2.10
ZN ZN T . 33.16 -19.85 -8.47
MG MG U . 12.59 27.59 6.27
PG ANP V . 23.81 -7.40 21.39
O1G ANP V . 23.80 -8.48 20.35
O2G ANP V . 23.69 -5.97 20.75
O3G ANP V . 22.60 -7.63 22.36
PB ANP V . 25.77 -9.07 22.02
O1B ANP V . 24.80 -9.98 22.67
O2B ANP V . 25.87 -9.29 20.49
N3B ANP V . 25.24 -7.51 22.24
PA ANP V . 26.84 -8.87 24.26
O1A ANP V . 27.72 -7.81 24.76
O2A ANP V . 25.37 -8.47 24.22
O3A ANP V . 27.09 -9.27 22.78
O5' ANP V . 27.04 -10.16 25.10
C5' ANP V . 27.54 -10.09 26.45
C4' ANP V . 27.54 -11.50 26.99
O4' ANP V . 28.16 -12.37 26.03
C3' ANP V . 28.26 -11.72 28.32
O3' ANP V . 27.46 -12.47 29.21
C2' ANP V . 29.52 -12.50 27.94
O2' ANP V . 29.85 -13.44 28.95
C1' ANP V . 29.09 -13.21 26.66
N9 ANP V . 30.18 -13.43 25.72
C8 ANP V . 30.27 -12.96 24.44
N7 ANP V . 31.36 -13.30 23.81
C5 ANP V . 32.05 -14.05 24.75
C6 ANP V . 33.28 -14.71 24.70
N6 ANP V . 34.09 -14.71 23.64
N1 ANP V . 33.69 -15.37 25.80
C2 ANP V . 32.89 -15.37 26.88
N3 ANP V . 31.71 -14.79 27.04
C4 ANP V . 31.34 -14.14 25.93
ZN ZN W . 8.87 -36.81 11.43
MG MG X . 26.07 -6.79 23.81
#